data_3C43
#
_entry.id   3C43
#
_cell.length_a   117.864
_cell.length_b   125.835
_cell.length_c   136.712
_cell.angle_alpha   90.00
_cell.angle_beta   90.00
_cell.angle_gamma   90.00
#
_symmetry.space_group_name_H-M   'P 21 21 21'
#
loop_
_entity.id
_entity.type
_entity.pdbx_description
1 polymer 'Dipeptidyl peptidase 4 soluble form'
2 branched 2-acetamido-2-deoxy-beta-D-glucopyranose-(1-4)-2-acetamido-2-deoxy-beta-D-glucopyranose
3 non-polymer 2-acetamido-2-deoxy-beta-D-glucopyranose
4 non-polymer (2S,3S)-4-cyclopropyl-3-{(3R,5R)-3-[2-fluoro-4-(methylsulfonyl)phenyl]-1,2,4-oxadiazolidin-5-yl}-1-[(3S)-3-fluoropyrrolidin-1-yl]-1-oxobutan-2-amine
5 water water
#
_entity_poly.entity_id   1
_entity_poly.type   'polypeptide(L)'
_entity_poly.pdbx_seq_one_letter_code
;TRKTYTLTDYLKNTYRLKLYSLRWISDHEYLYKQENNILVFNAEYGNSSVFLENSTFDEFGHSINDYSISPDGQFILLEY
NYVKQWRHSYTASYDIYDLNKRQLITEERIPNNTQWVTWSPVGHKLAYVWNNDIYVKIEPNLPSYRITWTGKEDIIYNGI
TDWVYEEEVFSAYSALWWSPNGTFLAYAQFNDTEVPLIEYSFYSDESLQYPKTVRVPYPKAGAVNPTVKFFVVNTDSLSS
VTNATSIQITAPASMLIGDHYLCDVTWATQERISLQWLRRIQNYSVMDICDYDESSGRWNCLVARQHIEMSTTGWVGRFR
PSEPHFTLDGNSFYKIISNEEGYRHICYFQIDKKDCTFITKGTWEVIGIEALTSDYLYYISNEYKGMPGGRNLYKIQLSD
YTKVTCLSCELNPERCQYYSVSFSKEAKYYQLRCSGPGLPLYTLHSSVNDKGLRVLEDNSALDKMLQNVQMPSKKLDFII
LNETKFWYQMILPPHFDKSKKYPLLLDVYAGPCSQKADTVFRLNWATYLASTENIIVASFDGRGSGYQGDKIMHAINRRL
GTFEVEDQIEAARQFSKMGFVDNKRIAIWGWSYGGYVTSMVLGSGSGVFKCGIAVAPVSRWEYYDSVYTERYMGLPTPED
NLDHYRNSTVMSRAENFKQVEYLLIHGTADDNVHFQQSAQISKALVDVGVDFQAMWYTDEDHGIASSTAHQHIYTHMSHF
IKQCFSLP
;
_entity_poly.pdbx_strand_id   A,B
#
loop_
_chem_comp.id
_chem_comp.type
_chem_comp.name
_chem_comp.formula
315 non-polymer (2S,3S)-4-cyclopropyl-3-{(3R,5R)-3-[2-fluoro-4-(methylsulfonyl)phenyl]-1,2,4-oxadiazolidin-5-yl}-1-[(3S)-3-fluoropyrrolidin-1-yl]-1-oxobutan-2-amine 'C20 H28 F2 N4 O4 S'
NAG D-saccharide, beta linking 2-acetamido-2-deoxy-beta-D-glucopyranose 'C8 H15 N O6'
#
# COMPACT_ATOMS: atom_id res chain seq x y z
N THR A 1 -22.77 23.85 -33.18
CA THR A 1 -23.36 25.06 -32.54
C THR A 1 -22.90 25.22 -31.08
N ARG A 2 -21.74 25.86 -30.91
CA ARG A 2 -21.16 26.08 -29.59
C ARG A 2 -20.94 24.78 -28.82
N LYS A 3 -19.69 24.45 -28.58
CA LYS A 3 -19.41 23.24 -27.84
C LYS A 3 -19.62 23.55 -26.36
N THR A 4 -19.28 22.59 -25.52
CA THR A 4 -19.42 22.76 -24.08
C THR A 4 -18.04 22.64 -23.47
N TYR A 5 -17.92 22.93 -22.18
CA TYR A 5 -16.65 22.82 -21.48
C TYR A 5 -16.53 21.33 -21.17
N THR A 6 -15.62 20.68 -21.88
CA THR A 6 -15.43 19.24 -21.76
C THR A 6 -14.41 18.79 -20.72
N LEU A 7 -14.33 17.48 -20.50
CA LEU A 7 -13.38 16.95 -19.54
C LEU A 7 -11.98 17.22 -20.05
N THR A 8 -11.76 17.06 -21.36
CA THR A 8 -10.44 17.32 -21.93
C THR A 8 -10.08 18.80 -21.73
N ASP A 9 -11.06 19.68 -21.91
CA ASP A 9 -10.80 21.10 -21.73
C ASP A 9 -10.24 21.35 -20.33
N TYR A 10 -10.88 20.75 -19.33
CA TYR A 10 -10.41 20.92 -17.98
C TYR A 10 -9.02 20.30 -17.80
N LEU A 11 -8.85 19.07 -18.26
CA LEU A 11 -7.57 18.37 -18.10
C LEU A 11 -6.38 18.92 -18.90
N LYS A 12 -6.65 19.56 -20.04
CA LYS A 12 -5.57 20.11 -20.86
C LYS A 12 -5.44 21.62 -20.71
N ASN A 13 -6.24 22.20 -19.81
CA ASN A 13 -6.21 23.64 -19.55
C ASN A 13 -6.36 24.47 -20.82
N THR A 14 -7.24 24.05 -21.73
CA THR A 14 -7.42 24.80 -22.96
C THR A 14 -7.88 26.22 -22.67
N TYR A 15 -8.62 26.41 -21.58
CA TYR A 15 -9.07 27.75 -21.21
C TYR A 15 -8.31 28.24 -19.98
N ARG A 16 -7.26 29.00 -20.24
CA ARG A 16 -6.38 29.50 -19.20
C ARG A 16 -6.72 30.88 -18.65
N LEU A 17 -6.78 30.97 -17.32
CA LEU A 17 -7.04 32.24 -16.67
C LEU A 17 -5.71 33.00 -16.62
N LYS A 18 -5.74 34.27 -17.03
CA LYS A 18 -4.53 35.06 -16.99
C LYS A 18 -4.42 35.69 -15.62
N LEU A 19 -3.18 35.80 -15.14
CA LEU A 19 -2.86 36.36 -13.85
C LEU A 19 -1.91 37.54 -14.02
N TYR A 20 -1.55 38.14 -12.91
CA TYR A 20 -0.62 39.25 -12.94
C TYR A 20 0.07 39.28 -11.59
N SER A 21 1.03 38.38 -11.40
CA SER A 21 1.78 38.28 -10.17
C SER A 21 2.94 39.24 -10.20
N LEU A 22 2.89 40.26 -9.35
CA LEU A 22 3.96 41.23 -9.32
C LEU A 22 4.67 41.16 -7.96
N ARG A 23 5.83 41.80 -7.86
CA ARG A 23 6.59 41.81 -6.61
C ARG A 23 7.01 43.23 -6.27
N TRP A 24 6.49 43.75 -5.16
CA TRP A 24 6.86 45.11 -4.73
C TRP A 24 8.29 45.11 -4.21
N ILE A 25 9.12 46.02 -4.70
CA ILE A 25 10.52 46.12 -4.27
C ILE A 25 10.81 47.44 -3.55
N SER A 26 9.82 48.34 -3.57
CA SER A 26 9.93 49.64 -2.91
C SER A 26 8.52 50.17 -2.76
N ASP A 27 8.38 51.42 -2.35
CA ASP A 27 7.07 51.99 -2.18
C ASP A 27 6.45 52.46 -3.49
N HIS A 28 7.16 52.31 -4.60
CA HIS A 28 6.61 52.74 -5.87
C HIS A 28 7.01 51.94 -7.10
N GLU A 29 7.66 50.80 -6.91
CA GLU A 29 8.04 49.98 -8.06
C GLU A 29 7.85 48.50 -7.79
N TYR A 30 7.54 47.75 -8.85
CA TYR A 30 7.39 46.31 -8.73
C TYR A 30 8.00 45.59 -9.91
N LEU A 31 8.28 44.30 -9.70
CA LEU A 31 8.86 43.44 -10.72
C LEU A 31 7.78 42.55 -11.29
N TYR A 32 7.79 42.39 -12.60
CA TYR A 32 6.80 41.55 -13.27
C TYR A 32 7.56 40.76 -14.32
N LYS A 33 7.39 39.44 -14.32
CA LYS A 33 8.07 38.60 -15.29
C LYS A 33 7.26 38.54 -16.61
N GLN A 34 7.87 39.02 -17.70
CA GLN A 34 7.22 39.03 -19.00
C GLN A 34 8.11 38.39 -20.07
N GLU A 35 7.57 37.36 -20.74
CA GLU A 35 8.33 36.64 -21.78
C GLU A 35 9.67 36.18 -21.21
N ASN A 36 9.64 35.79 -19.92
CA ASN A 36 10.83 35.31 -19.20
C ASN A 36 11.82 36.43 -18.84
N ASN A 37 11.38 37.67 -19.04
CA ASN A 37 12.18 38.85 -18.73
C ASN A 37 11.64 39.49 -17.46
N ILE A 38 12.55 39.94 -16.61
CA ILE A 38 12.12 40.59 -15.39
C ILE A 38 12.12 42.08 -15.67
N LEU A 39 10.93 42.66 -15.66
CA LEU A 39 10.80 44.08 -15.91
C LEU A 39 10.51 44.79 -14.58
N VAL A 40 10.82 46.08 -14.52
CA VAL A 40 10.56 46.87 -13.32
C VAL A 40 9.55 47.92 -13.74
N PHE A 41 8.50 48.08 -12.95
CA PHE A 41 7.46 49.02 -13.29
C PHE A 41 7.35 50.15 -12.28
N ASN A 42 7.04 51.33 -12.81
CA ASN A 42 6.83 52.49 -12.00
C ASN A 42 5.32 52.48 -11.83
N ALA A 43 4.85 52.43 -10.58
CA ALA A 43 3.42 52.37 -10.30
C ALA A 43 2.64 53.62 -10.67
N GLU A 44 3.26 54.77 -10.49
CA GLU A 44 2.60 56.03 -10.78
C GLU A 44 2.25 56.23 -12.26
N TYR A 45 3.21 55.94 -13.14
CA TYR A 45 2.98 56.14 -14.57
C TYR A 45 2.74 54.88 -15.40
N GLY A 46 3.24 53.74 -14.93
CA GLY A 46 3.03 52.51 -15.66
C GLY A 46 4.17 52.18 -16.60
N ASN A 47 5.17 53.07 -16.66
CA ASN A 47 6.32 52.82 -17.54
C ASN A 47 7.22 51.78 -16.90
N SER A 48 7.92 51.03 -17.74
CA SER A 48 8.81 49.99 -17.26
C SER A 48 10.13 49.97 -18.01
N SER A 49 11.05 49.15 -17.51
CA SER A 49 12.38 48.96 -18.09
C SER A 49 12.72 47.50 -17.87
N VAL A 50 13.65 46.98 -18.67
CA VAL A 50 14.04 45.59 -18.51
C VAL A 50 15.01 45.57 -17.34
N PHE A 51 14.75 44.69 -16.38
CA PHE A 51 15.61 44.59 -15.22
C PHE A 51 16.64 43.46 -15.43
N LEU A 52 16.21 42.37 -16.04
CA LEU A 52 17.10 41.24 -16.31
C LEU A 52 16.69 40.55 -17.59
N GLU A 53 17.66 40.37 -18.49
CA GLU A 53 17.42 39.73 -19.78
C GLU A 53 17.12 38.25 -19.65
N ASN A 54 16.13 37.82 -20.41
CA ASN A 54 15.72 36.42 -20.43
C ASN A 54 16.82 35.58 -21.05
N SER A 55 17.83 36.24 -21.63
CA SER A 55 18.95 35.54 -22.25
C SER A 55 20.24 35.71 -21.46
N THR A 56 20.16 36.34 -20.30
CA THR A 56 21.35 36.58 -19.48
C THR A 56 21.99 35.27 -19.04
N PHE A 57 21.17 34.27 -18.76
CA PHE A 57 21.68 32.98 -18.33
C PHE A 57 21.49 31.92 -19.43
N ASP A 58 21.43 32.41 -20.67
CA ASP A 58 21.23 31.58 -21.86
C ASP A 58 22.12 30.34 -21.87
N GLU A 59 23.26 30.39 -21.17
CA GLU A 59 24.17 29.24 -21.13
C GLU A 59 24.55 28.89 -19.70
N PHE A 60 23.56 28.95 -18.81
CA PHE A 60 23.76 28.66 -17.40
C PHE A 60 23.96 27.17 -17.15
N GLY A 61 23.47 26.34 -18.05
CA GLY A 61 23.62 24.89 -17.92
C GLY A 61 22.73 24.25 -16.88
N HIS A 62 21.69 24.97 -16.48
CA HIS A 62 20.76 24.49 -15.48
C HIS A 62 19.38 25.10 -15.65
N SER A 63 18.35 24.33 -15.35
CA SER A 63 17.00 24.87 -15.44
C SER A 63 16.74 25.67 -14.18
N ILE A 64 16.54 26.97 -14.34
CA ILE A 64 16.27 27.85 -13.21
C ILE A 64 14.81 27.68 -12.78
N ASN A 65 14.61 27.25 -11.55
CA ASN A 65 13.26 27.05 -11.02
C ASN A 65 12.62 28.37 -10.65
N ASP A 66 13.37 29.19 -9.91
CA ASP A 66 12.86 30.48 -9.49
C ASP A 66 14.04 31.44 -9.30
N TYR A 67 13.70 32.69 -9.02
CA TYR A 67 14.72 33.71 -8.81
C TYR A 67 14.31 34.55 -7.63
N SER A 68 15.25 35.30 -7.09
CA SER A 68 14.96 36.16 -5.95
C SER A 68 15.99 37.28 -5.90
N ILE A 69 15.55 38.50 -6.19
CA ILE A 69 16.45 39.65 -6.15
C ILE A 69 16.58 40.18 -4.73
N SER A 70 17.81 40.50 -4.35
CA SER A 70 18.04 41.02 -3.01
C SER A 70 17.25 42.32 -2.89
N PRO A 71 16.93 42.73 -1.66
CA PRO A 71 16.17 43.97 -1.50
C PRO A 71 16.83 45.17 -2.18
N ASP A 72 18.16 45.24 -2.14
CA ASP A 72 18.85 46.38 -2.76
C ASP A 72 19.04 46.28 -4.27
N GLY A 73 18.48 45.25 -4.88
CA GLY A 73 18.58 45.08 -6.32
C GLY A 73 19.97 44.76 -6.84
N GLN A 74 20.91 44.57 -5.93
CA GLN A 74 22.29 44.30 -6.30
C GLN A 74 22.60 42.86 -6.70
N PHE A 75 21.86 41.92 -6.15
CA PHE A 75 22.10 40.53 -6.44
C PHE A 75 20.84 39.77 -6.79
N ILE A 76 21.02 38.59 -7.36
CA ILE A 76 19.87 37.77 -7.67
C ILE A 76 20.23 36.32 -7.37
N LEU A 77 19.36 35.69 -6.61
CA LEU A 77 19.56 34.31 -6.23
C LEU A 77 18.85 33.48 -7.29
N LEU A 78 19.57 32.51 -7.84
CA LEU A 78 19.03 31.63 -8.87
C LEU A 78 18.79 30.25 -8.25
N GLU A 79 17.56 29.76 -8.35
CA GLU A 79 17.21 28.46 -7.78
C GLU A 79 17.10 27.38 -8.87
N TYR A 80 17.78 26.26 -8.69
CA TYR A 80 17.71 25.16 -9.63
C TYR A 80 17.87 23.83 -8.89
N ASN A 81 17.68 22.71 -9.59
CA ASN A 81 17.76 21.38 -9.00
C ASN A 81 16.68 21.23 -7.94
N TYR A 82 15.53 21.84 -8.21
CA TYR A 82 14.43 21.79 -7.29
C TYR A 82 13.93 20.36 -7.05
N VAL A 83 13.81 19.98 -5.79
CA VAL A 83 13.27 18.67 -5.45
C VAL A 83 12.25 18.92 -4.34
N LYS A 84 10.98 18.67 -4.65
CA LYS A 84 9.91 18.88 -3.70
C LYS A 84 9.93 17.90 -2.54
N GLN A 85 9.49 18.38 -1.37
CA GLN A 85 9.34 17.49 -0.23
C GLN A 85 7.84 17.49 0.13
N TRP A 86 7.43 18.20 1.20
CA TRP A 86 6.03 18.24 1.59
C TRP A 86 5.25 19.36 0.93
N ARG A 87 4.27 19.91 1.63
CA ARG A 87 3.46 20.97 1.07
C ARG A 87 4.25 22.24 0.76
N HIS A 88 5.20 22.60 1.61
CA HIS A 88 5.98 23.81 1.34
C HIS A 88 7.48 23.54 1.21
N SER A 89 7.98 22.57 1.96
CA SER A 89 9.40 22.24 1.96
C SER A 89 9.92 21.66 0.66
N TYR A 90 11.22 21.85 0.44
CA TYR A 90 11.91 21.34 -0.73
C TYR A 90 13.39 21.69 -0.61
N THR A 91 14.22 21.03 -1.41
CA THR A 91 15.64 21.35 -1.41
C THR A 91 16.00 21.76 -2.84
N ALA A 92 17.02 22.59 -2.97
CA ALA A 92 17.46 23.05 -4.28
C ALA A 92 18.90 23.53 -4.23
N SER A 93 19.42 23.88 -5.39
CA SER A 93 20.78 24.38 -5.50
C SER A 93 20.64 25.85 -5.86
N TYR A 94 21.54 26.68 -5.36
CA TYR A 94 21.51 28.10 -5.62
C TYR A 94 22.84 28.66 -6.12
N ASP A 95 22.76 29.73 -6.89
CA ASP A 95 23.94 30.41 -7.42
C ASP A 95 23.57 31.89 -7.29
N ILE A 96 24.55 32.75 -7.05
CA ILE A 96 24.27 34.16 -6.93
C ILE A 96 24.95 34.92 -8.06
N TYR A 97 24.18 35.76 -8.73
CA TYR A 97 24.66 36.54 -9.83
C TYR A 97 24.80 38.00 -9.42
N ASP A 98 25.95 38.60 -9.70
CA ASP A 98 26.19 39.98 -9.35
C ASP A 98 25.64 40.88 -10.46
N LEU A 99 24.56 41.59 -10.15
CA LEU A 99 23.90 42.46 -11.11
C LEU A 99 24.73 43.65 -11.53
N ASN A 100 25.44 44.24 -10.58
CA ASN A 100 26.25 45.41 -10.88
C ASN A 100 27.38 45.06 -11.84
N LYS A 101 28.11 43.99 -11.53
CA LYS A 101 29.22 43.56 -12.35
C LYS A 101 28.85 42.43 -13.31
N ARG A 102 27.56 42.24 -13.55
CA ARG A 102 27.09 41.20 -14.44
C ARG A 102 27.97 39.94 -14.38
N GLN A 103 28.19 39.41 -13.18
CA GLN A 103 29.03 38.21 -13.02
C GLN A 103 28.40 37.20 -12.07
N LEU A 104 28.67 35.92 -12.32
CA LEU A 104 28.14 34.83 -11.50
C LEU A 104 29.18 34.44 -10.45
N ILE A 105 28.94 34.85 -9.20
CA ILE A 105 29.82 34.54 -8.09
C ILE A 105 30.16 33.07 -8.06
N THR A 106 31.46 32.75 -7.94
CA THR A 106 31.89 31.35 -7.91
C THR A 106 32.65 30.96 -6.66
N GLU A 107 32.86 31.91 -5.77
CA GLU A 107 33.57 31.66 -4.53
C GLU A 107 32.56 31.51 -3.37
N GLU A 108 32.86 30.66 -2.41
CA GLU A 108 31.99 30.44 -1.26
C GLU A 108 30.50 30.37 -1.65
N ARG A 109 30.16 29.53 -2.62
CA ARG A 109 28.78 29.41 -3.07
C ARG A 109 27.91 28.57 -2.13
N ILE A 110 26.62 28.89 -2.09
CA ILE A 110 25.67 28.17 -1.26
C ILE A 110 25.76 26.66 -1.57
N PRO A 111 25.75 25.80 -0.53
CA PRO A 111 25.84 24.36 -0.76
C PRO A 111 24.67 23.80 -1.56
N ASN A 112 24.87 22.62 -2.13
CA ASN A 112 23.81 21.94 -2.84
C ASN A 112 22.96 21.25 -1.78
N ASN A 113 21.71 20.94 -2.12
CA ASN A 113 20.82 20.31 -1.16
C ASN A 113 20.49 21.27 -0.01
N THR A 114 20.41 22.56 -0.32
CA THR A 114 20.06 23.55 0.69
C THR A 114 18.56 23.48 0.94
N GLN A 115 18.17 23.50 2.20
CA GLN A 115 16.78 23.39 2.61
C GLN A 115 15.96 24.67 2.58
N TRP A 116 16.62 25.79 2.87
CA TRP A 116 15.96 27.07 2.88
C TRP A 116 16.97 28.18 2.71
N VAL A 117 16.54 29.26 2.08
CA VAL A 117 17.40 30.41 1.89
C VAL A 117 16.54 31.64 1.78
N THR A 118 17.06 32.75 2.30
CA THR A 118 16.36 34.02 2.30
C THR A 118 17.29 35.21 2.45
N TRP A 119 16.96 36.29 1.76
CA TRP A 119 17.73 37.52 1.82
C TRP A 119 17.32 38.22 3.11
N SER A 120 18.19 39.09 3.65
CA SER A 120 17.82 39.85 4.85
C SER A 120 16.73 40.77 4.32
N PRO A 121 15.91 41.35 5.19
CA PRO A 121 14.84 42.23 4.67
C PRO A 121 15.32 43.51 3.96
N VAL A 122 16.51 43.98 4.32
CA VAL A 122 17.11 45.15 3.70
C VAL A 122 18.53 44.73 3.30
N GLY A 123 19.10 45.41 2.32
CA GLY A 123 20.44 45.09 1.88
C GLY A 123 20.60 43.79 1.09
N HIS A 124 21.61 43.00 1.43
CA HIS A 124 21.87 41.75 0.73
C HIS A 124 22.57 40.65 1.55
N LYS A 125 22.22 40.52 2.82
CA LYS A 125 22.77 39.45 3.63
C LYS A 125 21.96 38.20 3.27
N LEU A 126 22.48 37.04 3.63
CA LEU A 126 21.82 35.76 3.37
C LEU A 126 21.84 34.91 4.62
N ALA A 127 20.86 34.03 4.70
CA ALA A 127 20.71 33.09 5.79
C ALA A 127 20.14 31.87 5.07
N TYR A 128 20.80 30.73 5.22
CA TYR A 128 20.30 29.53 4.59
C TYR A 128 20.47 28.41 5.57
N VAL A 129 19.71 27.34 5.35
CA VAL A 129 19.74 26.18 6.20
C VAL A 129 20.23 25.03 5.36
N TRP A 130 21.16 24.27 5.89
CA TRP A 130 21.74 23.13 5.18
C TRP A 130 21.98 22.04 6.21
N ASN A 131 21.60 20.81 5.88
CA ASN A 131 21.75 19.70 6.80
C ASN A 131 21.22 20.02 8.19
N ASN A 132 20.08 20.71 8.25
CA ASN A 132 19.44 21.10 9.51
C ASN A 132 20.18 22.13 10.36
N ASP A 133 21.12 22.86 9.77
CA ASP A 133 21.86 23.88 10.51
C ASP A 133 21.79 25.23 9.83
N ILE A 134 21.87 26.30 10.61
CA ILE A 134 21.77 27.65 10.04
C ILE A 134 23.12 28.28 9.75
N TYR A 135 23.22 28.93 8.58
CA TYR A 135 24.41 29.64 8.13
C TYR A 135 24.03 31.05 7.71
N VAL A 136 24.95 31.99 7.87
CA VAL A 136 24.73 33.39 7.50
C VAL A 136 25.89 33.92 6.66
N LYS A 137 25.57 34.59 5.55
CA LYS A 137 26.58 35.20 4.69
C LYS A 137 26.37 36.71 4.61
N ILE A 138 27.30 37.47 5.18
CA ILE A 138 27.20 38.94 5.17
C ILE A 138 27.35 39.45 3.76
N GLU A 139 28.13 38.74 2.96
CA GLU A 139 28.36 39.12 1.58
C GLU A 139 28.22 37.88 0.71
N PRO A 140 27.63 38.02 -0.48
CA PRO A 140 27.45 36.87 -1.37
C PRO A 140 28.73 36.10 -1.72
N ASN A 141 29.85 36.80 -1.85
CA ASN A 141 31.11 36.14 -2.20
C ASN A 141 32.02 35.81 -1.01
N LEU A 142 31.53 35.96 0.21
CA LEU A 142 32.36 35.67 1.37
C LEU A 142 31.94 34.39 2.11
N PRO A 143 32.88 33.79 2.87
CA PRO A 143 32.54 32.56 3.61
C PRO A 143 31.41 32.80 4.59
N SER A 144 30.60 31.76 4.80
CA SER A 144 29.48 31.89 5.70
C SER A 144 29.82 31.51 7.13
N TYR A 145 29.04 32.06 8.06
CA TYR A 145 29.19 31.79 9.48
C TYR A 145 28.22 30.68 9.91
N ARG A 146 28.72 29.68 10.62
CA ARG A 146 27.89 28.60 11.11
C ARG A 146 27.22 29.09 12.39
N ILE A 147 25.89 29.11 12.43
CA ILE A 147 25.20 29.57 13.62
C ILE A 147 24.87 28.43 14.57
N THR A 148 24.48 27.29 14.02
CA THR A 148 24.11 26.11 14.82
C THR A 148 24.92 24.91 14.42
N TRP A 149 25.12 23.99 15.35
CA TRP A 149 25.91 22.79 15.09
C TRP A 149 25.18 21.55 15.58
N THR A 150 23.94 21.70 16.03
CA THR A 150 23.16 20.58 16.53
C THR A 150 22.33 19.87 15.46
N GLY A 151 22.26 20.46 14.28
CA GLY A 151 21.49 19.87 13.18
C GLY A 151 21.62 18.36 13.02
N LYS A 152 20.48 17.66 12.91
CA LYS A 152 20.48 16.21 12.76
C LYS A 152 19.21 15.74 12.07
N GLU A 153 19.37 15.13 10.90
CA GLU A 153 18.26 14.64 10.10
C GLU A 153 17.22 13.88 10.91
N ASP A 154 15.95 14.26 10.74
CA ASP A 154 14.82 13.63 11.41
C ASP A 154 14.85 13.78 12.94
N ILE A 155 15.78 14.56 13.47
CA ILE A 155 15.87 14.71 14.92
C ILE A 155 15.86 16.16 15.42
N ILE A 156 16.87 16.93 15.02
CA ILE A 156 16.99 18.33 15.41
C ILE A 156 16.91 19.23 14.20
N TYR A 157 15.97 20.17 14.22
CA TYR A 157 15.80 21.10 13.09
C TYR A 157 16.10 22.54 13.54
N ASN A 158 17.05 23.19 12.88
CA ASN A 158 17.35 24.57 13.23
C ASN A 158 16.94 25.46 12.08
N GLY A 159 16.08 26.44 12.33
CA GLY A 159 15.71 27.33 11.24
C GLY A 159 14.73 26.77 10.23
N ILE A 160 14.39 25.50 10.35
CA ILE A 160 13.39 24.88 9.47
C ILE A 160 12.44 24.11 10.36
N THR A 161 11.21 23.89 9.89
CA THR A 161 10.21 23.18 10.67
C THR A 161 10.20 21.69 10.36
N ASP A 162 9.64 20.89 11.28
CA ASP A 162 9.51 19.45 11.09
C ASP A 162 8.18 19.25 10.34
N TRP A 163 7.79 18.01 10.09
CA TRP A 163 6.57 17.77 9.33
C TRP A 163 5.32 18.48 9.84
N VAL A 164 5.02 18.32 11.13
CA VAL A 164 3.81 18.93 11.69
C VAL A 164 3.82 20.47 11.78
N TYR A 165 4.95 21.04 12.13
CA TYR A 165 5.04 22.49 12.22
C TYR A 165 4.91 23.11 10.82
N GLU A 166 5.45 22.42 9.82
CA GLU A 166 5.37 22.93 8.46
C GLU A 166 3.91 22.98 7.96
N GLU A 167 3.21 21.88 8.18
CA GLU A 167 1.85 21.70 7.72
C GLU A 167 0.78 22.41 8.57
N GLU A 168 0.84 22.25 9.89
CA GLU A 168 -0.19 22.80 10.77
C GLU A 168 0.04 24.09 11.53
N VAL A 169 1.28 24.57 11.59
CA VAL A 169 1.52 25.79 12.36
C VAL A 169 1.95 26.97 11.51
N PHE A 170 3.11 26.84 10.87
CA PHE A 170 3.65 27.93 10.07
C PHE A 170 3.32 27.96 8.59
N SER A 171 2.71 26.90 8.06
CA SER A 171 2.41 26.86 6.62
C SER A 171 3.66 27.29 5.85
N ALA A 172 4.81 26.82 6.33
CA ALA A 172 6.09 27.16 5.72
C ALA A 172 7.18 26.24 6.28
N TYR A 173 8.22 26.00 5.48
CA TYR A 173 9.33 25.16 5.90
C TYR A 173 10.24 26.02 6.75
N SER A 174 10.22 27.31 6.44
CA SER A 174 11.06 28.29 7.10
C SER A 174 10.75 28.47 8.57
N ALA A 175 11.80 28.59 9.38
CA ALA A 175 11.65 28.81 10.81
C ALA A 175 12.70 29.82 11.24
N LEU A 176 12.88 30.85 10.44
CA LEU A 176 13.81 31.91 10.80
C LEU A 176 13.22 33.27 10.43
N TRP A 177 13.48 34.26 11.29
CA TRP A 177 12.89 35.58 11.06
C TRP A 177 13.89 36.71 11.27
N TRP A 178 14.23 37.36 10.16
CA TRP A 178 15.14 38.50 10.14
C TRP A 178 14.48 39.68 10.83
N SER A 179 15.27 40.47 11.57
CA SER A 179 14.73 41.67 12.20
C SER A 179 14.51 42.65 11.05
N PRO A 180 13.70 43.70 11.28
CA PRO A 180 13.42 44.67 10.22
C PRO A 180 14.57 45.19 9.37
N ASN A 181 15.70 45.55 9.97
CA ASN A 181 16.84 46.04 9.18
C ASN A 181 17.95 44.98 8.98
N GLY A 182 17.69 43.74 9.40
CA GLY A 182 18.68 42.68 9.22
C GLY A 182 19.74 42.51 10.30
N THR A 183 19.67 43.28 11.38
CA THR A 183 20.68 43.10 12.40
C THR A 183 20.53 41.76 13.10
N PHE A 184 19.32 41.46 13.54
CA PHE A 184 19.06 40.22 14.24
C PHE A 184 18.42 39.15 13.34
N LEU A 185 18.71 37.90 13.66
CA LEU A 185 18.14 36.79 12.93
C LEU A 185 17.61 35.90 14.03
N ALA A 186 16.29 35.79 14.10
CA ALA A 186 15.66 34.94 15.10
C ALA A 186 15.36 33.58 14.45
N TYR A 187 15.39 32.52 15.25
CA TYR A 187 15.10 31.20 14.71
C TYR A 187 14.60 30.24 15.78
N ALA A 188 13.83 29.25 15.34
CA ALA A 188 13.29 28.25 16.23
C ALA A 188 14.04 26.95 15.99
N GLN A 189 14.05 26.11 17.01
CA GLN A 189 14.70 24.83 16.92
C GLN A 189 13.70 23.77 17.37
N PHE A 190 13.48 22.78 16.51
CA PHE A 190 12.55 21.70 16.85
C PHE A 190 13.31 20.43 17.17
N ASN A 191 12.84 19.71 18.17
CA ASN A 191 13.43 18.45 18.60
C ASN A 191 12.34 17.37 18.48
N ASP A 192 12.52 16.42 17.55
CA ASP A 192 11.55 15.34 17.32
C ASP A 192 12.05 13.98 17.79
N THR A 193 13.01 14.00 18.69
CA THR A 193 13.60 12.77 19.20
C THR A 193 12.63 11.66 19.54
N GLU A 194 11.59 11.97 20.29
CA GLU A 194 10.66 10.92 20.69
C GLU A 194 9.37 10.86 19.87
N VAL A 195 9.33 11.60 18.77
CA VAL A 195 8.16 11.62 17.92
C VAL A 195 8.17 10.35 17.08
N PRO A 196 7.07 9.56 17.12
CA PRO A 196 7.07 8.33 16.32
C PRO A 196 7.14 8.66 14.84
N LEU A 197 7.54 7.68 14.04
CA LEU A 197 7.68 7.86 12.61
C LEU A 197 6.56 7.17 11.86
N ILE A 198 6.04 7.83 10.81
CA ILE A 198 5.04 7.17 9.99
C ILE A 198 5.91 6.47 8.93
N GLU A 199 5.59 5.24 8.59
CA GLU A 199 6.39 4.52 7.61
C GLU A 199 5.51 4.01 6.46
N TYR A 200 5.97 4.16 5.23
CA TYR A 200 5.24 3.64 4.08
C TYR A 200 6.21 3.36 2.94
N SER A 201 5.79 2.53 1.98
CA SER A 201 6.62 2.21 0.85
C SER A 201 6.53 3.21 -0.28
N PHE A 202 7.64 3.40 -0.96
CA PHE A 202 7.68 4.26 -2.13
C PHE A 202 8.28 3.30 -3.16
N TYR A 203 7.61 3.14 -4.29
CA TYR A 203 8.08 2.19 -5.29
C TYR A 203 9.06 2.75 -6.30
N SER A 204 8.95 4.05 -6.58
CA SER A 204 9.85 4.68 -7.51
C SER A 204 9.71 4.13 -8.93
N ASP A 205 10.74 4.34 -9.75
CA ASP A 205 10.71 3.86 -11.12
C ASP A 205 10.82 2.35 -11.12
N GLU A 206 10.27 1.79 -12.19
CA GLU A 206 10.24 0.37 -12.43
C GLU A 206 11.61 -0.27 -12.17
N SER A 207 12.67 0.47 -12.48
CA SER A 207 14.01 -0.05 -12.33
C SER A 207 14.45 -0.33 -10.90
N LEU A 208 13.78 0.25 -9.90
CA LEU A 208 14.16 -0.01 -8.51
C LEU A 208 13.64 -1.38 -8.13
N GLN A 209 14.57 -2.29 -7.84
CA GLN A 209 14.24 -3.67 -7.50
C GLN A 209 13.51 -3.84 -6.16
N TYR A 210 13.98 -3.10 -5.16
CA TYR A 210 13.37 -3.14 -3.85
C TYR A 210 12.70 -1.82 -3.47
N PRO A 211 11.41 -1.88 -3.07
CA PRO A 211 10.69 -0.65 -2.68
C PRO A 211 11.44 0.01 -1.52
N LYS A 212 11.48 1.34 -1.50
CA LYS A 212 12.14 1.99 -0.38
C LYS A 212 11.05 2.30 0.64
N THR A 213 11.45 2.40 1.91
CA THR A 213 10.51 2.73 2.96
C THR A 213 10.77 4.16 3.40
N VAL A 214 9.76 5.01 3.33
CA VAL A 214 9.89 6.40 3.74
C VAL A 214 9.48 6.46 5.21
N ARG A 215 10.21 7.23 6.00
CA ARG A 215 9.83 7.38 7.39
C ARG A 215 9.98 8.82 7.82
N VAL A 216 8.92 9.39 8.36
CA VAL A 216 8.96 10.77 8.78
C VAL A 216 8.34 11.00 10.15
N PRO A 217 9.06 11.73 11.02
CA PRO A 217 8.55 12.01 12.37
C PRO A 217 7.19 12.64 12.14
N TYR A 218 6.15 11.99 12.63
CA TYR A 218 4.80 12.45 12.43
C TYR A 218 4.01 12.05 13.66
N PRO A 219 3.65 13.02 14.50
CA PRO A 219 2.88 12.77 15.71
C PRO A 219 1.39 12.64 15.43
N LYS A 220 0.85 11.44 15.66
CA LYS A 220 -0.59 11.24 15.47
C LYS A 220 -1.28 11.72 16.77
N ALA A 221 -2.60 11.86 16.74
CA ALA A 221 -3.32 12.35 17.90
C ALA A 221 -2.94 11.61 19.18
N GLY A 222 -2.56 12.38 20.20
CA GLY A 222 -2.19 11.79 21.47
C GLY A 222 -0.73 11.41 21.62
N ALA A 223 -0.01 11.31 20.51
CA ALA A 223 1.40 10.91 20.52
C ALA A 223 2.36 11.97 21.06
N VAL A 224 3.63 11.60 21.21
CA VAL A 224 4.63 12.52 21.72
C VAL A 224 4.91 13.55 20.62
N ASN A 225 4.80 14.83 20.97
CA ASN A 225 5.04 15.93 20.03
C ASN A 225 6.48 16.39 20.08
N PRO A 226 6.89 17.14 19.07
CA PRO A 226 8.25 17.68 19.04
C PRO A 226 8.28 18.83 20.04
N THR A 227 9.46 19.16 20.55
CA THR A 227 9.58 20.27 21.49
C THR A 227 10.21 21.41 20.72
N VAL A 228 10.09 22.63 21.24
CA VAL A 228 10.62 23.80 20.54
C VAL A 228 11.35 24.78 21.47
N LYS A 229 12.32 25.50 20.90
CA LYS A 229 13.08 26.49 21.63
C LYS A 229 13.24 27.66 20.67
N PHE A 230 13.40 28.87 21.21
CA PHE A 230 13.52 30.04 20.38
C PHE A 230 14.84 30.75 20.64
N PHE A 231 15.52 31.17 19.56
CA PHE A 231 16.81 31.83 19.67
C PHE A 231 16.91 33.07 18.80
N VAL A 232 17.75 34.01 19.23
CA VAL A 232 17.98 35.22 18.47
C VAL A 232 19.48 35.45 18.43
N VAL A 233 19.98 35.70 17.24
CA VAL A 233 21.41 35.92 17.08
C VAL A 233 21.69 37.26 16.41
N ASN A 234 22.76 37.91 16.84
CA ASN A 234 23.17 39.20 16.28
C ASN A 234 24.09 38.92 15.11
N THR A 235 23.64 39.19 13.90
CA THR A 235 24.46 38.93 12.72
C THR A 235 25.46 40.06 12.42
N ASP A 236 25.45 41.10 13.25
CA ASP A 236 26.38 42.22 13.06
C ASP A 236 27.69 42.01 13.81
N SER A 237 27.67 41.07 14.76
CA SER A 237 28.85 40.80 15.56
C SER A 237 29.28 39.36 15.43
N LEU A 238 29.34 38.86 14.19
CA LEU A 238 29.77 37.49 13.97
C LEU A 238 31.28 37.44 13.75
N SER A 239 31.92 36.39 14.27
CA SER A 239 33.36 36.26 14.10
C SER A 239 33.78 34.96 13.42
N SER A 240 34.81 35.07 12.60
CA SER A 240 35.35 33.93 11.87
C SER A 240 36.23 33.13 12.82
N VAL A 241 36.49 33.71 13.99
CA VAL A 241 37.33 33.07 15.00
C VAL A 241 36.56 32.44 16.15
N THR A 242 35.33 32.90 16.35
CA THR A 242 34.53 32.37 17.44
C THR A 242 33.16 31.93 16.96
N ASN A 243 32.60 30.90 17.58
CA ASN A 243 31.27 30.42 17.21
C ASN A 243 30.22 31.41 17.66
N ALA A 244 29.33 31.79 16.73
CA ALA A 244 28.27 32.74 17.01
C ALA A 244 27.57 32.38 18.30
N THR A 245 27.08 33.40 19.01
CA THR A 245 26.38 33.17 20.27
C THR A 245 24.90 33.44 20.02
N SER A 246 24.05 32.49 20.39
CA SER A 246 22.62 32.66 20.18
C SER A 246 21.95 32.88 21.51
N ILE A 247 21.13 33.93 21.61
CA ILE A 247 20.44 34.19 22.87
C ILE A 247 19.07 33.53 22.83
N GLN A 248 18.79 32.71 23.83
CA GLN A 248 17.52 32.03 23.92
C GLN A 248 16.44 32.83 24.68
N ILE A 249 15.21 32.73 24.18
CA ILE A 249 14.05 33.37 24.79
C ILE A 249 13.13 32.22 25.13
N THR A 250 12.97 31.98 26.42
CA THR A 250 12.14 30.88 26.88
C THR A 250 10.67 31.29 26.89
N ALA A 251 9.79 30.30 26.77
CA ALA A 251 8.36 30.54 26.74
C ALA A 251 7.90 30.82 28.16
N PRO A 252 6.77 31.51 28.32
CA PRO A 252 6.25 31.83 29.66
C PRO A 252 5.96 30.58 30.51
N ALA A 253 5.97 30.74 31.83
CA ALA A 253 5.75 29.61 32.73
C ALA A 253 4.38 28.95 32.56
N SER A 254 3.37 29.74 32.21
CA SER A 254 2.03 29.20 32.00
C SER A 254 2.04 28.25 30.80
N MET A 255 3.12 28.29 30.04
CA MET A 255 3.29 27.47 28.85
C MET A 255 4.24 26.30 29.18
N LEU A 256 5.31 26.59 29.90
CA LEU A 256 6.28 25.55 30.27
C LEU A 256 5.73 24.46 31.17
N ILE A 257 4.58 24.69 31.79
CA ILE A 257 3.98 23.68 32.65
C ILE A 257 3.70 22.37 31.90
N GLY A 258 3.33 22.45 30.62
CA GLY A 258 3.03 21.25 29.87
C GLY A 258 3.43 21.34 28.41
N ASP A 259 2.85 20.47 27.57
CA ASP A 259 3.18 20.50 26.15
C ASP A 259 2.65 21.81 25.57
N HIS A 260 3.36 22.34 24.58
CA HIS A 260 2.93 23.59 23.98
C HIS A 260 3.54 23.72 22.62
N TYR A 261 3.25 24.83 21.97
CA TYR A 261 3.74 25.13 20.63
C TYR A 261 4.17 26.59 20.54
N LEU A 262 5.06 26.87 19.59
CA LEU A 262 5.46 28.22 19.27
C LEU A 262 4.55 28.41 18.07
N CYS A 263 3.69 29.43 18.06
CA CYS A 263 2.76 29.54 16.93
C CYS A 263 2.86 30.79 16.09
N ASP A 264 3.60 31.79 16.56
CA ASP A 264 3.77 33.04 15.81
C ASP A 264 4.99 33.82 16.25
N VAL A 265 5.71 34.37 15.27
CA VAL A 265 6.89 35.19 15.54
C VAL A 265 6.74 36.42 14.67
N THR A 266 6.71 37.60 15.30
CA THR A 266 6.56 38.86 14.56
C THR A 266 7.42 39.97 15.13
N TRP A 267 8.28 40.54 14.30
CA TRP A 267 9.13 41.65 14.75
C TRP A 267 8.30 42.93 14.83
N ALA A 268 8.46 43.65 15.92
CA ALA A 268 7.73 44.91 16.16
C ALA A 268 8.60 46.10 15.75
N THR A 269 9.87 46.05 16.15
CA THR A 269 10.83 47.11 15.80
C THR A 269 12.20 46.46 15.67
N GLN A 270 13.21 47.31 15.47
CA GLN A 270 14.57 46.82 15.33
C GLN A 270 15.02 46.09 16.59
N GLU A 271 14.47 46.47 17.74
CA GLU A 271 14.90 45.83 18.99
C GLU A 271 13.80 45.21 19.85
N ARG A 272 12.65 44.98 19.24
CA ARG A 272 11.51 44.38 19.94
C ARG A 272 10.88 43.26 19.10
N ILE A 273 10.71 42.10 19.71
CA ILE A 273 10.13 40.98 19.00
C ILE A 273 8.95 40.40 19.79
N SER A 274 7.89 40.00 19.09
CA SER A 274 6.74 39.42 19.76
C SER A 274 6.64 37.96 19.38
N LEU A 275 6.18 37.15 20.33
CA LEU A 275 6.02 35.71 20.17
C LEU A 275 4.71 35.29 20.77
N GLN A 276 4.05 34.32 20.14
CA GLN A 276 2.82 33.79 20.72
C GLN A 276 3.05 32.29 20.91
N TRP A 277 2.60 31.79 22.06
CA TRP A 277 2.75 30.37 22.40
C TRP A 277 1.36 29.81 22.62
N LEU A 278 1.17 28.57 22.23
CA LEU A 278 -0.12 27.93 22.35
C LEU A 278 0.02 26.63 23.15
N ARG A 279 -0.82 26.43 24.16
CA ARG A 279 -0.75 25.18 24.92
C ARG A 279 -1.23 24.03 24.04
N ARG A 280 -0.79 22.80 24.33
CA ARG A 280 -1.23 21.67 23.52
C ARG A 280 -2.76 21.64 23.48
N ILE A 281 -3.43 22.06 24.56
CA ILE A 281 -4.89 22.16 24.58
C ILE A 281 -5.03 23.56 23.98
N GLN A 282 -5.28 23.61 22.68
CA GLN A 282 -5.34 24.85 21.94
C GLN A 282 -6.39 25.90 22.22
N ASN A 283 -6.74 26.11 23.48
CA ASN A 283 -7.70 27.15 23.77
C ASN A 283 -7.12 28.21 24.69
N TYR A 284 -5.79 28.22 24.79
CA TYR A 284 -5.13 29.18 25.63
C TYR A 284 -3.78 29.54 25.03
N SER A 285 -3.61 30.79 24.62
CA SER A 285 -2.33 31.21 24.04
C SER A 285 -1.84 32.45 24.72
N VAL A 286 -0.52 32.62 24.67
CA VAL A 286 0.14 33.75 25.33
C VAL A 286 1.10 34.47 24.39
N MET A 287 0.99 35.80 24.36
CA MET A 287 1.90 36.60 23.55
C MET A 287 2.93 37.25 24.47
N ASP A 288 4.20 37.15 24.09
CA ASP A 288 5.27 37.77 24.86
C ASP A 288 5.84 38.85 23.99
N ILE A 289 6.19 39.98 24.60
CA ILE A 289 6.81 41.07 23.86
C ILE A 289 8.17 41.27 24.48
N CYS A 290 9.21 41.00 23.69
CA CYS A 290 10.58 41.08 24.19
C CYS A 290 11.43 42.18 23.58
N ASP A 291 12.14 42.89 24.45
CA ASP A 291 13.00 43.99 24.06
C ASP A 291 14.46 43.65 24.25
N TYR A 292 15.28 44.05 23.29
CA TYR A 292 16.71 43.80 23.39
C TYR A 292 17.32 44.75 24.42
N ASP A 293 18.05 44.20 25.38
CA ASP A 293 18.72 45.00 26.42
C ASP A 293 20.14 45.22 25.89
N GLU A 294 20.42 46.42 25.39
CA GLU A 294 21.72 46.72 24.82
C GLU A 294 22.89 46.42 25.76
N SER A 295 22.81 46.89 27.00
CA SER A 295 23.90 46.67 27.95
C SER A 295 24.11 45.21 28.27
N SER A 296 23.02 44.50 28.56
CA SER A 296 23.05 43.08 28.91
C SER A 296 23.28 42.16 27.73
N GLY A 297 22.78 42.54 26.56
CA GLY A 297 22.93 41.73 25.37
C GLY A 297 21.87 40.63 25.35
N ARG A 298 21.00 40.64 26.36
CA ARG A 298 19.94 39.65 26.50
C ARG A 298 18.60 40.22 26.03
N TRP A 299 17.62 39.34 25.88
CA TRP A 299 16.28 39.77 25.46
C TRP A 299 15.33 39.57 26.63
N ASN A 300 14.66 40.66 27.05
CA ASN A 300 13.73 40.58 28.17
C ASN A 300 12.29 40.76 27.72
N CYS A 301 11.40 39.96 28.31
CA CYS A 301 9.99 40.05 27.98
C CYS A 301 9.23 40.39 29.26
N LEU A 302 8.99 41.69 29.48
CA LEU A 302 8.26 42.14 30.67
C LEU A 302 6.91 41.47 30.80
N VAL A 303 6.65 40.87 31.96
CA VAL A 303 5.37 40.23 32.22
C VAL A 303 4.22 41.21 32.04
N ALA A 304 4.45 42.48 32.34
CA ALA A 304 3.42 43.48 32.18
C ALA A 304 3.00 43.66 30.72
N ARG A 305 3.86 43.20 29.81
CA ARG A 305 3.56 43.33 28.38
C ARG A 305 3.08 41.99 27.82
N GLN A 306 2.61 41.12 28.71
CA GLN A 306 2.13 39.81 28.31
C GLN A 306 0.65 39.88 28.02
N HIS A 307 0.23 39.24 26.94
CA HIS A 307 -1.19 39.24 26.58
C HIS A 307 -1.71 37.82 26.45
N ILE A 308 -2.78 37.54 27.18
CA ILE A 308 -3.38 36.23 27.13
C ILE A 308 -4.56 36.26 26.18
N GLU A 309 -4.75 35.18 25.46
CA GLU A 309 -5.86 35.05 24.53
C GLU A 309 -6.40 33.64 24.70
N MET A 310 -7.63 33.52 25.19
CA MET A 310 -8.23 32.21 25.42
C MET A 310 -9.63 32.08 24.80
N SER A 311 -10.14 30.86 24.78
CA SER A 311 -11.46 30.62 24.23
C SER A 311 -12.21 29.64 25.11
N THR A 312 -13.48 29.90 25.33
CA THR A 312 -14.31 29.05 26.16
C THR A 312 -15.20 28.13 25.31
N THR A 313 -15.48 28.53 24.07
CA THR A 313 -16.32 27.74 23.18
C THR A 313 -15.53 26.84 22.24
N GLY A 314 -14.27 27.18 22.01
CA GLY A 314 -13.45 26.39 21.10
C GLY A 314 -11.97 26.60 21.25
N TRP A 315 -11.27 26.63 20.12
CA TRP A 315 -9.83 26.81 20.09
C TRP A 315 -9.56 28.29 19.85
N VAL A 316 -8.29 28.70 19.84
CA VAL A 316 -7.96 30.10 19.61
C VAL A 316 -7.64 30.39 18.14
N GLY A 317 -8.32 31.38 17.55
CA GLY A 317 -8.07 31.72 16.15
C GLY A 317 -8.70 30.77 15.15
N ARG A 318 -8.71 31.13 13.86
CA ARG A 318 -9.31 30.23 12.87
C ARG A 318 -8.58 28.89 12.82
N PHE A 319 -7.26 28.94 12.70
CA PHE A 319 -6.43 27.74 12.69
C PHE A 319 -5.29 27.90 13.69
N ARG A 320 -5.19 29.10 14.27
CA ARG A 320 -4.17 29.43 15.28
C ARG A 320 -4.26 30.92 15.61
N PRO A 321 -3.62 31.35 16.71
CA PRO A 321 -3.63 32.77 17.11
C PRO A 321 -3.24 33.65 15.92
N SER A 322 -3.97 34.74 15.69
CA SER A 322 -3.67 35.67 14.59
C SER A 322 -2.37 36.44 14.85
N GLU A 323 -1.80 37.02 13.79
CA GLU A 323 -0.56 37.75 13.92
C GLU A 323 -0.85 39.21 14.25
N PRO A 324 0.02 39.81 15.08
CA PRO A 324 -0.16 41.21 15.46
C PRO A 324 0.44 42.11 14.41
N HIS A 325 -0.10 43.32 14.28
CA HIS A 325 0.43 44.29 13.34
C HIS A 325 0.80 45.52 14.15
N PHE A 326 2.09 45.65 14.42
CA PHE A 326 2.61 46.75 15.20
C PHE A 326 2.68 48.05 14.42
N THR A 327 2.59 49.15 15.18
CA THR A 327 2.70 50.51 14.63
C THR A 327 4.19 50.80 14.44
N LEU A 328 4.50 51.92 13.78
CA LEU A 328 5.88 52.30 13.52
C LEU A 328 6.77 52.29 14.77
N ASP A 329 6.30 52.88 15.87
CA ASP A 329 7.11 52.91 17.08
C ASP A 329 7.07 51.61 17.88
N GLY A 330 6.20 50.68 17.47
CA GLY A 330 6.09 49.41 18.16
C GLY A 330 5.45 49.44 19.53
N ASN A 331 4.83 50.56 19.90
CA ASN A 331 4.19 50.66 21.21
C ASN A 331 2.75 50.14 21.28
N SER A 332 2.13 49.90 20.12
CA SER A 332 0.77 49.37 20.11
C SER A 332 0.64 48.47 18.87
N PHE A 333 -0.43 47.70 18.79
CA PHE A 333 -0.62 46.80 17.66
C PHE A 333 -2.07 46.41 17.46
N TYR A 334 -2.40 46.00 16.24
CA TYR A 334 -3.75 45.58 15.90
C TYR A 334 -3.76 44.09 15.66
N LYS A 335 -4.81 43.42 16.11
CA LYS A 335 -4.89 41.98 16.00
C LYS A 335 -6.35 41.53 15.87
N ILE A 336 -6.61 40.63 14.93
CA ILE A 336 -7.94 40.11 14.74
C ILE A 336 -8.19 39.07 15.81
N ILE A 337 -9.22 39.29 16.62
CA ILE A 337 -9.60 38.32 17.64
C ILE A 337 -11.14 38.23 17.67
N SER A 338 -11.61 37.14 18.25
CA SER A 338 -13.04 36.89 18.35
C SER A 338 -13.60 37.75 19.47
N ASN A 339 -14.64 38.54 19.16
CA ASN A 339 -15.25 39.42 20.15
C ASN A 339 -16.26 38.70 21.05
N GLU A 340 -16.89 39.44 21.97
CA GLU A 340 -17.86 38.85 22.89
C GLU A 340 -19.05 38.23 22.18
N GLU A 341 -19.27 38.61 20.92
CA GLU A 341 -20.37 38.08 20.11
C GLU A 341 -19.90 36.86 19.32
N GLY A 342 -18.61 36.59 19.34
CA GLY A 342 -18.11 35.44 18.61
C GLY A 342 -17.73 35.77 17.17
N TYR A 343 -17.62 37.05 16.84
CA TYR A 343 -17.24 37.44 15.49
C TYR A 343 -15.84 38.05 15.52
N ARG A 344 -15.04 37.67 14.52
CA ARG A 344 -13.67 38.13 14.47
C ARG A 344 -13.51 39.53 13.92
N HIS A 345 -13.03 40.41 14.80
CA HIS A 345 -12.80 41.80 14.49
C HIS A 345 -11.43 42.25 14.95
N ILE A 346 -11.03 43.43 14.49
CA ILE A 346 -9.72 43.99 14.81
C ILE A 346 -9.77 44.67 16.18
N CYS A 347 -8.82 44.34 17.04
CA CYS A 347 -8.76 44.94 18.38
C CYS A 347 -7.44 45.71 18.42
N TYR A 348 -7.47 46.89 19.02
CA TYR A 348 -6.29 47.74 19.13
C TYR A 348 -5.69 47.51 20.50
N PHE A 349 -4.42 47.10 20.52
CA PHE A 349 -3.71 46.81 21.77
C PHE A 349 -2.59 47.79 22.10
N GLN A 350 -2.40 48.03 23.39
CA GLN A 350 -1.31 48.88 23.91
C GLN A 350 -0.37 47.78 24.43
N ILE A 351 0.94 47.82 24.14
CA ILE A 351 1.78 46.70 24.60
C ILE A 351 1.81 46.43 26.10
N ASP A 352 1.51 47.44 26.89
CA ASP A 352 1.53 47.28 28.33
C ASP A 352 0.15 47.51 28.92
N LYS A 353 -0.90 47.13 28.21
CA LYS A 353 -2.26 47.30 28.71
C LYS A 353 -3.02 46.02 28.42
N LYS A 354 -3.67 45.46 29.44
CA LYS A 354 -4.39 44.20 29.27
C LYS A 354 -5.57 44.29 28.34
N ASP A 355 -6.42 45.29 28.52
CA ASP A 355 -7.61 45.38 27.67
C ASP A 355 -7.36 46.09 26.35
N CYS A 356 -7.90 45.52 25.29
CA CYS A 356 -7.76 46.08 23.95
C CYS A 356 -9.13 46.62 23.55
N THR A 357 -9.13 47.51 22.57
CA THR A 357 -10.36 48.13 22.08
C THR A 357 -10.68 47.63 20.66
N PHE A 358 -11.89 47.14 20.43
CA PHE A 358 -12.28 46.69 19.10
C PHE A 358 -12.59 47.91 18.24
N ILE A 359 -12.06 47.93 17.02
CA ILE A 359 -12.32 49.07 16.16
C ILE A 359 -13.32 48.77 15.06
N THR A 360 -13.74 47.51 14.97
CA THR A 360 -14.73 47.08 13.99
C THR A 360 -15.66 46.17 14.78
N LYS A 361 -16.88 46.02 14.29
CA LYS A 361 -17.88 45.19 14.96
C LYS A 361 -19.03 44.97 13.98
N GLY A 362 -19.82 43.94 14.24
CA GLY A 362 -20.94 43.63 13.36
C GLY A 362 -21.05 42.13 13.12
N THR A 363 -22.18 41.70 12.57
CA THR A 363 -22.39 40.28 12.30
C THR A 363 -21.76 39.92 10.97
N TRP A 364 -20.44 40.08 10.93
CA TRP A 364 -19.62 39.76 9.78
C TRP A 364 -18.20 39.66 10.34
N GLU A 365 -17.24 39.25 9.51
CA GLU A 365 -15.88 39.12 10.00
C GLU A 365 -14.79 39.75 9.16
N VAL A 366 -13.71 40.11 9.85
CA VAL A 366 -12.53 40.65 9.20
C VAL A 366 -11.73 39.40 8.84
N ILE A 367 -11.33 39.30 7.57
CA ILE A 367 -10.55 38.15 7.10
C ILE A 367 -9.07 38.38 7.45
N GLY A 368 -8.56 39.58 7.18
CA GLY A 368 -7.17 39.84 7.50
C GLY A 368 -6.80 41.31 7.44
N ILE A 369 -5.78 41.69 8.21
CA ILE A 369 -5.26 43.05 8.19
C ILE A 369 -4.23 43.03 7.07
N GLU A 370 -4.35 43.95 6.12
CA GLU A 370 -3.44 43.97 4.96
C GLU A 370 -2.35 45.04 4.94
N ALA A 371 -2.61 46.18 5.56
CA ALA A 371 -1.65 47.28 5.58
C ALA A 371 -1.97 48.26 6.69
N LEU A 372 -0.93 48.86 7.24
CA LEU A 372 -1.12 49.82 8.31
C LEU A 372 -0.26 51.07 8.13
N THR A 373 -0.89 52.25 8.26
CA THR A 373 -0.20 53.54 8.19
C THR A 373 -0.59 54.32 9.46
N SER A 374 -0.01 55.49 9.69
CA SER A 374 -0.36 56.26 10.89
C SER A 374 -1.80 56.73 10.82
N ASP A 375 -2.34 56.90 9.61
CA ASP A 375 -3.72 57.36 9.46
C ASP A 375 -4.76 56.29 9.18
N TYR A 376 -4.37 55.20 8.53
CA TYR A 376 -5.32 54.17 8.17
C TYR A 376 -4.85 52.73 8.38
N LEU A 377 -5.82 51.85 8.59
CA LEU A 377 -5.52 50.45 8.71
C LEU A 377 -6.40 49.85 7.59
N TYR A 378 -5.79 49.07 6.70
CA TYR A 378 -6.52 48.47 5.58
C TYR A 378 -6.78 47.02 5.85
N TYR A 379 -8.00 46.57 5.56
CA TYR A 379 -8.32 45.17 5.79
C TYR A 379 -9.35 44.64 4.80
N ILE A 380 -9.46 43.31 4.74
CA ILE A 380 -10.41 42.63 3.89
C ILE A 380 -11.47 41.97 4.79
N SER A 381 -12.75 42.14 4.46
CA SER A 381 -13.82 41.54 5.28
C SER A 381 -14.95 41.09 4.37
N ASN A 382 -15.88 40.32 4.94
CA ASN A 382 -17.02 39.85 4.17
C ASN A 382 -18.26 40.62 4.59
N GLU A 383 -18.08 41.86 5.03
CA GLU A 383 -19.20 42.68 5.44
C GLU A 383 -20.19 43.09 4.33
N TYR A 384 -19.69 43.49 3.17
CA TYR A 384 -20.55 43.94 2.09
C TYR A 384 -21.75 43.07 1.78
N LYS A 385 -22.92 43.69 1.78
CA LYS A 385 -24.18 43.00 1.50
C LYS A 385 -24.42 41.75 2.35
N GLY A 386 -23.74 41.68 3.49
CA GLY A 386 -23.90 40.53 4.39
C GLY A 386 -23.56 39.18 3.77
N MET A 387 -22.81 39.15 2.67
CA MET A 387 -22.43 37.89 2.03
C MET A 387 -21.13 37.34 2.61
N PRO A 388 -21.21 36.26 3.42
CA PRO A 388 -19.99 35.72 4.03
C PRO A 388 -18.98 35.16 3.02
N GLY A 389 -19.45 34.87 1.81
CA GLY A 389 -18.58 34.35 0.76
C GLY A 389 -18.07 35.44 -0.20
N GLY A 390 -18.23 36.69 0.20
CA GLY A 390 -17.76 37.82 -0.60
C GLY A 390 -16.60 38.44 0.18
N ARG A 391 -15.68 39.10 -0.51
CA ARG A 391 -14.51 39.70 0.14
C ARG A 391 -14.22 41.07 -0.47
N ASN A 392 -14.02 42.06 0.39
CA ASN A 392 -13.73 43.40 -0.10
C ASN A 392 -12.68 44.10 0.75
N LEU A 393 -12.01 45.08 0.15
CA LEU A 393 -10.98 45.84 0.83
C LEU A 393 -11.57 47.09 1.46
N TYR A 394 -11.23 47.31 2.73
CA TYR A 394 -11.72 48.48 3.46
C TYR A 394 -10.55 49.15 4.16
N LYS A 395 -10.75 50.43 4.50
CA LYS A 395 -9.77 51.18 5.26
C LYS A 395 -10.59 51.85 6.35
N ILE A 396 -10.04 51.92 7.56
CA ILE A 396 -10.74 52.53 8.67
C ILE A 396 -9.82 53.62 9.19
N GLN A 397 -10.39 54.80 9.48
CA GLN A 397 -9.60 55.93 9.96
C GLN A 397 -9.17 55.67 11.39
N LEU A 398 -7.87 55.63 11.65
CA LEU A 398 -7.40 55.35 13.00
C LEU A 398 -7.77 56.41 14.04
N SER A 399 -8.16 57.60 13.61
CA SER A 399 -8.53 58.64 14.56
C SER A 399 -10.04 58.76 14.76
N ASP A 400 -10.82 58.02 13.97
CA ASP A 400 -12.27 58.05 14.08
C ASP A 400 -12.81 56.77 13.48
N TYR A 401 -12.97 55.77 14.32
CA TYR A 401 -13.44 54.46 13.89
C TYR A 401 -14.81 54.49 13.22
N THR A 402 -15.56 55.59 13.31
CA THR A 402 -16.86 55.59 12.64
C THR A 402 -16.67 55.77 11.14
N LYS A 403 -15.52 56.29 10.75
CA LYS A 403 -15.20 56.51 9.34
C LYS A 403 -14.59 55.28 8.64
N VAL A 404 -15.44 54.42 8.08
CA VAL A 404 -14.99 53.23 7.38
C VAL A 404 -15.34 53.32 5.89
N THR A 405 -14.36 53.13 5.03
CA THR A 405 -14.56 53.24 3.59
C THR A 405 -14.26 51.98 2.79
N CYS A 406 -15.24 51.49 2.02
CA CYS A 406 -14.97 50.31 1.19
C CYS A 406 -14.29 50.83 -0.09
N LEU A 407 -13.16 50.21 -0.41
CA LEU A 407 -12.37 50.60 -1.57
C LEU A 407 -12.55 49.69 -2.77
N SER A 408 -13.24 48.57 -2.61
CA SER A 408 -13.42 47.65 -3.72
C SER A 408 -14.87 47.31 -4.02
N CYS A 409 -15.76 47.56 -3.08
CA CYS A 409 -17.17 47.22 -3.23
C CYS A 409 -17.80 47.69 -4.53
N GLU A 410 -17.72 48.97 -4.78
CA GLU A 410 -18.38 49.55 -5.93
C GLU A 410 -17.62 49.65 -7.25
N LEU A 411 -16.38 49.18 -7.28
CA LEU A 411 -15.60 49.24 -8.53
C LEU A 411 -16.33 48.58 -9.71
N ASN A 412 -16.89 47.40 -9.47
CA ASN A 412 -17.61 46.66 -10.50
C ASN A 412 -18.32 45.53 -9.77
N PRO A 413 -19.41 45.86 -9.07
CA PRO A 413 -20.23 44.95 -8.28
C PRO A 413 -20.74 43.69 -8.97
N GLU A 414 -21.05 43.78 -10.25
CA GLU A 414 -21.57 42.62 -10.96
C GLU A 414 -20.49 41.58 -11.19
N ARG A 415 -19.33 42.05 -11.64
CA ARG A 415 -18.19 41.21 -11.92
C ARG A 415 -17.27 40.88 -10.75
N CYS A 416 -17.16 41.80 -9.79
CA CYS A 416 -16.25 41.61 -8.67
C CYS A 416 -16.79 41.70 -7.26
N GLN A 417 -16.76 40.58 -6.56
CA GLN A 417 -17.26 40.47 -5.19
C GLN A 417 -16.32 39.70 -4.26
N TYR A 418 -15.13 39.37 -4.78
CA TYR A 418 -14.14 38.62 -3.99
C TYR A 418 -12.77 39.15 -4.40
N TYR A 419 -12.17 39.94 -3.50
CA TYR A 419 -10.88 40.56 -3.73
C TYR A 419 -9.82 40.12 -2.72
N SER A 420 -8.57 40.25 -3.13
CA SER A 420 -7.44 40.02 -2.25
C SER A 420 -6.65 41.26 -2.67
N VAL A 421 -5.61 41.62 -1.93
CA VAL A 421 -4.86 42.83 -2.25
C VAL A 421 -3.38 42.70 -2.00
N SER A 422 -2.60 43.57 -2.64
CA SER A 422 -1.15 43.60 -2.46
C SER A 422 -0.67 45.06 -2.36
N PHE A 423 -0.29 45.49 -1.16
CA PHE A 423 0.17 46.87 -0.98
C PHE A 423 1.67 47.01 -1.21
N SER A 424 2.10 48.19 -1.66
CA SER A 424 3.53 48.45 -1.87
C SER A 424 4.20 48.68 -0.50
N LYS A 425 5.53 48.78 -0.50
CA LYS A 425 6.29 48.96 0.76
C LYS A 425 5.71 49.82 1.87
N GLU A 426 5.26 51.04 1.55
CA GLU A 426 4.69 51.94 2.58
C GLU A 426 3.20 52.16 2.34
N ALA A 427 2.57 51.20 1.68
CA ALA A 427 1.16 51.28 1.39
C ALA A 427 0.81 52.49 0.51
N LYS A 428 1.79 52.99 -0.23
CA LYS A 428 1.51 54.12 -1.12
C LYS A 428 0.62 53.66 -2.31
N TYR A 429 0.81 52.40 -2.73
CA TYR A 429 0.05 51.83 -3.82
C TYR A 429 -0.45 50.45 -3.45
N TYR A 430 -1.55 50.02 -4.07
CA TYR A 430 -2.04 48.67 -3.86
C TYR A 430 -2.60 48.08 -5.14
N GLN A 431 -2.42 46.78 -5.29
CA GLN A 431 -2.94 46.04 -6.42
C GLN A 431 -4.15 45.27 -5.91
N LEU A 432 -5.25 45.34 -6.64
CA LEU A 432 -6.46 44.63 -6.27
C LEU A 432 -6.61 43.46 -7.23
N ARG A 433 -6.92 42.30 -6.66
CA ARG A 433 -7.10 41.08 -7.43
C ARG A 433 -8.52 40.60 -7.22
N CYS A 434 -9.35 40.82 -8.21
CA CYS A 434 -10.74 40.40 -8.15
C CYS A 434 -10.77 39.00 -8.72
N SER A 435 -11.39 38.05 -8.04
CA SER A 435 -11.44 36.70 -8.61
C SER A 435 -12.83 36.10 -8.82
N GLY A 436 -13.86 36.93 -8.87
CA GLY A 436 -15.21 36.43 -9.09
C GLY A 436 -16.30 37.41 -8.70
N PRO A 437 -17.56 37.16 -9.09
CA PRO A 437 -18.03 36.01 -9.87
C PRO A 437 -17.67 36.01 -11.34
N GLY A 438 -17.29 37.17 -11.86
CA GLY A 438 -16.89 37.24 -13.26
C GLY A 438 -15.41 36.87 -13.40
N LEU A 439 -14.85 37.04 -14.58
CA LEU A 439 -13.44 36.71 -14.79
C LEU A 439 -12.51 37.59 -13.99
N PRO A 440 -11.41 37.02 -13.47
CA PRO A 440 -10.41 37.75 -12.69
C PRO A 440 -10.05 39.07 -13.31
N LEU A 441 -9.88 40.07 -12.46
CA LEU A 441 -9.54 41.41 -12.91
C LEU A 441 -8.49 42.01 -12.00
N TYR A 442 -7.38 42.42 -12.58
CA TYR A 442 -6.31 42.99 -11.78
C TYR A 442 -6.14 44.47 -12.07
N THR A 443 -6.09 45.27 -11.01
CA THR A 443 -5.96 46.72 -11.13
C THR A 443 -4.95 47.31 -10.14
N LEU A 444 -4.46 48.50 -10.46
CA LEU A 444 -3.50 49.19 -9.62
C LEU A 444 -4.15 50.48 -9.16
N HIS A 445 -3.95 50.81 -7.89
CA HIS A 445 -4.54 51.98 -7.26
C HIS A 445 -3.52 52.77 -6.43
N SER A 446 -3.81 54.04 -6.17
CA SER A 446 -2.94 54.87 -5.36
C SER A 446 -3.70 55.16 -4.07
N SER A 447 -3.02 55.01 -2.94
CA SER A 447 -3.66 55.22 -1.65
C SER A 447 -4.09 56.63 -1.32
N VAL A 448 -3.27 57.63 -1.66
CA VAL A 448 -3.58 59.02 -1.30
C VAL A 448 -5.03 59.44 -1.58
N ASN A 449 -5.55 59.11 -2.76
CA ASN A 449 -6.94 59.44 -3.06
C ASN A 449 -7.71 58.23 -3.56
N ASP A 450 -7.14 57.05 -3.36
CA ASP A 450 -7.80 55.83 -3.79
C ASP A 450 -8.18 55.93 -5.25
N LYS A 451 -7.25 56.40 -6.06
CA LYS A 451 -7.53 56.51 -7.49
C LYS A 451 -7.26 55.19 -8.21
N GLY A 452 -7.99 54.98 -9.29
CA GLY A 452 -7.83 53.78 -10.09
C GLY A 452 -6.86 54.15 -11.19
N LEU A 453 -5.58 53.84 -10.97
CA LEU A 453 -4.57 54.17 -11.95
C LEU A 453 -4.82 53.44 -13.25
N ARG A 454 -4.82 52.11 -13.21
CA ARG A 454 -5.04 51.37 -14.43
C ARG A 454 -5.28 49.87 -14.31
N VAL A 455 -5.73 49.31 -15.43
CA VAL A 455 -6.01 47.89 -15.51
C VAL A 455 -4.76 47.15 -15.96
N LEU A 456 -4.31 46.19 -15.14
CA LEU A 456 -3.12 45.39 -15.42
C LEU A 456 -3.41 44.16 -16.28
N GLU A 457 -4.57 43.56 -16.04
CA GLU A 457 -5.00 42.37 -16.75
C GLU A 457 -6.51 42.18 -16.54
N ASP A 458 -7.26 42.13 -17.63
CA ASP A 458 -8.71 41.98 -17.55
C ASP A 458 -9.23 40.65 -18.10
N ASN A 459 -8.32 39.78 -18.53
CA ASN A 459 -8.72 38.49 -19.08
C ASN A 459 -9.68 38.60 -20.25
N SER A 460 -9.57 39.68 -21.03
CA SER A 460 -10.44 39.88 -22.16
C SER A 460 -10.20 38.79 -23.22
N ALA A 461 -9.02 38.18 -23.21
CA ALA A 461 -8.74 37.13 -24.18
C ALA A 461 -9.60 35.91 -23.86
N LEU A 462 -9.60 35.49 -22.59
CA LEU A 462 -10.40 34.35 -22.15
C LEU A 462 -11.88 34.63 -22.34
N ASP A 463 -12.28 35.87 -22.08
CA ASP A 463 -13.70 36.21 -22.27
C ASP A 463 -14.07 35.98 -23.73
N LYS A 464 -13.20 36.36 -24.66
CA LYS A 464 -13.49 36.18 -26.07
C LYS A 464 -13.62 34.69 -26.42
N MET A 465 -12.80 33.85 -25.78
CA MET A 465 -12.89 32.43 -26.08
C MET A 465 -14.11 31.80 -25.43
N LEU A 466 -14.36 32.12 -24.17
CA LEU A 466 -15.50 31.54 -23.46
C LEU A 466 -16.88 31.83 -24.05
N GLN A 467 -17.02 32.88 -24.87
CA GLN A 467 -18.34 33.15 -25.43
C GLN A 467 -18.68 32.14 -26.53
N ASN A 468 -17.70 31.34 -26.93
CA ASN A 468 -17.87 30.30 -27.95
C ASN A 468 -18.18 28.96 -27.33
N VAL A 469 -18.42 28.94 -26.03
CA VAL A 469 -18.74 27.69 -25.35
C VAL A 469 -19.89 27.90 -24.39
N GLN A 470 -20.74 26.89 -24.27
CA GLN A 470 -21.90 26.95 -23.40
C GLN A 470 -21.46 26.73 -21.95
N MET A 471 -21.10 27.81 -21.27
CA MET A 471 -20.66 27.72 -19.90
C MET A 471 -21.84 27.70 -18.91
N PRO A 472 -21.63 27.05 -17.76
CA PRO A 472 -22.65 26.96 -16.72
C PRO A 472 -22.69 28.25 -15.94
N SER A 473 -23.69 28.38 -15.07
CA SER A 473 -23.82 29.57 -14.24
C SER A 473 -23.71 29.14 -12.79
N LYS A 474 -23.54 30.11 -11.90
CA LYS A 474 -23.44 29.83 -10.50
C LYS A 474 -24.47 30.62 -9.73
N LYS A 475 -25.19 29.92 -8.87
CA LYS A 475 -26.19 30.52 -8.02
C LYS A 475 -25.67 30.41 -6.59
N LEU A 476 -25.55 31.55 -5.91
CA LEU A 476 -25.10 31.57 -4.54
C LEU A 476 -26.34 32.01 -3.76
N ASP A 477 -26.69 31.27 -2.71
CA ASP A 477 -27.87 31.62 -1.94
C ASP A 477 -27.85 30.94 -0.58
N PHE A 478 -28.97 30.94 0.13
CA PHE A 478 -28.99 30.31 1.43
C PHE A 478 -30.31 29.64 1.80
N ILE A 479 -30.24 28.75 2.79
CA ILE A 479 -31.42 28.08 3.32
C ILE A 479 -31.36 28.38 4.81
N ILE A 480 -32.49 28.16 5.48
CA ILE A 480 -32.52 28.40 6.91
C ILE A 480 -32.64 27.11 7.68
N LEU A 481 -31.93 27.05 8.81
CA LEU A 481 -31.94 25.89 9.68
C LEU A 481 -31.96 26.42 11.11
N ASN A 482 -33.10 26.29 11.78
CA ASN A 482 -33.23 26.77 13.16
C ASN A 482 -32.88 28.24 13.28
N GLU A 483 -33.64 29.08 12.59
CA GLU A 483 -33.43 30.52 12.63
C GLU A 483 -32.03 30.96 12.18
N THR A 484 -31.20 30.03 11.72
CA THR A 484 -29.86 30.40 11.23
C THR A 484 -29.77 30.18 9.73
N LYS A 485 -29.13 31.10 9.02
CA LYS A 485 -29.01 30.93 7.59
C LYS A 485 -27.67 30.30 7.23
N PHE A 486 -27.71 29.37 6.28
CA PHE A 486 -26.50 28.69 5.83
C PHE A 486 -26.45 28.82 4.32
N TRP A 487 -25.27 29.16 3.82
CA TRP A 487 -25.11 29.38 2.40
C TRP A 487 -24.69 28.16 1.61
N TYR A 488 -25.11 28.13 0.35
CA TYR A 488 -24.77 27.06 -0.57
C TYR A 488 -24.62 27.68 -1.96
N GLN A 489 -24.03 26.94 -2.86
CA GLN A 489 -23.88 27.42 -4.21
C GLN A 489 -24.20 26.26 -5.10
N MET A 490 -24.65 26.58 -6.31
CA MET A 490 -24.96 25.55 -7.26
C MET A 490 -24.37 25.95 -8.60
N ILE A 491 -23.66 25.02 -9.22
CA ILE A 491 -23.12 25.26 -10.54
C ILE A 491 -24.23 24.65 -11.41
N LEU A 492 -24.97 25.51 -12.10
CA LEU A 492 -26.09 25.05 -12.92
C LEU A 492 -25.71 24.86 -14.36
N PRO A 493 -26.25 23.83 -15.01
CA PRO A 493 -25.95 23.57 -16.42
C PRO A 493 -26.40 24.70 -17.34
N PRO A 494 -25.80 24.79 -18.53
CA PRO A 494 -26.16 25.83 -19.51
C PRO A 494 -27.67 25.75 -19.78
N HIS A 495 -28.31 26.87 -20.03
CA HIS A 495 -29.74 26.86 -20.33
C HIS A 495 -30.55 26.16 -19.25
N PHE A 496 -30.18 26.37 -17.99
CA PHE A 496 -30.88 25.73 -16.87
C PHE A 496 -32.39 25.87 -17.02
N ASP A 497 -33.09 24.76 -16.92
CA ASP A 497 -34.55 24.73 -17.05
C ASP A 497 -35.17 24.16 -15.78
N LYS A 498 -35.68 25.04 -14.93
CA LYS A 498 -36.28 24.62 -13.66
C LYS A 498 -37.55 23.80 -13.78
N SER A 499 -37.93 23.46 -15.00
CA SER A 499 -39.13 22.66 -15.23
C SER A 499 -38.66 21.21 -15.35
N LYS A 500 -37.35 21.03 -15.54
CA LYS A 500 -36.75 19.70 -15.67
C LYS A 500 -36.11 19.21 -14.38
N LYS A 501 -35.77 17.92 -14.35
CA LYS A 501 -35.15 17.31 -13.19
C LYS A 501 -33.69 17.01 -13.56
N TYR A 502 -32.75 17.53 -12.77
CA TYR A 502 -31.34 17.31 -13.02
C TYR A 502 -30.73 16.45 -11.92
N PRO A 503 -29.73 15.63 -12.28
CA PRO A 503 -29.09 14.81 -11.25
C PRO A 503 -28.28 15.81 -10.41
N LEU A 504 -27.97 15.48 -9.16
CA LEU A 504 -27.21 16.43 -8.35
C LEU A 504 -25.99 15.82 -7.65
N LEU A 505 -24.85 16.50 -7.78
CA LEU A 505 -23.61 16.09 -7.14
C LEU A 505 -23.24 17.10 -6.06
N LEU A 506 -23.14 16.63 -4.83
CA LEU A 506 -22.79 17.49 -3.70
C LEU A 506 -21.27 17.44 -3.51
N ASP A 507 -20.62 18.54 -3.86
CA ASP A 507 -19.17 18.68 -3.73
C ASP A 507 -18.97 19.17 -2.30
N VAL A 508 -18.36 18.35 -1.47
CA VAL A 508 -18.17 18.76 -0.07
C VAL A 508 -16.76 18.72 0.46
N TYR A 509 -16.49 19.61 1.43
CA TYR A 509 -15.22 19.61 2.13
C TYR A 509 -15.70 19.62 3.59
N ALA A 510 -16.33 20.72 4.00
CA ALA A 510 -16.92 20.83 5.33
C ALA A 510 -16.05 20.74 6.57
N GLY A 511 -14.73 20.89 6.42
CA GLY A 511 -13.89 20.84 7.59
C GLY A 511 -14.08 22.12 8.38
N PRO A 512 -13.54 22.21 9.61
CA PRO A 512 -13.69 23.41 10.42
C PRO A 512 -13.09 24.67 9.79
N CYS A 513 -13.91 25.71 9.75
CA CYS A 513 -13.57 27.00 9.19
C CYS A 513 -13.44 26.95 7.66
N SER A 514 -14.13 26.01 7.03
CA SER A 514 -14.07 25.93 5.59
C SER A 514 -15.19 26.78 4.94
N GLN A 515 -15.05 27.01 3.65
CA GLN A 515 -16.05 27.76 2.93
C GLN A 515 -16.04 27.25 1.51
N LYS A 516 -17.11 26.56 1.13
CA LYS A 516 -17.25 26.01 -0.21
C LYS A 516 -18.29 26.76 -1.01
N ALA A 517 -18.95 27.72 -0.37
CA ALA A 517 -19.94 28.57 -1.03
C ALA A 517 -19.37 29.98 -1.06
N ASP A 518 -18.87 30.41 -2.21
CA ASP A 518 -18.30 31.75 -2.34
C ASP A 518 -18.56 32.35 -3.71
N THR A 519 -18.06 33.56 -3.95
CA THR A 519 -18.28 34.21 -5.24
C THR A 519 -17.11 34.08 -6.21
N VAL A 520 -16.22 33.13 -5.94
CA VAL A 520 -15.05 32.95 -6.78
C VAL A 520 -15.32 32.23 -8.10
N PHE A 521 -14.76 32.75 -9.18
CA PHE A 521 -14.92 32.14 -10.49
C PHE A 521 -13.89 30.99 -10.62
N ARG A 522 -14.34 29.79 -11.00
CA ARG A 522 -13.45 28.65 -11.13
C ARG A 522 -13.72 27.80 -12.37
N LEU A 523 -12.65 27.24 -12.92
CA LEU A 523 -12.73 26.35 -14.08
C LEU A 523 -12.21 25.03 -13.56
N ASN A 524 -13.13 24.13 -13.22
CA ASN A 524 -12.74 22.86 -12.66
C ASN A 524 -13.62 21.70 -13.12
N TRP A 525 -13.50 20.57 -12.42
CA TRP A 525 -14.26 19.39 -12.75
C TRP A 525 -15.76 19.68 -12.73
N ALA A 526 -16.21 20.48 -11.76
CA ALA A 526 -17.63 20.81 -11.67
C ALA A 526 -18.09 21.53 -12.95
N THR A 527 -17.25 22.41 -13.50
CA THR A 527 -17.60 23.14 -14.73
C THR A 527 -17.95 22.17 -15.84
N TYR A 528 -17.13 21.13 -15.99
CA TYR A 528 -17.33 20.10 -16.99
C TYR A 528 -18.59 19.27 -16.69
N LEU A 529 -18.79 18.93 -15.43
CA LEU A 529 -19.95 18.15 -15.08
C LEU A 529 -21.26 18.85 -15.39
N ALA A 530 -21.31 20.17 -15.18
CA ALA A 530 -22.55 20.90 -15.46
C ALA A 530 -22.66 21.30 -16.93
N SER A 531 -21.55 21.69 -17.52
CA SER A 531 -21.57 22.13 -18.90
C SER A 531 -21.82 20.99 -19.89
N THR A 532 -21.09 19.90 -19.73
CA THR A 532 -21.21 18.76 -20.61
C THR A 532 -22.18 17.67 -20.19
N GLU A 533 -22.23 17.34 -18.90
CA GLU A 533 -23.11 16.26 -18.45
C GLU A 533 -24.44 16.72 -17.89
N ASN A 534 -24.61 18.03 -17.78
CA ASN A 534 -25.86 18.56 -17.26
C ASN A 534 -26.13 18.13 -15.82
N ILE A 535 -25.07 17.99 -15.05
CA ILE A 535 -25.20 17.64 -13.65
C ILE A 535 -25.15 18.92 -12.80
N ILE A 536 -26.01 19.02 -11.79
CA ILE A 536 -25.93 20.19 -10.92
C ILE A 536 -24.91 19.87 -9.80
N VAL A 537 -23.92 20.74 -9.64
CA VAL A 537 -22.91 20.54 -8.59
C VAL A 537 -23.14 21.60 -7.52
N ALA A 538 -23.49 21.12 -6.34
CA ALA A 538 -23.79 22.00 -5.22
C ALA A 538 -22.79 21.82 -4.10
N SER A 539 -22.63 22.88 -3.32
CA SER A 539 -21.77 22.88 -2.16
C SER A 539 -22.54 23.63 -1.07
N PHE A 540 -22.35 23.20 0.17
CA PHE A 540 -23.05 23.80 1.30
C PHE A 540 -22.13 24.01 2.49
N ASP A 541 -22.29 25.16 3.15
CA ASP A 541 -21.51 25.48 4.35
C ASP A 541 -22.38 25.40 5.59
N GLY A 542 -22.32 24.26 6.29
CA GLY A 542 -23.12 24.10 7.49
C GLY A 542 -22.36 24.40 8.75
N ARG A 543 -22.82 23.84 9.86
CA ARG A 543 -22.15 24.08 11.12
C ARG A 543 -20.69 23.64 11.02
N GLY A 544 -19.81 24.46 11.58
CA GLY A 544 -18.41 24.15 11.48
C GLY A 544 -17.72 25.06 10.47
N SER A 545 -18.46 25.58 9.48
CA SER A 545 -17.87 26.43 8.45
C SER A 545 -17.40 27.77 9.03
N GLY A 546 -16.52 28.46 8.31
CA GLY A 546 -15.98 29.70 8.85
C GLY A 546 -16.46 31.01 8.30
N TYR A 547 -15.89 32.08 8.84
CA TYR A 547 -16.16 33.46 8.44
C TYR A 547 -17.56 33.94 8.79
N GLN A 548 -18.23 33.21 9.68
CA GLN A 548 -19.58 33.56 10.08
C GLN A 548 -19.76 33.61 11.59
N GLY A 549 -18.66 33.61 12.34
CA GLY A 549 -18.76 33.68 13.78
C GLY A 549 -18.56 32.35 14.46
N ASP A 550 -18.18 32.38 15.74
CA ASP A 550 -17.93 31.17 16.52
C ASP A 550 -19.13 30.30 16.82
N LYS A 551 -20.32 30.90 16.86
CA LYS A 551 -21.51 30.12 17.14
C LYS A 551 -21.66 29.06 16.05
N ILE A 552 -21.27 29.41 14.84
CA ILE A 552 -21.32 28.47 13.74
C ILE A 552 -20.03 27.65 13.68
N MET A 553 -18.89 28.34 13.62
CA MET A 553 -17.62 27.63 13.51
C MET A 553 -17.34 26.67 14.67
N HIS A 554 -17.63 27.08 15.90
CA HIS A 554 -17.37 26.24 17.06
C HIS A 554 -18.45 25.19 17.35
N ALA A 555 -19.50 25.13 16.53
CA ALA A 555 -20.56 24.17 16.76
C ALA A 555 -20.02 22.73 16.81
N ILE A 556 -18.95 22.44 16.09
CA ILE A 556 -18.40 21.08 16.07
C ILE A 556 -17.22 20.86 16.98
N ASN A 557 -17.01 21.77 17.90
CA ASN A 557 -15.92 21.64 18.85
C ASN A 557 -15.98 20.31 19.62
N ARG A 558 -14.87 19.58 19.64
CA ARG A 558 -14.76 18.28 20.32
C ARG A 558 -15.76 17.30 19.79
N ARG A 559 -16.35 17.62 18.63
CA ARG A 559 -17.38 16.78 18.05
C ARG A 559 -17.27 16.62 16.54
N LEU A 560 -16.09 16.38 16.03
CA LEU A 560 -15.96 16.23 14.59
C LEU A 560 -16.77 15.02 14.14
N GLY A 561 -17.27 15.08 12.90
CA GLY A 561 -18.03 13.97 12.35
C GLY A 561 -19.47 13.94 12.83
N THR A 562 -19.99 15.06 13.29
CA THR A 562 -21.37 15.07 13.75
C THR A 562 -22.22 16.10 12.99
N PHE A 563 -22.25 17.33 13.47
CA PHE A 563 -23.06 18.35 12.82
C PHE A 563 -22.65 18.70 11.40
N GLU A 564 -21.35 18.72 11.09
CA GLU A 564 -20.97 19.08 9.74
C GLU A 564 -21.41 17.98 8.77
N VAL A 565 -21.51 16.76 9.27
CA VAL A 565 -21.95 15.64 8.43
C VAL A 565 -23.48 15.70 8.31
N GLU A 566 -24.15 15.85 9.45
CA GLU A 566 -25.60 15.95 9.48
C GLU A 566 -26.12 17.10 8.62
N ASP A 567 -25.45 18.25 8.69
CA ASP A 567 -25.90 19.39 7.90
C ASP A 567 -25.79 19.17 6.39
N GLN A 568 -24.79 18.44 5.93
CA GLN A 568 -24.67 18.14 4.51
C GLN A 568 -25.90 17.31 4.08
N ILE A 569 -26.27 16.35 4.92
CA ILE A 569 -27.40 15.49 4.59
C ILE A 569 -28.67 16.34 4.51
N GLU A 570 -28.84 17.26 5.45
CA GLU A 570 -30.02 18.15 5.48
C GLU A 570 -30.09 18.99 4.22
N ALA A 571 -28.95 19.55 3.81
CA ALA A 571 -28.91 20.37 2.62
C ALA A 571 -29.33 19.56 1.40
N ALA A 572 -28.78 18.36 1.26
CA ALA A 572 -29.12 17.53 0.10
C ALA A 572 -30.61 17.22 0.17
N ARG A 573 -31.07 16.89 1.37
CA ARG A 573 -32.47 16.59 1.59
C ARG A 573 -33.31 17.75 1.10
N GLN A 574 -32.92 18.98 1.42
CA GLN A 574 -33.67 20.13 0.98
C GLN A 574 -33.56 20.37 -0.52
N PHE A 575 -32.39 20.12 -1.10
CA PHE A 575 -32.21 20.30 -2.53
C PHE A 575 -33.01 19.25 -3.31
N SER A 576 -33.18 18.08 -2.71
CA SER A 576 -33.91 17.00 -3.33
C SER A 576 -35.39 17.35 -3.45
N LYS A 577 -35.85 18.22 -2.56
CA LYS A 577 -37.24 18.62 -2.56
C LYS A 577 -37.50 19.78 -3.51
N MET A 578 -36.46 20.25 -4.19
CA MET A 578 -36.65 21.36 -5.13
C MET A 578 -37.13 20.77 -6.47
N GLY A 579 -37.91 21.56 -7.18
CA GLY A 579 -38.46 21.09 -8.43
C GLY A 579 -37.49 20.62 -9.48
N PHE A 580 -36.30 21.21 -9.52
CA PHE A 580 -35.32 20.85 -10.55
C PHE A 580 -34.33 19.74 -10.23
N VAL A 581 -34.47 19.08 -9.09
CA VAL A 581 -33.55 18.03 -8.72
C VAL A 581 -34.16 16.63 -8.81
N ASP A 582 -33.44 15.69 -9.41
CA ASP A 582 -33.93 14.31 -9.52
C ASP A 582 -33.51 13.57 -8.25
N ASN A 583 -34.41 13.50 -7.27
CA ASN A 583 -34.10 12.88 -5.98
C ASN A 583 -33.62 11.43 -6.07
N LYS A 584 -33.69 10.84 -7.26
CA LYS A 584 -33.24 9.46 -7.43
C LYS A 584 -31.78 9.47 -7.85
N ARG A 585 -31.28 10.63 -8.27
CA ARG A 585 -29.88 10.74 -8.69
C ARG A 585 -29.12 11.84 -7.98
N ILE A 586 -28.86 11.59 -6.70
CA ILE A 586 -28.13 12.53 -5.90
C ILE A 586 -26.87 11.84 -5.42
N ALA A 587 -25.73 12.43 -5.76
CA ALA A 587 -24.44 11.89 -5.41
C ALA A 587 -23.69 12.85 -4.49
N ILE A 588 -22.56 12.39 -3.95
CA ILE A 588 -21.75 13.22 -3.07
C ILE A 588 -20.29 12.84 -3.24
N TRP A 589 -19.40 13.83 -3.22
CA TRP A 589 -17.97 13.57 -3.32
C TRP A 589 -17.12 14.60 -2.59
N GLY A 590 -15.95 14.18 -2.15
CA GLY A 590 -15.06 15.05 -1.42
C GLY A 590 -13.65 14.52 -1.40
N TRP A 591 -12.72 15.41 -1.06
CA TRP A 591 -11.31 15.08 -1.03
C TRP A 591 -10.81 15.47 0.36
N SER A 592 -9.94 14.65 0.94
CA SER A 592 -9.39 14.98 2.24
C SER A 592 -10.50 15.07 3.31
N TYR A 593 -10.69 16.23 3.94
CA TYR A 593 -11.75 16.29 4.94
C TYR A 593 -13.08 15.98 4.23
N GLY A 594 -13.17 16.40 2.96
CA GLY A 594 -14.37 16.13 2.18
C GLY A 594 -14.54 14.62 1.94
N GLY A 595 -13.44 13.87 1.93
CA GLY A 595 -13.51 12.44 1.73
C GLY A 595 -14.10 11.79 2.97
N TYR A 596 -13.73 12.31 4.13
CA TYR A 596 -14.23 11.84 5.41
C TYR A 596 -15.74 12.11 5.54
N VAL A 597 -16.15 13.34 5.24
CA VAL A 597 -17.55 13.70 5.34
C VAL A 597 -18.38 12.89 4.34
N THR A 598 -17.86 12.71 3.12
CA THR A 598 -18.55 11.94 2.10
C THR A 598 -18.76 10.50 2.58
N SER A 599 -17.74 9.96 3.23
CA SER A 599 -17.79 8.60 3.77
C SER A 599 -18.77 8.54 4.94
N MET A 600 -18.66 9.48 5.87
CA MET A 600 -19.55 9.51 7.04
C MET A 600 -21.01 9.64 6.57
N VAL A 601 -21.21 10.42 5.50
CA VAL A 601 -22.54 10.59 4.95
C VAL A 601 -23.05 9.29 4.32
N LEU A 602 -22.26 8.68 3.45
CA LEU A 602 -22.66 7.45 2.81
C LEU A 602 -22.93 6.33 3.84
N GLY A 603 -22.23 6.37 4.96
CA GLY A 603 -22.44 5.35 5.98
C GLY A 603 -23.45 5.75 7.04
N SER A 604 -24.25 6.78 6.75
CA SER A 604 -25.25 7.28 7.71
C SER A 604 -26.60 6.59 7.66
N GLY A 605 -26.91 5.95 6.52
CA GLY A 605 -28.19 5.28 6.38
C GLY A 605 -29.35 6.22 6.09
N SER A 606 -29.05 7.42 5.61
CA SER A 606 -30.07 8.40 5.33
C SER A 606 -30.83 8.09 4.06
N GLY A 607 -30.26 7.22 3.22
CA GLY A 607 -30.92 6.88 1.97
C GLY A 607 -31.04 8.02 0.97
N VAL A 608 -30.49 9.19 1.28
CA VAL A 608 -30.59 10.31 0.34
C VAL A 608 -29.65 10.18 -0.88
N PHE A 609 -28.49 9.57 -0.69
CA PHE A 609 -27.51 9.46 -1.78
C PHE A 609 -27.40 8.10 -2.44
N LYS A 610 -27.32 8.09 -3.77
CA LYS A 610 -27.20 6.83 -4.53
C LYS A 610 -25.76 6.33 -4.61
N CYS A 611 -24.81 7.27 -4.67
CA CYS A 611 -23.41 6.92 -4.78
C CYS A 611 -22.53 8.04 -4.24
N GLY A 612 -21.25 7.73 -4.01
CA GLY A 612 -20.34 8.75 -3.51
C GLY A 612 -18.88 8.41 -3.78
N ILE A 613 -18.03 9.44 -3.82
CA ILE A 613 -16.61 9.23 -4.04
C ILE A 613 -15.78 9.92 -2.97
N ALA A 614 -14.93 9.14 -2.31
CA ALA A 614 -14.06 9.64 -1.25
C ALA A 614 -12.60 9.53 -1.70
N VAL A 615 -11.90 10.67 -1.77
CA VAL A 615 -10.51 10.70 -2.18
C VAL A 615 -9.64 11.08 -0.99
N ALA A 616 -8.62 10.23 -0.70
CA ALA A 616 -7.70 10.45 0.42
C ALA A 616 -8.44 10.93 1.66
N PRO A 617 -9.45 10.19 2.09
CA PRO A 617 -10.20 10.61 3.27
C PRO A 617 -9.55 10.25 4.59
N VAL A 618 -9.99 10.94 5.64
CA VAL A 618 -9.54 10.64 6.97
C VAL A 618 -10.60 9.59 7.33
N SER A 619 -10.24 8.55 8.07
CA SER A 619 -11.21 7.52 8.43
C SER A 619 -11.41 7.45 9.95
N ARG A 620 -10.38 7.75 10.73
CA ARG A 620 -10.50 7.80 12.19
C ARG A 620 -9.50 8.84 12.67
N TRP A 621 -9.95 9.75 13.52
CA TRP A 621 -9.08 10.83 13.98
C TRP A 621 -7.76 10.45 14.66
N GLU A 622 -7.71 9.28 15.27
CA GLU A 622 -6.45 8.90 15.89
C GLU A 622 -5.34 8.68 14.85
N TYR A 623 -5.68 8.64 13.56
CA TYR A 623 -4.66 8.43 12.52
C TYR A 623 -4.10 9.74 12.00
N TYR A 624 -4.78 10.85 12.30
CA TYR A 624 -4.32 12.14 11.80
C TYR A 624 -3.38 12.85 12.79
N ASP A 625 -2.69 13.90 12.35
CA ASP A 625 -1.74 14.56 13.24
C ASP A 625 -2.31 15.28 14.45
N SER A 626 -1.49 15.36 15.48
CA SER A 626 -1.87 15.96 16.75
C SER A 626 -2.29 17.43 16.69
N VAL A 627 -1.47 18.28 16.07
CA VAL A 627 -1.77 19.69 16.01
C VAL A 627 -3.12 20.04 15.40
N TYR A 628 -3.48 19.42 14.29
CA TYR A 628 -4.76 19.72 13.68
C TYR A 628 -5.91 19.03 14.40
N THR A 629 -5.75 17.72 14.64
CA THR A 629 -6.79 16.93 15.29
C THR A 629 -7.18 17.36 16.70
N GLU A 630 -6.19 17.48 17.58
CA GLU A 630 -6.44 17.85 18.97
C GLU A 630 -7.03 19.26 19.07
N ARG A 631 -6.71 20.08 18.09
CA ARG A 631 -7.24 21.43 18.06
C ARG A 631 -8.75 21.40 18.13
N TYR A 632 -9.33 20.44 17.43
CA TYR A 632 -10.77 20.30 17.38
C TYR A 632 -11.30 19.23 18.30
N MET A 633 -10.49 18.19 18.54
CA MET A 633 -10.94 17.06 19.34
C MET A 633 -10.34 16.86 20.73
N GLY A 634 -9.48 17.76 21.20
CA GLY A 634 -8.88 17.51 22.49
C GLY A 634 -8.02 16.24 22.39
N LEU A 635 -7.68 15.64 23.53
CA LEU A 635 -6.85 14.45 23.55
C LEU A 635 -7.65 13.16 23.55
N PRO A 636 -7.14 12.10 22.91
CA PRO A 636 -7.83 10.81 22.85
C PRO A 636 -7.49 9.93 24.04
N THR A 637 -7.93 10.36 25.22
CA THR A 637 -7.74 9.61 26.46
C THR A 637 -9.08 9.52 27.12
N PRO A 638 -9.29 8.50 27.97
CA PRO A 638 -10.60 8.38 28.62
C PRO A 638 -10.96 9.60 29.47
N GLU A 639 -9.95 10.25 30.03
CA GLU A 639 -10.19 11.45 30.85
C GLU A 639 -10.56 12.65 29.99
N ASP A 640 -10.19 12.64 28.72
CA ASP A 640 -10.51 13.79 27.87
C ASP A 640 -11.62 13.54 26.84
N ASN A 641 -11.28 13.11 25.63
CA ASN A 641 -12.32 12.92 24.62
C ASN A 641 -12.25 11.62 23.79
N LEU A 642 -11.78 10.55 24.41
CA LEU A 642 -11.64 9.29 23.69
C LEU A 642 -12.95 8.72 23.14
N ASP A 643 -14.00 8.69 23.94
CA ASP A 643 -15.27 8.15 23.47
C ASP A 643 -15.69 8.74 22.13
N HIS A 644 -15.54 10.05 21.96
CA HIS A 644 -15.94 10.59 20.69
C HIS A 644 -14.92 10.33 19.57
N TYR A 645 -13.67 10.03 19.94
CA TYR A 645 -12.66 9.70 18.95
C TYR A 645 -13.06 8.36 18.34
N ARG A 646 -13.56 7.47 19.21
CA ARG A 646 -13.95 6.12 18.81
C ARG A 646 -15.32 6.06 18.14
N ASN A 647 -16.19 7.02 18.44
CA ASN A 647 -17.53 7.04 17.85
C ASN A 647 -17.60 7.73 16.49
N SER A 648 -16.55 8.44 16.12
CA SER A 648 -16.58 9.20 14.88
C SER A 648 -15.77 8.62 13.74
N THR A 649 -15.66 7.30 13.68
CA THR A 649 -14.89 6.69 12.61
C THR A 649 -15.78 6.27 11.46
N VAL A 650 -15.19 6.13 10.29
CA VAL A 650 -15.91 5.71 9.12
C VAL A 650 -16.17 4.22 9.26
N MET A 651 -15.14 3.48 9.69
CA MET A 651 -15.21 2.03 9.89
C MET A 651 -16.42 1.53 10.69
N SER A 652 -16.83 2.25 11.73
CA SER A 652 -17.98 1.77 12.50
C SER A 652 -19.29 1.82 11.71
N ARG A 653 -19.29 2.53 10.58
CA ARG A 653 -20.49 2.64 9.77
C ARG A 653 -20.51 1.74 8.55
N ALA A 654 -19.48 0.91 8.41
CA ALA A 654 -19.35 -0.01 7.26
C ALA A 654 -20.67 -0.62 6.76
N GLU A 655 -21.40 -1.27 7.66
CA GLU A 655 -22.67 -1.93 7.36
C GLU A 655 -23.64 -1.06 6.56
N ASN A 656 -23.72 0.22 6.91
CA ASN A 656 -24.62 1.12 6.23
C ASN A 656 -24.27 1.41 4.77
N PHE A 657 -23.12 0.95 4.30
CA PHE A 657 -22.71 1.18 2.91
C PHE A 657 -23.35 0.16 1.95
N LYS A 658 -24.08 -0.80 2.52
CA LYS A 658 -24.72 -1.84 1.73
C LYS A 658 -25.67 -1.31 0.66
N GLN A 659 -26.32 -0.17 0.93
CA GLN A 659 -27.27 0.40 -0.03
C GLN A 659 -26.80 1.56 -0.90
N VAL A 660 -25.48 1.71 -1.09
CA VAL A 660 -24.96 2.80 -1.91
C VAL A 660 -23.76 2.34 -2.73
N GLU A 661 -23.44 3.07 -3.79
CA GLU A 661 -22.28 2.76 -4.61
C GLU A 661 -21.18 3.68 -4.11
N TYR A 662 -20.03 3.09 -3.80
CA TYR A 662 -18.94 3.85 -3.24
C TYR A 662 -17.63 3.60 -3.95
N LEU A 663 -16.95 4.69 -4.29
CA LEU A 663 -15.65 4.61 -4.94
C LEU A 663 -14.68 5.22 -3.95
N LEU A 664 -13.65 4.46 -3.59
CA LEU A 664 -12.63 4.91 -2.63
C LEU A 664 -11.28 4.99 -3.35
N ILE A 665 -10.66 6.18 -3.29
CA ILE A 665 -9.40 6.45 -3.96
C ILE A 665 -8.35 7.02 -2.99
N HIS A 666 -7.09 6.65 -3.15
CA HIS A 666 -6.04 7.17 -2.27
C HIS A 666 -4.63 6.93 -2.86
N GLY A 667 -3.72 7.90 -2.68
CA GLY A 667 -2.37 7.73 -3.20
C GLY A 667 -1.55 6.96 -2.17
N THR A 668 -0.75 6.00 -2.61
CA THR A 668 0.05 5.20 -1.66
C THR A 668 1.15 5.92 -0.93
N ALA A 669 1.58 7.06 -1.46
CA ALA A 669 2.63 7.84 -0.84
C ALA A 669 2.07 9.12 -0.18
N ASP A 670 0.85 9.05 0.31
CA ASP A 670 0.27 10.23 0.97
C ASP A 670 0.91 10.33 2.35
N ASP A 671 1.69 11.38 2.56
CA ASP A 671 2.39 11.62 3.82
C ASP A 671 1.52 12.42 4.79
N ASN A 672 0.43 12.97 4.28
CA ASN A 672 -0.48 13.77 5.09
C ASN A 672 -1.58 12.89 5.70
N VAL A 673 -2.48 12.39 4.85
CA VAL A 673 -3.54 11.48 5.27
C VAL A 673 -3.03 10.15 4.77
N HIS A 674 -2.43 9.40 5.67
CA HIS A 674 -1.81 8.14 5.32
C HIS A 674 -2.72 7.14 4.62
N PHE A 675 -2.16 6.41 3.67
CA PHE A 675 -2.92 5.40 2.93
C PHE A 675 -3.68 4.53 3.95
N GLN A 676 -3.06 4.34 5.10
CA GLN A 676 -3.62 3.57 6.20
C GLN A 676 -5.10 3.88 6.42
N GLN A 677 -5.47 5.15 6.38
CA GLN A 677 -6.85 5.55 6.61
C GLN A 677 -7.81 4.85 5.64
N SER A 678 -7.47 4.83 4.35
CA SER A 678 -8.30 4.14 3.38
C SER A 678 -8.14 2.63 3.48
N ALA A 679 -6.96 2.14 3.88
CA ALA A 679 -6.77 0.70 4.02
C ALA A 679 -7.68 0.14 5.12
N GLN A 680 -7.97 0.92 6.15
CA GLN A 680 -8.85 0.44 7.21
C GLN A 680 -10.32 0.51 6.77
N ILE A 681 -10.65 1.50 5.95
CA ILE A 681 -12.00 1.63 5.43
C ILE A 681 -12.31 0.39 4.58
N SER A 682 -11.43 0.11 3.63
CA SER A 682 -11.64 -1.03 2.73
C SER A 682 -11.74 -2.32 3.52
N LYS A 683 -10.89 -2.50 4.55
CA LYS A 683 -10.93 -3.73 5.37
C LYS A 683 -12.27 -3.87 6.12
N ALA A 684 -12.81 -2.76 6.61
CA ALA A 684 -14.08 -2.81 7.33
C ALA A 684 -15.24 -3.14 6.38
N LEU A 685 -15.17 -2.63 5.15
CA LEU A 685 -16.23 -2.89 4.18
C LEU A 685 -16.19 -4.36 3.78
N VAL A 686 -14.98 -4.87 3.61
CA VAL A 686 -14.78 -6.27 3.27
C VAL A 686 -15.29 -7.13 4.41
N ASP A 687 -14.98 -6.74 5.65
CA ASP A 687 -15.41 -7.51 6.80
C ASP A 687 -16.91 -7.65 6.95
N VAL A 688 -17.70 -6.73 6.36
CA VAL A 688 -19.16 -6.88 6.45
C VAL A 688 -19.80 -7.29 5.12
N GLY A 689 -19.00 -7.71 4.17
CA GLY A 689 -19.53 -8.14 2.89
C GLY A 689 -20.13 -7.05 2.00
N VAL A 690 -19.59 -5.83 2.05
CA VAL A 690 -20.13 -4.80 1.18
C VAL A 690 -19.16 -4.57 0.02
N ASP A 691 -19.70 -4.61 -1.19
CA ASP A 691 -18.88 -4.42 -2.38
C ASP A 691 -18.72 -2.93 -2.64
N PHE A 692 -17.61 -2.57 -3.28
CA PHE A 692 -17.34 -1.16 -3.60
C PHE A 692 -16.23 -1.05 -4.63
N GLN A 693 -16.02 0.16 -5.14
CA GLN A 693 -14.98 0.43 -6.14
C GLN A 693 -13.78 1.06 -5.44
N ALA A 694 -12.59 0.81 -5.96
CA ALA A 694 -11.39 1.35 -5.37
C ALA A 694 -10.35 1.65 -6.41
N MET A 695 -9.44 2.55 -6.07
CA MET A 695 -8.33 2.88 -6.92
C MET A 695 -7.23 3.47 -6.06
N TRP A 696 -6.05 2.87 -6.13
CA TRP A 696 -4.90 3.40 -5.40
C TRP A 696 -4.06 4.07 -6.49
N TYR A 697 -3.25 5.05 -6.12
CA TYR A 697 -2.38 5.70 -7.08
C TYR A 697 -0.96 5.57 -6.55
N THR A 698 -0.19 4.71 -7.20
CA THR A 698 1.18 4.45 -6.82
C THR A 698 2.05 5.70 -6.77
N ASP A 699 2.68 5.90 -5.62
CA ASP A 699 3.61 7.01 -5.35
C ASP A 699 3.04 8.42 -5.37
N GLU A 700 1.71 8.54 -5.42
CA GLU A 700 1.08 9.86 -5.42
C GLU A 700 0.82 10.25 -3.96
N ASP A 701 0.85 11.55 -3.67
CA ASP A 701 0.62 11.98 -2.29
C ASP A 701 -0.78 12.58 -2.10
N HIS A 702 -0.97 13.35 -1.03
CA HIS A 702 -2.29 13.90 -0.77
C HIS A 702 -2.86 14.72 -1.94
N GLY A 703 -1.99 15.29 -2.76
CA GLY A 703 -2.49 16.09 -3.86
C GLY A 703 -2.84 15.35 -5.15
N ILE A 704 -2.33 14.13 -5.31
CA ILE A 704 -2.54 13.32 -6.51
C ILE A 704 -2.50 14.23 -7.73
N ALA A 705 -1.51 15.13 -7.74
CA ALA A 705 -1.37 16.13 -8.78
C ALA A 705 -0.36 15.91 -9.88
N SER A 706 0.37 14.80 -9.89
CA SER A 706 1.29 14.62 -11.00
C SER A 706 0.37 14.68 -12.22
N SER A 707 0.91 15.12 -13.36
CA SER A 707 0.12 15.26 -14.58
C SER A 707 -0.70 14.05 -15.01
N THR A 708 -0.06 12.90 -15.14
CA THR A 708 -0.76 11.70 -15.55
C THR A 708 -1.77 11.22 -14.48
N ALA A 709 -1.39 11.28 -13.21
CA ALA A 709 -2.29 10.82 -12.15
C ALA A 709 -3.53 11.67 -12.10
N HIS A 710 -3.34 12.99 -12.21
CA HIS A 710 -4.43 13.97 -12.19
C HIS A 710 -5.45 13.66 -13.28
N GLN A 711 -4.98 13.47 -14.50
CA GLN A 711 -5.85 13.13 -15.60
C GLN A 711 -6.53 11.78 -15.35
N HIS A 712 -5.78 10.83 -14.80
CA HIS A 712 -6.35 9.52 -14.55
C HIS A 712 -7.44 9.51 -13.48
N ILE A 713 -7.25 10.24 -12.37
CA ILE A 713 -8.27 10.20 -11.34
C ILE A 713 -9.54 10.83 -11.79
N TYR A 714 -9.45 12.01 -12.40
CA TYR A 714 -10.67 12.67 -12.85
C TYR A 714 -11.36 11.91 -13.97
N THR A 715 -10.60 11.16 -14.76
CA THR A 715 -11.20 10.36 -15.82
C THR A 715 -11.97 9.20 -15.18
N HIS A 716 -11.32 8.51 -14.24
CA HIS A 716 -11.95 7.38 -13.55
C HIS A 716 -13.20 7.81 -12.77
N MET A 717 -13.12 8.96 -12.10
CA MET A 717 -14.27 9.44 -11.35
C MET A 717 -15.39 9.86 -12.29
N SER A 718 -15.05 10.40 -13.46
CA SER A 718 -16.07 10.81 -14.41
C SER A 718 -16.90 9.61 -14.86
N HIS A 719 -16.22 8.50 -15.18
CA HIS A 719 -16.94 7.30 -15.61
C HIS A 719 -17.86 6.85 -14.47
N PHE A 720 -17.35 6.89 -13.24
CA PHE A 720 -18.14 6.45 -12.10
C PHE A 720 -19.40 7.27 -11.91
N ILE A 721 -19.29 8.60 -11.94
CA ILE A 721 -20.46 9.46 -11.76
C ILE A 721 -21.46 9.31 -12.92
N LYS A 722 -20.98 9.31 -14.16
CA LYS A 722 -21.86 9.14 -15.30
C LYS A 722 -22.60 7.81 -15.23
N GLN A 723 -21.92 6.76 -14.84
CA GLN A 723 -22.53 5.45 -14.70
C GLN A 723 -23.59 5.47 -13.57
N CYS A 724 -23.27 6.08 -12.44
CA CYS A 724 -24.23 6.18 -11.33
C CYS A 724 -25.51 6.92 -11.75
N PHE A 725 -25.39 7.87 -12.68
CA PHE A 725 -26.52 8.66 -13.15
C PHE A 725 -27.14 8.16 -14.47
N SER A 726 -26.64 7.06 -14.99
CA SER A 726 -27.14 6.50 -16.25
C SER A 726 -27.03 7.53 -17.37
N LEU A 727 -25.88 8.20 -17.40
CA LEU A 727 -25.60 9.22 -18.40
C LEU A 727 -24.69 8.65 -19.49
N PRO A 728 -25.06 8.87 -20.77
CA PRO A 728 -24.29 8.40 -21.93
C PRO A 728 -22.81 8.79 -21.81
N THR B 1 -37.32 -27.05 -13.61
CA THR B 1 -36.96 -26.21 -12.42
C THR B 1 -35.51 -26.49 -11.99
N ARG B 2 -35.30 -27.16 -10.85
CA ARG B 2 -33.97 -27.48 -10.32
C ARG B 2 -33.03 -26.27 -10.27
N LYS B 3 -32.64 -25.90 -9.05
CA LYS B 3 -31.74 -24.77 -8.85
C LYS B 3 -30.37 -25.05 -9.48
N THR B 4 -29.63 -23.99 -9.74
CA THR B 4 -28.31 -24.11 -10.32
C THR B 4 -27.28 -23.92 -9.21
N TYR B 5 -26.00 -24.07 -9.54
CA TYR B 5 -24.94 -23.89 -8.56
C TYR B 5 -24.58 -22.40 -8.57
N THR B 6 -25.09 -21.68 -7.58
CA THR B 6 -24.91 -20.23 -7.45
C THR B 6 -23.60 -19.80 -6.79
N LEU B 7 -23.34 -18.50 -6.86
CA LEU B 7 -22.13 -17.95 -6.27
C LEU B 7 -22.15 -18.18 -4.77
N THR B 8 -23.31 -18.01 -4.16
CA THR B 8 -23.44 -18.20 -2.71
C THR B 8 -23.15 -19.63 -2.31
N ASP B 9 -23.59 -20.58 -3.13
CA ASP B 9 -23.34 -21.98 -2.86
C ASP B 9 -21.84 -22.21 -2.75
N TYR B 10 -21.08 -21.59 -3.64
CA TYR B 10 -19.64 -21.72 -3.59
C TYR B 10 -19.07 -20.96 -2.38
N LEU B 11 -19.42 -19.69 -2.24
CA LEU B 11 -18.91 -18.89 -1.13
C LEU B 11 -19.33 -19.35 0.26
N LYS B 12 -20.50 -19.97 0.36
CA LYS B 12 -20.96 -20.43 1.67
C LYS B 12 -20.72 -21.92 1.87
N ASN B 13 -20.15 -22.56 0.85
CA ASN B 13 -19.85 -23.99 0.91
C ASN B 13 -21.09 -24.82 1.26
N THR B 14 -22.21 -24.60 0.59
CA THR B 14 -23.39 -25.37 0.90
C THR B 14 -23.18 -26.84 0.50
N TYR B 15 -22.54 -27.07 -0.63
CA TYR B 15 -22.30 -28.45 -1.07
C TYR B 15 -20.89 -28.86 -0.65
N ARG B 16 -20.79 -29.44 0.55
CA ARG B 16 -19.52 -29.82 1.13
C ARG B 16 -18.98 -31.15 0.63
N LEU B 17 -17.71 -31.11 0.23
CA LEU B 17 -17.01 -32.29 -0.26
C LEU B 17 -16.47 -33.01 0.98
N LYS B 18 -16.78 -34.30 1.10
CA LYS B 18 -16.29 -35.07 2.23
C LYS B 18 -14.97 -35.76 1.89
N LEU B 19 -14.15 -35.95 2.89
CA LEU B 19 -12.89 -36.63 2.68
C LEU B 19 -12.62 -37.55 3.86
N TYR B 20 -11.51 -38.28 3.80
CA TYR B 20 -11.20 -39.19 4.89
C TYR B 20 -9.72 -39.10 5.25
N SER B 21 -9.38 -38.15 6.11
CA SER B 21 -8.00 -37.94 6.53
C SER B 21 -7.65 -38.86 7.68
N LEU B 22 -6.75 -39.79 7.45
CA LEU B 22 -6.36 -40.72 8.49
C LEU B 22 -4.86 -40.56 8.71
N ARG B 23 -4.37 -41.06 9.84
CA ARG B 23 -2.95 -40.99 10.16
C ARG B 23 -2.46 -42.36 10.65
N TRP B 24 -1.67 -43.03 9.84
CA TRP B 24 -1.14 -44.32 10.20
C TRP B 24 -0.25 -44.14 11.42
N ILE B 25 -0.35 -45.04 12.39
CA ILE B 25 0.48 -44.95 13.59
C ILE B 25 1.34 -46.20 13.68
N SER B 26 1.08 -47.16 12.80
CA SER B 26 1.84 -48.40 12.76
C SER B 26 1.63 -49.09 11.41
N ASP B 27 1.95 -50.37 11.34
CA ASP B 27 1.76 -51.09 10.09
C ASP B 27 0.31 -51.50 9.85
N HIS B 28 -0.56 -51.35 10.85
CA HIS B 28 -1.95 -51.75 10.65
C HIS B 28 -2.99 -51.02 11.48
N GLU B 29 -2.64 -49.85 12.00
CA GLU B 29 -3.58 -49.04 12.75
C GLU B 29 -3.43 -47.59 12.32
N TYR B 30 -4.54 -46.86 12.33
CA TYR B 30 -4.52 -45.46 11.97
C TYR B 30 -5.50 -44.71 12.85
N LEU B 31 -5.33 -43.39 12.90
CA LEU B 31 -6.18 -42.53 13.69
C LEU B 31 -7.15 -41.78 12.77
N TYR B 32 -8.35 -41.56 13.27
CA TYR B 32 -9.35 -40.86 12.50
C TYR B 32 -10.13 -39.97 13.46
N LYS B 33 -10.48 -38.78 12.99
CA LYS B 33 -11.22 -37.81 13.80
C LYS B 33 -12.72 -37.93 13.52
N GLN B 34 -13.47 -38.50 14.46
CA GLN B 34 -14.91 -38.64 14.31
C GLN B 34 -15.67 -38.02 15.48
N GLU B 35 -16.15 -36.81 15.28
CA GLU B 35 -16.89 -36.05 16.30
C GLU B 35 -16.02 -35.55 17.44
N ASN B 36 -15.00 -34.77 17.07
CA ASN B 36 -14.08 -34.19 18.04
C ASN B 36 -13.16 -35.15 18.76
N ASN B 37 -13.54 -36.43 18.84
CA ASN B 37 -12.66 -37.38 19.51
C ASN B 37 -11.87 -38.19 18.51
N ILE B 38 -10.71 -38.65 18.97
CA ILE B 38 -9.81 -39.42 18.13
C ILE B 38 -9.98 -40.91 18.33
N LEU B 39 -10.30 -41.61 17.24
CA LEU B 39 -10.46 -43.04 17.32
C LEU B 39 -9.29 -43.70 16.62
N VAL B 40 -9.02 -44.94 17.02
CA VAL B 40 -7.95 -45.71 16.40
C VAL B 40 -8.68 -46.82 15.63
N PHE B 41 -8.21 -47.10 14.41
CA PHE B 41 -8.81 -48.11 13.55
C PHE B 41 -7.89 -49.28 13.22
N ASN B 42 -8.46 -50.49 13.21
CA ASN B 42 -7.70 -51.68 12.85
C ASN B 42 -7.92 -51.79 11.33
N ALA B 43 -6.85 -51.69 10.55
CA ALA B 43 -6.95 -51.76 9.10
C ALA B 43 -7.53 -53.08 8.63
N GLU B 44 -7.01 -54.16 9.18
CA GLU B 44 -7.41 -55.52 8.86
C GLU B 44 -8.91 -55.80 8.88
N TYR B 45 -9.57 -55.42 9.96
CA TYR B 45 -10.99 -55.69 10.11
C TYR B 45 -11.93 -54.47 10.10
N GLY B 46 -11.38 -53.28 10.32
CA GLY B 46 -12.21 -52.10 10.29
C GLY B 46 -12.85 -51.74 11.61
N ASN B 47 -12.57 -52.51 12.64
CA ASN B 47 -13.12 -52.23 13.97
C ASN B 47 -12.26 -51.12 14.57
N SER B 48 -12.83 -50.37 15.49
CA SER B 48 -12.10 -49.29 16.13
C SER B 48 -12.36 -49.21 17.64
N SER B 49 -11.79 -48.19 18.26
CA SER B 49 -11.94 -47.91 19.68
C SER B 49 -11.62 -46.43 19.85
N VAL B 50 -12.06 -45.87 20.98
CA VAL B 50 -11.81 -44.47 21.27
C VAL B 50 -10.37 -44.36 21.78
N PHE B 51 -9.54 -43.66 21.02
CA PHE B 51 -8.15 -43.48 21.38
C PHE B 51 -8.03 -42.35 22.39
N LEU B 52 -8.69 -41.23 22.09
CA LEU B 52 -8.67 -40.09 22.98
C LEU B 52 -9.99 -39.35 22.90
N GLU B 53 -10.83 -39.55 23.93
CA GLU B 53 -12.16 -38.92 23.98
C GLU B 53 -12.07 -37.40 23.93
N ASN B 54 -12.95 -36.80 23.14
CA ASN B 54 -12.99 -35.35 22.96
C ASN B 54 -13.08 -34.55 24.27
N SER B 55 -13.77 -35.08 25.27
CA SER B 55 -13.93 -34.40 26.55
C SER B 55 -12.63 -34.39 27.38
N THR B 56 -11.55 -34.88 26.81
CA THR B 56 -10.29 -34.93 27.55
C THR B 56 -9.68 -33.56 27.84
N PHE B 57 -9.66 -32.68 26.85
CA PHE B 57 -9.07 -31.35 27.05
C PHE B 57 -10.08 -30.20 27.10
N ASP B 58 -11.21 -30.44 27.77
CA ASP B 58 -12.25 -29.41 27.90
C ASP B 58 -11.76 -28.26 28.77
N GLU B 59 -11.28 -28.59 29.96
CA GLU B 59 -10.80 -27.53 30.86
C GLU B 59 -9.31 -27.26 30.65
N PHE B 60 -8.86 -27.43 29.40
CA PHE B 60 -7.46 -27.18 29.06
C PHE B 60 -7.16 -25.69 29.21
N GLY B 61 -8.18 -24.89 28.92
CA GLY B 61 -8.04 -23.44 29.01
C GLY B 61 -7.60 -22.85 27.70
N HIS B 62 -7.40 -23.71 26.69
CA HIS B 62 -6.96 -23.27 25.37
C HIS B 62 -7.55 -24.12 24.25
N SER B 63 -7.81 -23.48 23.11
CA SER B 63 -8.34 -24.19 21.96
C SER B 63 -7.15 -24.88 21.27
N ILE B 64 -7.25 -26.20 21.12
CA ILE B 64 -6.17 -27.00 20.51
C ILE B 64 -6.25 -27.07 18.99
N ASN B 65 -5.24 -26.52 18.33
CA ASN B 65 -5.16 -26.46 16.87
C ASN B 65 -4.82 -27.79 16.17
N ASP B 66 -3.94 -28.58 16.78
CA ASP B 66 -3.53 -29.86 16.20
C ASP B 66 -2.86 -30.72 17.27
N TYR B 67 -2.67 -32.00 16.98
CA TYR B 67 -2.04 -32.92 17.93
C TYR B 67 -1.04 -33.79 17.18
N SER B 68 -0.19 -34.49 17.92
CA SER B 68 0.81 -35.36 17.31
C SER B 68 1.23 -36.44 18.31
N ILE B 69 1.03 -37.70 17.95
CA ILE B 69 1.39 -38.80 18.85
C ILE B 69 2.82 -39.25 18.61
N SER B 70 3.58 -39.41 19.68
CA SER B 70 4.94 -39.85 19.55
C SER B 70 4.93 -41.25 18.92
N PRO B 71 5.99 -41.59 18.18
CA PRO B 71 6.06 -42.90 17.55
C PRO B 71 5.70 -44.09 18.44
N ASP B 72 6.13 -44.06 19.71
CA ASP B 72 5.85 -45.18 20.60
C ASP B 72 4.50 -45.12 21.29
N GLY B 73 3.66 -44.17 20.87
CA GLY B 73 2.34 -44.03 21.45
C GLY B 73 2.28 -43.62 22.91
N GLN B 74 3.44 -43.43 23.55
CA GLN B 74 3.47 -43.05 24.96
C GLN B 74 3.11 -41.61 25.30
N PHE B 75 3.19 -40.70 24.33
CA PHE B 75 2.90 -39.29 24.56
C PHE B 75 2.19 -38.64 23.40
N ILE B 76 1.54 -37.51 23.69
CA ILE B 76 0.87 -36.76 22.64
C ILE B 76 1.21 -35.28 22.72
N LEU B 77 1.64 -34.73 21.58
CA LEU B 77 2.01 -33.34 21.49
C LEU B 77 0.76 -32.53 21.16
N LEU B 78 0.47 -31.50 21.97
CA LEU B 78 -0.70 -30.66 21.76
C LEU B 78 -0.25 -29.29 21.32
N GLU B 79 -0.86 -28.80 20.25
CA GLU B 79 -0.47 -27.51 19.71
C GLU B 79 -1.61 -26.50 19.81
N TYR B 80 -1.29 -25.30 20.28
CA TYR B 80 -2.30 -24.25 20.37
C TYR B 80 -1.63 -22.91 20.16
N ASN B 81 -2.42 -21.83 20.21
CA ASN B 81 -1.91 -20.49 20.00
C ASN B 81 -1.24 -20.42 18.63
N TYR B 82 -1.87 -21.08 17.66
CA TYR B 82 -1.37 -21.13 16.31
C TYR B 82 -1.34 -19.74 15.67
N VAL B 83 -0.17 -19.33 15.22
CA VAL B 83 -0.02 -18.04 14.56
C VAL B 83 0.69 -18.26 13.24
N LYS B 84 -0.07 -18.26 12.15
CA LYS B 84 0.49 -18.48 10.83
C LYS B 84 1.54 -17.47 10.40
N GLN B 85 2.55 -17.94 9.68
CA GLN B 85 3.56 -17.04 9.15
C GLN B 85 3.47 -17.11 7.61
N TRP B 86 4.35 -17.87 6.96
CA TRP B 86 4.29 -17.95 5.50
C TRP B 86 3.48 -19.17 5.05
N ARG B 87 3.87 -19.77 3.93
CA ARG B 87 3.12 -20.89 3.40
C ARG B 87 3.15 -22.14 4.30
N HIS B 88 4.27 -22.41 4.93
CA HIS B 88 4.38 -23.57 5.81
C HIS B 88 4.73 -23.20 7.26
N SER B 89 5.44 -22.08 7.43
CA SER B 89 5.87 -21.65 8.76
C SER B 89 4.74 -21.06 9.58
N TYR B 90 4.90 -21.17 10.89
CA TYR B 90 3.97 -20.61 11.87
C TYR B 90 4.60 -20.79 13.25
N THR B 91 4.02 -20.17 14.27
CA THR B 91 4.52 -20.33 15.64
C THR B 91 3.35 -20.82 16.49
N ALA B 92 3.66 -21.44 17.62
CA ALA B 92 2.61 -21.94 18.47
C ALA B 92 3.15 -22.35 19.83
N SER B 93 2.24 -22.74 20.71
CA SER B 93 2.61 -23.21 22.05
C SER B 93 2.35 -24.71 22.05
N TYR B 94 2.99 -25.43 22.96
CA TYR B 94 2.82 -26.86 23.00
C TYR B 94 2.85 -27.40 24.41
N ASP B 95 2.11 -28.47 24.63
CA ASP B 95 2.15 -29.12 25.93
C ASP B 95 2.19 -30.57 25.59
N ILE B 96 2.81 -31.35 26.46
CA ILE B 96 2.92 -32.77 26.22
C ILE B 96 2.03 -33.45 27.25
N TYR B 97 1.18 -34.32 26.76
CA TYR B 97 0.27 -35.07 27.61
C TYR B 97 0.79 -36.50 27.68
N ASP B 98 0.95 -37.00 28.89
CA ASP B 98 1.44 -38.35 29.10
C ASP B 98 0.24 -39.30 28.95
N LEU B 99 0.18 -40.05 27.84
CA LEU B 99 -0.95 -40.95 27.59
C LEU B 99 -1.05 -42.12 28.56
N ASN B 100 0.04 -42.42 29.28
CA ASN B 100 0.02 -43.53 30.23
C ASN B 100 -0.57 -43.12 31.58
N LYS B 101 -0.04 -42.03 32.12
CA LYS B 101 -0.48 -41.51 33.41
C LYS B 101 -1.66 -40.55 33.23
N ARG B 102 -2.10 -40.38 31.99
CA ARG B 102 -3.20 -39.49 31.67
C ARG B 102 -3.08 -38.14 32.36
N GLN B 103 -1.85 -37.63 32.40
CA GLN B 103 -1.57 -36.32 33.00
C GLN B 103 -0.93 -35.42 31.97
N LEU B 104 -0.93 -34.13 32.26
CA LEU B 104 -0.36 -33.14 31.37
C LEU B 104 0.96 -32.74 31.98
N ILE B 105 2.06 -32.96 31.26
CA ILE B 105 3.36 -32.61 31.77
C ILE B 105 3.45 -31.10 32.03
N THR B 106 3.90 -30.75 33.23
CA THR B 106 3.97 -29.34 33.63
C THR B 106 5.37 -28.82 33.90
N GLU B 107 6.38 -29.67 33.76
CA GLU B 107 7.74 -29.23 34.03
C GLU B 107 8.59 -29.25 32.76
N GLU B 108 9.59 -28.36 32.72
CA GLU B 108 10.48 -28.28 31.58
C GLU B 108 9.64 -28.31 30.31
N ARG B 109 8.65 -27.42 30.23
CA ARG B 109 7.79 -27.41 29.06
C ARG B 109 8.37 -26.66 27.89
N ILE B 110 7.87 -27.01 26.71
CA ILE B 110 8.31 -26.40 25.48
C ILE B 110 8.02 -24.92 25.53
N PRO B 111 9.03 -24.09 25.26
CA PRO B 111 8.89 -22.63 25.28
C PRO B 111 7.74 -22.15 24.42
N ASN B 112 7.22 -20.98 24.73
CA ASN B 112 6.15 -20.41 23.93
C ASN B 112 6.86 -19.78 22.74
N ASN B 113 6.15 -19.66 21.63
CA ASN B 113 6.73 -19.08 20.41
C ASN B 113 7.73 -20.05 19.80
N THR B 114 7.45 -21.33 19.91
CA THR B 114 8.33 -22.34 19.32
C THR B 114 8.02 -22.35 17.83
N GLN B 115 9.08 -22.25 17.05
CA GLN B 115 8.99 -22.18 15.60
C GLN B 115 8.74 -23.50 14.93
N TRP B 116 9.22 -24.59 15.53
CA TRP B 116 9.03 -25.91 14.97
C TRP B 116 9.37 -26.98 15.99
N VAL B 117 8.56 -28.05 15.99
CA VAL B 117 8.73 -29.20 16.90
C VAL B 117 8.54 -30.49 16.11
N THR B 118 9.30 -31.52 16.47
CA THR B 118 9.14 -32.82 15.82
C THR B 118 9.62 -33.97 16.70
N TRP B 119 8.84 -35.04 16.76
CA TRP B 119 9.20 -36.20 17.57
C TRP B 119 10.34 -36.88 16.83
N SER B 120 11.07 -37.76 17.52
CA SER B 120 12.11 -38.52 16.83
C SER B 120 11.29 -39.56 16.06
N PRO B 121 11.85 -40.12 14.96
CA PRO B 121 11.06 -41.10 14.20
C PRO B 121 10.66 -42.35 15.00
N VAL B 122 11.44 -42.65 16.04
CA VAL B 122 11.16 -43.79 16.90
C VAL B 122 11.29 -43.31 18.33
N GLY B 123 10.54 -43.92 19.24
CA GLY B 123 10.60 -43.52 20.64
C GLY B 123 9.77 -42.28 20.92
N HIS B 124 10.31 -41.40 21.76
CA HIS B 124 9.61 -40.17 22.13
C HIS B 124 10.54 -38.98 22.38
N LYS B 125 11.69 -38.97 21.72
CA LYS B 125 12.62 -37.85 21.84
C LYS B 125 11.97 -36.69 21.07
N LEU B 126 12.32 -35.47 21.45
CA LEU B 126 11.79 -34.28 20.79
C LEU B 126 12.90 -33.35 20.40
N ALA B 127 12.68 -32.63 19.31
CA ALA B 127 13.63 -31.66 18.82
C ALA B 127 12.77 -30.45 18.44
N TYR B 128 13.20 -29.26 18.81
CA TYR B 128 12.43 -28.09 18.47
C TYR B 128 13.31 -26.89 18.29
N VAL B 129 12.80 -25.92 17.54
CA VAL B 129 13.51 -24.70 17.27
C VAL B 129 12.81 -23.55 17.97
N TRP B 130 13.57 -22.77 18.74
CA TRP B 130 13.06 -21.64 19.49
C TRP B 130 14.10 -20.53 19.42
N ASN B 131 13.66 -19.34 19.00
CA ASN B 131 14.56 -18.20 18.84
C ASN B 131 15.71 -18.51 17.88
N ASN B 132 15.38 -19.24 16.82
CA ASN B 132 16.34 -19.61 15.78
C ASN B 132 17.46 -20.60 16.18
N ASP B 133 17.32 -21.23 17.35
CA ASP B 133 18.30 -22.22 17.81
C ASP B 133 17.62 -23.58 18.02
N ILE B 134 18.39 -24.66 17.90
CA ILE B 134 17.85 -26.01 18.09
C ILE B 134 18.03 -26.55 19.51
N TYR B 135 17.01 -27.24 20.00
CA TYR B 135 17.04 -27.84 21.32
C TYR B 135 16.54 -29.29 21.20
N VAL B 136 16.96 -30.14 22.13
CA VAL B 136 16.57 -31.53 22.11
C VAL B 136 16.18 -32.03 23.50
N LYS B 137 15.07 -32.74 23.57
CA LYS B 137 14.60 -33.33 24.82
C LYS B 137 14.61 -34.82 24.66
N ILE B 138 15.38 -35.51 25.51
CA ILE B 138 15.42 -36.96 25.44
C ILE B 138 14.11 -37.48 26.02
N GLU B 139 13.67 -36.84 27.11
CA GLU B 139 12.42 -37.19 27.80
C GLU B 139 11.57 -35.91 27.90
N PRO B 140 10.25 -36.04 27.67
CA PRO B 140 9.29 -34.93 27.72
C PRO B 140 9.32 -34.06 28.96
N ASN B 141 9.61 -34.65 30.13
CA ASN B 141 9.59 -33.86 31.37
C ASN B 141 10.98 -33.47 31.88
N LEU B 142 12.00 -33.73 31.09
CA LEU B 142 13.35 -33.38 31.50
C LEU B 142 13.86 -32.15 30.76
N PRO B 143 14.91 -31.50 31.28
CA PRO B 143 15.40 -30.32 30.60
C PRO B 143 15.95 -30.56 29.18
N SER B 144 15.90 -29.52 28.37
CA SER B 144 16.36 -29.58 27.00
C SER B 144 17.87 -29.40 26.91
N TYR B 145 18.44 -29.89 25.81
CA TYR B 145 19.86 -29.73 25.51
C TYR B 145 19.92 -28.73 24.34
N ARG B 146 20.71 -27.67 24.51
CA ARG B 146 20.87 -26.67 23.49
C ARG B 146 21.84 -27.22 22.44
N ILE B 147 21.49 -27.12 21.16
CA ILE B 147 22.37 -27.61 20.11
C ILE B 147 23.13 -26.45 19.43
N THR B 148 22.47 -25.30 19.27
CA THR B 148 23.11 -24.13 18.64
C THR B 148 22.98 -22.86 19.48
N TRP B 149 23.95 -21.96 19.33
CA TRP B 149 23.95 -20.69 20.05
C TRP B 149 24.04 -19.50 19.09
N THR B 150 24.11 -19.80 17.79
CA THR B 150 24.21 -18.75 16.78
C THR B 150 22.89 -18.12 16.33
N GLY B 151 21.77 -18.76 16.67
CA GLY B 151 20.47 -18.24 16.28
C GLY B 151 20.35 -16.72 16.35
N LYS B 152 19.77 -16.11 15.32
CA LYS B 152 19.61 -14.66 15.29
C LYS B 152 18.50 -14.26 14.34
N GLU B 153 17.45 -13.67 14.90
CA GLU B 153 16.28 -13.21 14.17
C GLU B 153 16.62 -12.59 12.81
N ASP B 154 16.03 -13.11 11.74
CA ASP B 154 16.26 -12.64 10.38
C ASP B 154 17.73 -12.68 9.93
N ILE B 155 18.59 -13.37 10.68
CA ILE B 155 20.00 -13.45 10.27
C ILE B 155 20.51 -14.88 10.20
N ILE B 156 20.49 -15.59 11.34
CA ILE B 156 20.94 -16.97 11.35
C ILE B 156 19.77 -17.88 11.70
N TYR B 157 19.52 -18.87 10.85
CA TYR B 157 18.45 -19.84 11.06
C TYR B 157 19.02 -21.24 11.22
N ASN B 158 18.84 -21.84 12.40
CA ASN B 158 19.32 -23.19 12.66
C ASN B 158 18.12 -24.14 12.78
N GLY B 159 18.04 -25.12 11.90
CA GLY B 159 16.94 -26.06 12.01
C GLY B 159 15.66 -25.58 11.38
N ILE B 160 15.64 -24.35 10.86
CA ILE B 160 14.46 -23.86 10.18
C ILE B 160 14.91 -23.12 8.95
N THR B 161 14.02 -23.03 7.97
CA THR B 161 14.37 -22.35 6.73
C THR B 161 14.10 -20.85 6.76
N ASP B 162 14.78 -20.09 5.90
CA ASP B 162 14.52 -18.66 5.80
C ASP B 162 13.35 -18.57 4.79
N TRP B 163 12.96 -17.38 4.37
CA TRP B 163 11.82 -17.26 3.48
C TRP B 163 11.91 -18.03 2.17
N VAL B 164 13.01 -17.85 1.42
CA VAL B 164 13.13 -18.47 0.11
C VAL B 164 13.39 -19.97 0.12
N TYR B 165 14.02 -20.48 1.19
CA TYR B 165 14.25 -21.92 1.26
C TYR B 165 12.92 -22.59 1.63
N GLU B 166 12.12 -21.94 2.47
CA GLU B 166 10.82 -22.49 2.84
C GLU B 166 9.91 -22.56 1.61
N GLU B 167 9.83 -21.46 0.87
CA GLU B 167 8.96 -21.38 -0.28
C GLU B 167 9.41 -22.13 -1.53
N GLU B 168 10.64 -21.93 -1.96
CA GLU B 168 11.12 -22.52 -3.21
C GLU B 168 12.04 -23.74 -3.18
N VAL B 169 12.50 -24.14 -2.01
CA VAL B 169 13.42 -25.27 -2.00
C VAL B 169 12.90 -26.47 -1.24
N PHE B 170 12.53 -26.27 0.03
CA PHE B 170 12.06 -27.39 0.86
C PHE B 170 10.55 -27.52 1.02
N SER B 171 9.78 -26.57 0.51
CA SER B 171 8.31 -26.63 0.67
C SER B 171 8.01 -26.97 2.12
N ALA B 172 8.82 -26.45 3.03
CA ALA B 172 8.63 -26.71 4.45
C ALA B 172 9.40 -25.67 5.24
N TYR B 173 9.12 -25.60 6.53
CA TYR B 173 9.76 -24.64 7.39
C TYR B 173 10.89 -25.31 8.17
N SER B 174 10.71 -26.58 8.51
CA SER B 174 11.75 -27.26 9.26
C SER B 174 12.94 -27.56 8.37
N ALA B 175 14.11 -27.59 9.00
CA ALA B 175 15.35 -27.86 8.30
C ALA B 175 16.15 -28.75 9.23
N LEU B 176 15.50 -29.79 9.74
CA LEU B 176 16.21 -30.74 10.58
C LEU B 176 15.70 -32.13 10.21
N TRP B 177 16.60 -33.10 10.30
CA TRP B 177 16.28 -34.46 9.90
C TRP B 177 16.78 -35.54 10.84
N TRP B 178 15.87 -36.18 11.56
CA TRP B 178 16.26 -37.23 12.47
C TRP B 178 16.72 -38.46 11.64
N SER B 179 17.74 -39.16 12.13
CA SER B 179 18.20 -40.37 11.43
C SER B 179 17.11 -41.41 11.73
N PRO B 180 16.99 -42.46 10.91
CA PRO B 180 15.98 -43.50 11.09
C PRO B 180 15.66 -43.99 12.50
N ASN B 181 16.67 -44.34 13.31
CA ASN B 181 16.35 -44.81 14.65
C ASN B 181 16.48 -43.70 15.71
N GLY B 182 16.70 -42.48 15.24
CA GLY B 182 16.77 -41.34 16.14
C GLY B 182 18.08 -40.96 16.82
N THR B 183 19.11 -41.76 16.60
CA THR B 183 20.41 -41.48 17.20
C THR B 183 20.95 -40.12 16.76
N PHE B 184 21.02 -39.92 15.45
CA PHE B 184 21.56 -38.68 14.90
C PHE B 184 20.50 -37.65 14.53
N LEU B 185 20.87 -36.37 14.64
CA LEU B 185 20.00 -35.28 14.26
C LEU B 185 20.78 -34.39 13.30
N ALA B 186 20.31 -34.30 12.07
CA ALA B 186 20.99 -33.47 11.08
C ALA B 186 20.20 -32.20 10.92
N TYR B 187 20.83 -31.16 10.42
CA TYR B 187 20.12 -29.91 10.24
C TYR B 187 20.89 -28.93 9.38
N ALA B 188 20.17 -27.95 8.86
CA ALA B 188 20.80 -26.93 8.02
C ALA B 188 20.84 -25.61 8.77
N GLN B 189 21.79 -24.76 8.40
CA GLN B 189 21.95 -23.45 8.99
C GLN B 189 22.03 -22.46 7.85
N PHE B 190 21.09 -21.52 7.83
CA PHE B 190 21.03 -20.52 6.78
C PHE B 190 21.51 -19.19 7.35
N ASN B 191 22.27 -18.48 6.54
CA ASN B 191 22.81 -17.20 6.92
C ASN B 191 22.29 -16.16 5.93
N ASP B 192 21.49 -15.22 6.42
CA ASP B 192 20.92 -14.22 5.54
C ASP B 192 21.52 -12.83 5.76
N THR B 193 22.64 -12.78 6.46
CA THR B 193 23.29 -11.51 6.78
C THR B 193 23.25 -10.46 5.68
N GLU B 194 23.59 -10.84 4.46
CA GLU B 194 23.62 -9.88 3.35
C GLU B 194 22.43 -9.94 2.38
N VAL B 195 21.41 -10.69 2.75
CA VAL B 195 20.21 -10.78 1.94
C VAL B 195 19.35 -9.52 2.11
N PRO B 196 19.05 -8.83 1.00
CA PRO B 196 18.23 -7.61 1.07
C PRO B 196 16.86 -7.91 1.64
N LEU B 197 16.24 -6.90 2.24
CA LEU B 197 14.94 -7.05 2.88
C LEU B 197 13.79 -6.48 2.09
N ILE B 198 12.69 -7.22 2.02
CA ILE B 198 11.51 -6.69 1.37
C ILE B 198 10.82 -6.01 2.55
N GLU B 199 10.26 -4.83 2.31
CA GLU B 199 9.59 -4.11 3.36
C GLU B 199 8.23 -3.64 2.87
N TYR B 200 7.22 -3.79 3.72
CA TYR B 200 5.89 -3.37 3.37
C TYR B 200 5.10 -3.14 4.65
N SER B 201 4.05 -2.34 4.55
CA SER B 201 3.21 -2.02 5.69
C SER B 201 2.17 -3.10 5.97
N PHE B 202 1.87 -3.25 7.26
CA PHE B 202 0.84 -4.15 7.73
C PHE B 202 0.04 -3.24 8.67
N TYR B 203 -1.24 -3.05 8.36
CA TYR B 203 -2.03 -2.13 9.16
C TYR B 203 -2.67 -2.72 10.41
N SER B 204 -2.92 -4.03 10.40
CA SER B 204 -3.50 -4.69 11.57
C SER B 204 -4.91 -4.17 11.87
N ASP B 205 -5.38 -4.41 13.09
CA ASP B 205 -6.70 -3.93 13.47
C ASP B 205 -6.72 -2.42 13.55
N GLU B 206 -7.92 -1.88 13.42
CA GLU B 206 -8.18 -0.45 13.45
C GLU B 206 -7.50 0.22 14.66
N SER B 207 -7.41 -0.51 15.78
CA SER B 207 -6.82 0.03 17.00
C SER B 207 -5.34 0.36 16.92
N LEU B 208 -4.61 -0.17 15.95
CA LEU B 208 -3.17 0.13 15.85
C LEU B 208 -3.02 1.53 15.26
N GLN B 209 -2.47 2.45 16.04
CA GLN B 209 -2.34 3.84 15.57
C GLN B 209 -1.34 4.02 14.44
N TYR B 210 -0.16 3.43 14.57
CA TYR B 210 0.87 3.50 13.55
C TYR B 210 1.01 2.16 12.82
N PRO B 211 0.96 2.19 11.48
CA PRO B 211 1.09 0.93 10.75
C PRO B 211 2.44 0.30 11.08
N LYS B 212 2.49 -1.02 11.00
CA LYS B 212 3.71 -1.75 11.27
C LYS B 212 4.44 -2.02 9.94
N THR B 213 5.77 -1.97 9.95
CA THR B 213 6.52 -2.27 8.75
C THR B 213 7.07 -3.67 8.85
N VAL B 214 6.59 -4.56 7.98
CA VAL B 214 7.08 -5.92 7.99
C VAL B 214 8.35 -5.96 7.14
N ARG B 215 9.40 -6.54 7.72
CA ARG B 215 10.70 -6.62 7.05
C ARG B 215 11.19 -8.06 6.98
N VAL B 216 11.39 -8.58 5.79
CA VAL B 216 11.87 -9.96 5.69
C VAL B 216 12.97 -10.21 4.65
N PRO B 217 14.00 -10.97 5.06
CA PRO B 217 15.12 -11.33 4.19
C PRO B 217 14.51 -12.06 3.01
N TYR B 218 14.68 -11.48 1.83
CA TYR B 218 14.10 -12.01 0.61
C TYR B 218 14.98 -11.65 -0.57
N PRO B 219 15.63 -12.65 -1.16
CA PRO B 219 16.50 -12.40 -2.31
C PRO B 219 15.75 -12.31 -3.64
N LYS B 220 15.65 -11.11 -4.21
CA LYS B 220 15.01 -10.96 -5.52
C LYS B 220 16.00 -11.44 -6.60
N ALA B 221 15.53 -11.60 -7.84
CA ALA B 221 16.41 -12.08 -8.92
C ALA B 221 17.74 -11.35 -9.01
N GLY B 222 18.82 -12.13 -9.01
CA GLY B 222 20.16 -11.56 -9.10
C GLY B 222 20.75 -10.98 -7.82
N ALA B 223 19.98 -10.97 -6.73
CA ALA B 223 20.47 -10.41 -5.47
C ALA B 223 21.31 -11.40 -4.62
N VAL B 224 21.86 -10.92 -3.51
CA VAL B 224 22.67 -11.76 -2.64
C VAL B 224 21.80 -12.83 -1.95
N ASN B 225 22.14 -14.09 -2.19
CA ASN B 225 21.41 -15.21 -1.61
C ASN B 225 21.96 -15.60 -0.26
N PRO B 226 21.14 -16.30 0.54
CA PRO B 226 21.64 -16.72 1.85
C PRO B 226 22.63 -17.85 1.55
N THR B 227 23.54 -18.10 2.48
CA THR B 227 24.51 -19.16 2.32
C THR B 227 24.01 -20.23 3.26
N VAL B 228 24.48 -21.45 3.09
CA VAL B 228 24.02 -22.53 3.92
C VAL B 228 25.12 -23.45 4.37
N LYS B 229 24.90 -24.09 5.52
CA LYS B 229 25.83 -25.05 6.09
C LYS B 229 25.04 -26.23 6.65
N PHE B 230 25.63 -27.42 6.60
CA PHE B 230 24.97 -28.63 7.06
C PHE B 230 25.72 -29.29 8.21
N PHE B 231 25.01 -29.73 9.24
CA PHE B 231 25.63 -30.36 10.39
C PHE B 231 24.87 -31.60 10.83
N VAL B 232 25.53 -32.41 11.66
CA VAL B 232 24.95 -33.63 12.21
C VAL B 232 25.43 -33.77 13.66
N VAL B 233 24.50 -33.93 14.59
CA VAL B 233 24.86 -34.12 15.99
C VAL B 233 24.35 -35.49 16.44
N ASN B 234 25.12 -36.14 17.31
CA ASN B 234 24.77 -37.46 17.86
C ASN B 234 23.98 -37.20 19.14
N THR B 235 22.66 -37.31 19.07
CA THR B 235 21.82 -37.05 20.24
C THR B 235 22.02 -38.02 21.38
N ASP B 236 22.51 -39.22 21.06
CA ASP B 236 22.72 -40.21 22.11
C ASP B 236 23.84 -39.83 23.05
N SER B 237 24.66 -38.87 22.65
CA SER B 237 25.77 -38.44 23.50
C SER B 237 25.43 -37.22 24.35
N LEU B 238 24.27 -36.61 24.11
CA LEU B 238 23.89 -35.41 24.86
C LEU B 238 23.98 -35.49 26.38
N SER B 239 23.54 -36.61 26.96
CA SER B 239 23.56 -36.72 28.40
C SER B 239 24.92 -37.13 28.94
N SER B 240 25.88 -37.37 28.05
CA SER B 240 27.22 -37.77 28.48
C SER B 240 28.30 -36.71 28.32
N VAL B 241 27.99 -35.67 27.55
CA VAL B 241 28.94 -34.58 27.37
C VAL B 241 28.21 -33.27 27.67
N THR B 242 28.97 -32.22 27.96
CA THR B 242 28.35 -30.95 28.31
C THR B 242 27.81 -30.27 27.06
N ASN B 243 28.61 -30.29 25.98
CA ASN B 243 28.25 -29.65 24.74
C ASN B 243 28.51 -30.57 23.54
N ALA B 244 27.51 -31.36 23.12
CA ALA B 244 27.72 -32.29 22.00
C ALA B 244 28.12 -31.55 20.72
N THR B 245 29.10 -32.11 20.02
CA THR B 245 29.65 -31.52 18.80
C THR B 245 28.83 -31.73 17.53
N SER B 246 28.55 -30.63 16.84
CA SER B 246 27.81 -30.66 15.58
C SER B 246 28.85 -30.85 14.48
N ILE B 247 28.93 -32.06 13.93
CA ILE B 247 29.89 -32.33 12.88
C ILE B 247 29.38 -31.74 11.58
N GLN B 248 30.16 -30.88 10.95
CA GLN B 248 29.72 -30.29 9.70
C GLN B 248 30.10 -31.13 8.50
N ILE B 249 29.23 -31.11 7.48
CA ILE B 249 29.52 -31.83 6.23
C ILE B 249 29.54 -30.76 5.15
N THR B 250 30.74 -30.49 4.64
CA THR B 250 30.89 -29.46 3.62
C THR B 250 30.44 -29.89 2.23
N ALA B 251 29.99 -28.91 1.46
CA ALA B 251 29.53 -29.17 0.10
C ALA B 251 30.72 -29.48 -0.79
N PRO B 252 30.49 -30.22 -1.89
CA PRO B 252 31.58 -30.57 -2.82
C PRO B 252 32.24 -29.37 -3.46
N ALA B 253 33.52 -29.53 -3.80
CA ALA B 253 34.30 -28.48 -4.45
C ALA B 253 33.57 -27.92 -5.68
N SER B 254 32.87 -28.78 -6.41
CA SER B 254 32.14 -28.34 -7.59
C SER B 254 31.00 -27.34 -7.24
N MET B 255 30.65 -27.26 -5.96
CA MET B 255 29.60 -26.35 -5.49
C MET B 255 30.19 -25.13 -4.81
N LEU B 256 31.27 -25.33 -4.07
CA LEU B 256 31.93 -24.24 -3.36
C LEU B 256 32.55 -23.18 -4.28
N ILE B 257 32.71 -23.49 -5.57
CA ILE B 257 33.29 -22.52 -6.51
C ILE B 257 32.36 -21.34 -6.74
N GLY B 258 31.09 -21.47 -6.39
CA GLY B 258 30.16 -20.38 -6.59
C GLY B 258 28.98 -20.48 -5.65
N ASP B 259 27.94 -19.69 -5.91
CA ASP B 259 26.74 -19.73 -5.10
C ASP B 259 26.07 -21.06 -5.35
N HIS B 260 25.45 -21.62 -4.32
CA HIS B 260 24.79 -22.90 -4.46
C HIS B 260 23.65 -22.99 -3.45
N TYR B 261 22.96 -24.14 -3.46
CA TYR B 261 21.85 -24.41 -2.57
C TYR B 261 21.92 -25.83 -2.04
N LEU B 262 21.49 -26.03 -0.79
CA LEU B 262 21.38 -27.37 -0.25
C LEU B 262 19.92 -27.67 -0.69
N CYS B 263 19.70 -28.65 -1.56
CA CYS B 263 18.33 -28.89 -2.02
C CYS B 263 17.63 -30.18 -1.60
N ASP B 264 18.34 -31.12 -0.99
CA ASP B 264 17.71 -32.36 -0.51
C ASP B 264 18.56 -33.05 0.54
N VAL B 265 17.89 -33.63 1.52
CA VAL B 265 18.55 -34.35 2.59
C VAL B 265 17.70 -35.59 2.81
N THR B 266 18.34 -36.75 2.70
CA THR B 266 17.64 -38.00 2.87
C THR B 266 18.58 -39.00 3.53
N TRP B 267 18.15 -39.54 4.65
CA TRP B 267 18.94 -40.55 5.36
C TRP B 267 18.76 -41.86 4.63
N ALA B 268 19.85 -42.63 4.53
CA ALA B 268 19.82 -43.92 3.87
C ALA B 268 19.80 -45.09 4.88
N THR B 269 20.55 -44.95 5.97
CA THR B 269 20.63 -45.96 7.03
C THR B 269 20.94 -45.23 8.33
N GLN B 270 21.12 -45.98 9.40
CA GLN B 270 21.43 -45.40 10.69
C GLN B 270 22.72 -44.59 10.65
N GLU B 271 23.61 -44.93 9.72
CA GLU B 271 24.88 -44.24 9.64
C GLU B 271 25.25 -43.75 8.25
N ARG B 272 24.25 -43.50 7.41
CA ARG B 272 24.49 -43.03 6.06
C ARG B 272 23.44 -41.98 5.65
N ILE B 273 23.91 -40.83 5.20
CA ILE B 273 23.03 -39.76 4.79
C ILE B 273 23.40 -39.26 3.38
N SER B 274 22.39 -38.95 2.58
CA SER B 274 22.63 -38.43 1.24
C SER B 274 22.20 -36.97 1.19
N LEU B 275 22.99 -36.17 0.49
CA LEU B 275 22.70 -34.75 0.35
C LEU B 275 22.79 -34.40 -1.11
N GLN B 276 21.91 -33.51 -1.55
CA GLN B 276 21.96 -33.05 -2.93
C GLN B 276 22.12 -31.56 -2.89
N TRP B 277 23.08 -31.10 -3.67
CA TRP B 277 23.39 -29.71 -3.75
C TRP B 277 23.05 -29.24 -5.17
N LEU B 278 22.77 -27.95 -5.32
CA LEU B 278 22.40 -27.41 -6.61
C LEU B 278 23.09 -26.05 -6.79
N ARG B 279 23.73 -25.86 -7.94
CA ARG B 279 24.41 -24.60 -8.25
C ARG B 279 23.37 -23.50 -8.41
N ARG B 280 23.76 -22.26 -8.14
CA ARG B 280 22.84 -21.15 -8.31
C ARG B 280 22.28 -21.22 -9.73
N ILE B 281 23.09 -21.67 -10.68
CA ILE B 281 22.63 -21.89 -12.05
C ILE B 281 22.12 -23.32 -11.93
N GLN B 282 20.82 -23.44 -11.75
CA GLN B 282 20.14 -24.71 -11.51
C GLN B 282 20.10 -25.81 -12.57
N ASN B 283 21.18 -25.99 -13.32
CA ASN B 283 21.20 -27.03 -14.34
C ASN B 283 22.29 -28.03 -14.04
N TYR B 284 22.75 -28.04 -12.80
CA TYR B 284 23.81 -28.92 -12.34
C TYR B 284 23.66 -29.19 -10.84
N SER B 285 23.55 -30.46 -10.45
CA SER B 285 23.40 -30.81 -9.04
C SER B 285 24.23 -32.04 -8.72
N VAL B 286 24.76 -32.07 -7.50
CA VAL B 286 25.60 -33.16 -7.04
C VAL B 286 25.04 -33.79 -5.77
N MET B 287 25.02 -35.11 -5.73
CA MET B 287 24.55 -35.83 -4.55
C MET B 287 25.73 -36.52 -3.88
N ASP B 288 25.96 -36.23 -2.61
CA ASP B 288 27.03 -36.86 -1.84
C ASP B 288 26.36 -37.89 -0.94
N ILE B 289 27.05 -38.99 -0.66
CA ILE B 289 26.52 -40.02 0.20
C ILE B 289 27.60 -40.19 1.24
N CYS B 290 27.24 -39.91 2.49
CA CYS B 290 28.22 -39.91 3.57
C CYS B 290 27.99 -40.90 4.70
N ASP B 291 29.07 -41.53 5.11
CA ASP B 291 29.04 -42.52 6.17
C ASP B 291 29.68 -42.02 7.44
N TYR B 292 29.15 -42.47 8.57
CA TYR B 292 29.70 -42.09 9.85
C TYR B 292 30.98 -42.91 10.04
N ASP B 293 32.01 -42.28 10.58
CA ASP B 293 33.28 -42.95 10.85
C ASP B 293 33.38 -43.03 12.37
N GLU B 294 33.07 -44.22 12.90
CA GLU B 294 33.06 -44.48 14.33
C GLU B 294 34.43 -44.26 14.98
N SER B 295 35.46 -44.14 14.16
CA SER B 295 36.82 -43.95 14.67
C SER B 295 37.19 -42.49 14.88
N SER B 296 36.77 -41.64 13.95
CA SER B 296 37.07 -40.22 14.01
C SER B 296 35.85 -39.42 14.41
N GLY B 297 34.72 -40.08 14.52
CA GLY B 297 33.50 -39.40 14.88
C GLY B 297 33.17 -38.38 13.80
N ARG B 298 33.72 -38.57 12.60
CA ARG B 298 33.47 -37.64 11.50
C ARG B 298 32.59 -38.25 10.40
N TRP B 299 32.17 -37.42 9.45
CA TRP B 299 31.34 -37.89 8.36
C TRP B 299 32.09 -37.72 7.05
N ASN B 300 32.20 -38.81 6.29
CA ASN B 300 32.95 -38.79 5.03
C ASN B 300 32.11 -39.18 3.84
N CYS B 301 32.25 -38.43 2.76
CA CYS B 301 31.51 -38.70 1.54
C CYS B 301 32.51 -39.04 0.40
N LEU B 302 32.64 -40.33 0.12
CA LEU B 302 33.54 -40.82 -0.92
C LEU B 302 33.09 -40.37 -2.30
N VAL B 303 34.04 -39.81 -3.05
CA VAL B 303 33.74 -39.35 -4.39
C VAL B 303 33.22 -40.50 -5.24
N ALA B 304 33.64 -41.72 -4.93
CA ALA B 304 33.18 -42.88 -5.68
C ALA B 304 31.66 -43.07 -5.53
N ARG B 305 31.06 -42.35 -4.57
CA ARG B 305 29.62 -42.46 -4.29
C ARG B 305 28.88 -41.18 -4.61
N GLN B 306 29.55 -40.29 -5.31
CA GLN B 306 28.97 -39.01 -5.65
C GLN B 306 28.23 -39.14 -6.98
N HIS B 307 27.04 -38.56 -7.08
CA HIS B 307 26.32 -38.65 -8.34
C HIS B 307 25.99 -37.29 -8.91
N ILE B 308 26.24 -37.13 -10.20
CA ILE B 308 26.01 -35.87 -10.89
C ILE B 308 24.73 -35.96 -11.72
N GLU B 309 23.93 -34.90 -11.63
CA GLU B 309 22.68 -34.83 -12.37
C GLU B 309 22.65 -33.46 -13.02
N MET B 310 22.65 -33.42 -14.34
CA MET B 310 22.62 -32.15 -15.02
C MET B 310 21.60 -32.12 -16.14
N SER B 311 21.42 -30.95 -16.73
CA SER B 311 20.47 -30.79 -17.82
C SER B 311 21.02 -29.80 -18.81
N THR B 312 20.92 -30.17 -20.08
CA THR B 312 21.42 -29.34 -21.16
C THR B 312 20.30 -28.51 -21.78
N THR B 313 19.08 -28.97 -21.59
CA THR B 313 17.90 -28.28 -22.14
C THR B 313 17.18 -27.36 -21.15
N GLY B 314 17.38 -27.56 -19.87
CA GLY B 314 16.73 -26.71 -18.88
C GLY B 314 17.38 -26.74 -17.51
N TRP B 315 16.55 -26.75 -16.47
CA TRP B 315 17.02 -26.82 -15.10
C TRP B 315 16.94 -28.29 -14.70
N VAL B 316 17.38 -28.63 -13.50
CA VAL B 316 17.33 -30.02 -13.06
C VAL B 316 16.07 -30.26 -12.25
N GLY B 317 15.35 -31.32 -12.58
CA GLY B 317 14.13 -31.68 -11.87
C GLY B 317 12.90 -30.88 -12.27
N ARG B 318 11.72 -31.28 -11.81
CA ARG B 318 10.51 -30.54 -12.15
C ARG B 318 10.59 -29.15 -11.51
N PHE B 319 10.90 -29.13 -10.21
CA PHE B 319 11.04 -27.87 -9.47
C PHE B 319 12.34 -27.93 -8.68
N ARG B 320 12.99 -29.09 -8.71
CA ARG B 320 14.26 -29.33 -8.03
C ARG B 320 14.65 -30.80 -8.15
N PRO B 321 15.93 -31.12 -7.93
CA PRO B 321 16.35 -32.52 -8.03
C PRO B 321 15.44 -33.40 -7.18
N SER B 322 15.06 -34.55 -7.72
CA SER B 322 14.17 -35.49 -7.04
C SER B 322 14.79 -36.20 -5.83
N GLU B 323 13.94 -36.74 -4.96
CA GLU B 323 14.41 -37.42 -3.76
C GLU B 323 14.74 -38.88 -4.01
N PRO B 324 15.84 -39.36 -3.40
CA PRO B 324 16.19 -40.76 -3.61
C PRO B 324 15.43 -41.63 -2.62
N HIS B 325 15.24 -42.91 -2.96
CA HIS B 325 14.54 -43.86 -2.09
C HIS B 325 15.50 -45.04 -1.97
N PHE B 326 16.13 -45.18 -0.82
CA PHE B 326 17.11 -46.24 -0.61
C PHE B 326 16.50 -47.58 -0.22
N THR B 327 17.20 -48.65 -0.59
CA THR B 327 16.79 -50.01 -0.24
C THR B 327 17.23 -50.13 1.22
N LEU B 328 16.61 -51.02 1.97
CA LEU B 328 16.93 -51.23 3.38
C LEU B 328 18.41 -51.20 3.76
N ASP B 329 19.23 -51.94 3.02
CA ASP B 329 20.67 -51.98 3.32
C ASP B 329 21.42 -50.70 2.93
N GLY B 330 20.71 -49.75 2.33
CA GLY B 330 21.32 -48.49 1.95
C GLY B 330 22.36 -48.54 0.87
N ASN B 331 22.48 -49.67 0.18
CA ASN B 331 23.48 -49.80 -0.88
C ASN B 331 22.99 -49.42 -2.27
N SER B 332 21.69 -49.21 -2.43
CA SER B 332 21.16 -48.82 -3.72
C SER B 332 19.95 -47.92 -3.53
N PHE B 333 19.54 -47.22 -4.58
CA PHE B 333 18.37 -46.37 -4.46
C PHE B 333 17.69 -46.12 -5.79
N TYR B 334 16.42 -45.73 -5.73
CA TYR B 334 15.66 -45.44 -6.91
C TYR B 334 15.43 -43.95 -6.90
N LYS B 335 15.39 -43.34 -8.07
CA LYS B 335 15.22 -41.91 -8.17
C LYS B 335 14.59 -41.60 -9.53
N ILE B 336 13.75 -40.59 -9.58
CA ILE B 336 13.10 -40.20 -10.84
C ILE B 336 13.99 -39.20 -11.54
N ILE B 337 14.36 -39.49 -12.78
CA ILE B 337 15.17 -38.56 -13.56
C ILE B 337 14.68 -38.63 -15.00
N SER B 338 14.93 -37.58 -15.78
CA SER B 338 14.44 -37.61 -17.15
C SER B 338 15.41 -38.42 -17.97
N ASN B 339 14.89 -39.32 -18.80
CA ASN B 339 15.76 -40.16 -19.63
C ASN B 339 16.26 -39.44 -20.90
N GLU B 340 16.87 -40.19 -21.81
CA GLU B 340 17.42 -39.64 -23.05
C GLU B 340 16.34 -39.01 -23.92
N GLU B 341 15.10 -39.46 -23.73
CA GLU B 341 13.94 -38.97 -24.47
C GLU B 341 13.32 -37.72 -23.84
N GLY B 342 13.78 -37.39 -22.65
CA GLY B 342 13.23 -36.23 -21.97
C GLY B 342 12.06 -36.57 -21.07
N TYR B 343 11.80 -37.85 -20.83
CA TYR B 343 10.70 -38.23 -19.94
C TYR B 343 11.23 -38.68 -18.58
N ARG B 344 10.50 -38.33 -17.54
CA ARG B 344 10.90 -38.66 -16.18
C ARG B 344 10.47 -40.06 -15.77
N HIS B 345 11.47 -40.88 -15.47
CA HIS B 345 11.26 -42.26 -15.10
C HIS B 345 12.13 -42.68 -13.93
N ILE B 346 11.85 -43.86 -13.38
CA ILE B 346 12.62 -44.32 -12.24
C ILE B 346 13.92 -44.97 -12.68
N CYS B 347 15.03 -44.51 -12.11
CA CYS B 347 16.33 -45.08 -12.44
C CYS B 347 16.87 -45.78 -11.19
N TYR B 348 17.45 -46.97 -11.36
CA TYR B 348 17.99 -47.72 -10.24
C TYR B 348 19.50 -47.52 -10.17
N PHE B 349 19.95 -46.96 -9.04
CA PHE B 349 21.35 -46.64 -8.78
C PHE B 349 22.01 -47.56 -7.74
N GLN B 350 23.29 -47.86 -7.98
CA GLN B 350 24.12 -48.63 -7.05
C GLN B 350 24.83 -47.41 -6.44
N ILE B 351 24.99 -47.33 -5.11
CA ILE B 351 25.59 -46.12 -4.55
C ILE B 351 26.99 -45.77 -5.00
N ASP B 352 27.74 -46.76 -5.46
CA ASP B 352 29.11 -46.52 -5.90
C ASP B 352 29.34 -46.81 -7.38
N LYS B 353 28.29 -46.67 -8.19
CA LYS B 353 28.38 -46.86 -9.63
C LYS B 353 27.64 -45.69 -10.24
N LYS B 354 28.29 -44.99 -11.16
CA LYS B 354 27.69 -43.80 -11.75
C LYS B 354 26.58 -44.04 -12.76
N ASP B 355 26.60 -45.18 -13.43
CA ASP B 355 25.58 -45.51 -14.41
C ASP B 355 24.35 -46.19 -13.79
N CYS B 356 23.19 -45.57 -13.93
CA CYS B 356 21.97 -46.16 -13.38
C CYS B 356 21.24 -46.93 -14.45
N THR B 357 20.19 -47.63 -14.04
CA THR B 357 19.37 -48.41 -14.95
C THR B 357 17.90 -48.00 -14.84
N PHE B 358 17.28 -47.62 -15.96
CA PHE B 358 15.88 -47.22 -15.93
C PHE B 358 15.02 -48.45 -15.80
N ILE B 359 14.04 -48.41 -14.90
CA ILE B 359 13.16 -49.56 -14.72
C ILE B 359 11.77 -49.32 -15.29
N THR B 360 11.50 -48.10 -15.73
CA THR B 360 10.23 -47.78 -16.38
C THR B 360 10.64 -46.94 -17.59
N LYS B 361 9.75 -46.82 -18.57
CA LYS B 361 10.02 -46.02 -19.76
C LYS B 361 8.76 -45.86 -20.56
N GLY B 362 8.77 -44.91 -21.48
CA GLY B 362 7.60 -44.68 -22.32
C GLY B 362 7.32 -43.19 -22.46
N THR B 363 6.43 -42.82 -23.38
CA THR B 363 6.09 -41.43 -23.57
C THR B 363 5.04 -41.01 -22.54
N TRP B 364 5.45 -41.04 -21.29
CA TRP B 364 4.61 -40.64 -20.16
C TRP B 364 5.60 -40.49 -19.00
N GLU B 365 5.14 -40.06 -17.84
CA GLU B 365 6.07 -39.88 -16.73
C GLU B 365 5.63 -40.39 -15.36
N VAL B 366 6.62 -40.71 -14.54
CA VAL B 366 6.38 -41.14 -13.18
C VAL B 366 6.20 -39.82 -12.37
N ILE B 367 5.15 -39.75 -11.58
CA ILE B 367 4.90 -38.56 -10.79
C ILE B 367 5.68 -38.61 -9.49
N GLY B 368 5.71 -39.78 -8.84
CA GLY B 368 6.45 -39.93 -7.60
C GLY B 368 6.57 -41.38 -7.18
N ILE B 369 7.51 -41.66 -6.29
CA ILE B 369 7.71 -42.99 -5.76
C ILE B 369 6.99 -42.91 -4.42
N GLU B 370 6.05 -43.83 -4.17
CA GLU B 370 5.23 -43.82 -2.97
C GLU B 370 5.62 -44.78 -1.85
N ALA B 371 6.32 -45.86 -2.20
CA ALA B 371 6.73 -46.82 -1.19
C ALA B 371 7.68 -47.82 -1.81
N LEU B 372 8.53 -48.41 -0.98
CA LEU B 372 9.51 -49.39 -1.43
C LEU B 372 9.65 -50.50 -0.41
N THR B 373 9.46 -51.74 -0.84
CA THR B 373 9.60 -52.88 0.06
C THR B 373 10.73 -53.70 -0.55
N SER B 374 11.15 -54.75 0.15
CA SER B 374 12.24 -55.58 -0.38
C SER B 374 11.84 -56.27 -1.70
N ASP B 375 10.54 -56.36 -1.96
CA ASP B 375 10.04 -57.02 -3.16
C ASP B 375 9.39 -56.14 -4.23
N TYR B 376 8.77 -55.03 -3.81
CA TYR B 376 8.09 -54.16 -4.75
C TYR B 376 8.32 -52.66 -4.58
N LEU B 377 8.20 -51.92 -5.69
CA LEU B 377 8.28 -50.46 -5.65
C LEU B 377 6.93 -49.99 -6.19
N TYR B 378 6.26 -49.14 -5.42
CA TYR B 378 4.95 -48.61 -5.81
C TYR B 378 5.10 -47.15 -6.23
N TYR B 379 4.46 -46.76 -7.33
CA TYR B 379 4.58 -45.39 -7.81
C TYR B 379 3.31 -44.91 -8.51
N ILE B 380 3.23 -43.60 -8.73
CA ILE B 380 2.08 -43.01 -9.39
C ILE B 380 2.57 -42.40 -10.69
N SER B 381 1.81 -42.60 -11.76
CA SER B 381 2.18 -42.07 -13.06
C SER B 381 0.95 -41.69 -13.82
N ASN B 382 1.15 -41.09 -15.00
CA ASN B 382 0.05 -40.70 -15.87
C ASN B 382 0.08 -41.57 -17.13
N GLU B 383 0.56 -42.80 -16.99
CA GLU B 383 0.62 -43.67 -18.16
C GLU B 383 -0.75 -44.08 -18.68
N TYR B 384 -1.66 -44.46 -17.79
CA TYR B 384 -2.98 -44.93 -18.21
C TYR B 384 -3.64 -44.11 -19.31
N LYS B 385 -4.05 -44.82 -20.36
CA LYS B 385 -4.72 -44.24 -21.52
C LYS B 385 -3.99 -43.07 -22.14
N GLY B 386 -2.72 -42.91 -21.79
CA GLY B 386 -1.95 -41.81 -22.35
C GLY B 386 -2.45 -40.44 -21.93
N MET B 387 -3.11 -40.38 -20.78
CA MET B 387 -3.64 -39.11 -20.27
C MET B 387 -2.69 -38.48 -19.26
N PRO B 388 -1.96 -37.44 -19.68
CA PRO B 388 -1.01 -36.77 -18.80
C PRO B 388 -1.69 -36.12 -17.60
N GLY B 389 -2.99 -35.90 -17.71
CA GLY B 389 -3.75 -35.32 -16.62
C GLY B 389 -4.42 -36.36 -15.72
N GLY B 390 -4.10 -37.63 -15.92
CA GLY B 390 -4.65 -38.68 -15.07
C GLY B 390 -3.55 -39.17 -14.13
N ARG B 391 -3.90 -39.89 -13.08
CA ARG B 391 -2.89 -40.39 -12.14
C ARG B 391 -3.30 -41.75 -11.59
N ASN B 392 -2.41 -42.73 -11.67
CA ASN B 392 -2.72 -44.04 -11.12
C ASN B 392 -1.57 -44.69 -10.36
N LEU B 393 -1.91 -45.58 -9.44
CA LEU B 393 -0.91 -46.28 -8.64
C LEU B 393 -0.45 -47.56 -9.34
N TYR B 394 0.87 -47.76 -9.41
CA TYR B 394 1.43 -48.93 -10.05
C TYR B 394 2.42 -49.63 -9.14
N LYS B 395 2.59 -50.92 -9.40
CA LYS B 395 3.46 -51.79 -8.65
C LYS B 395 4.44 -52.50 -9.60
N ILE B 396 5.72 -52.42 -9.31
CA ILE B 396 6.68 -53.09 -10.14
C ILE B 396 7.52 -54.04 -9.32
N GLN B 397 7.68 -55.25 -9.86
CA GLN B 397 8.42 -56.30 -9.18
C GLN B 397 9.91 -56.04 -9.33
N LEU B 398 10.61 -55.91 -8.21
CA LEU B 398 12.03 -55.63 -8.25
C LEU B 398 12.83 -56.77 -8.88
N SER B 399 12.37 -58.01 -8.72
CA SER B 399 13.08 -59.15 -9.30
C SER B 399 12.76 -59.39 -10.79
N ASP B 400 11.83 -58.61 -11.34
CA ASP B 400 11.44 -58.73 -12.75
C ASP B 400 10.66 -57.47 -13.18
N TYR B 401 11.41 -56.50 -13.71
CA TYR B 401 10.84 -55.22 -14.14
C TYR B 401 9.76 -55.32 -15.21
N THR B 402 9.62 -56.49 -15.83
CA THR B 402 8.62 -56.65 -16.88
C THR B 402 7.27 -56.88 -16.22
N LYS B 403 7.30 -57.06 -14.91
CA LYS B 403 6.07 -57.30 -14.16
C LYS B 403 5.60 -56.02 -13.46
N VAL B 404 4.71 -55.31 -14.15
CA VAL B 404 4.16 -54.06 -13.65
C VAL B 404 2.67 -54.20 -13.63
N THR B 405 2.07 -53.96 -12.46
CA THR B 405 0.62 -54.06 -12.29
C THR B 405 0.04 -52.70 -11.94
N CYS B 406 -1.08 -52.34 -12.53
CA CYS B 406 -1.71 -51.10 -12.17
C CYS B 406 -2.73 -51.46 -11.09
N LEU B 407 -2.52 -50.95 -9.87
CA LEU B 407 -3.43 -51.24 -8.76
C LEU B 407 -4.71 -50.38 -8.69
N SER B 408 -4.79 -49.31 -9.45
CA SER B 408 -5.94 -48.41 -9.38
C SER B 408 -6.72 -48.21 -10.68
N CYS B 409 -6.04 -48.34 -11.80
CA CYS B 409 -6.64 -48.13 -13.12
C CYS B 409 -8.07 -48.60 -13.33
N GLU B 410 -8.32 -49.88 -13.06
CA GLU B 410 -9.63 -50.49 -13.31
C GLU B 410 -10.58 -50.60 -12.13
N LEU B 411 -10.23 -50.01 -11.00
CA LEU B 411 -11.14 -50.10 -9.85
C LEU B 411 -12.52 -49.52 -10.18
N ASN B 412 -12.55 -48.40 -10.88
CA ASN B 412 -13.80 -47.76 -11.29
C ASN B 412 -13.35 -46.69 -12.28
N PRO B 413 -12.99 -47.12 -13.51
CA PRO B 413 -12.51 -46.27 -14.60
C PRO B 413 -13.33 -45.04 -15.00
N GLU B 414 -14.65 -45.08 -14.80
CA GLU B 414 -15.46 -43.94 -15.19
C GLU B 414 -15.48 -42.86 -14.12
N ARG B 415 -15.43 -43.28 -12.87
CA ARG B 415 -15.46 -42.35 -11.75
C ARG B 415 -14.07 -41.97 -11.22
N CYS B 416 -13.11 -42.87 -11.38
CA CYS B 416 -11.78 -42.63 -10.85
C CYS B 416 -10.60 -42.69 -11.80
N GLN B 417 -10.04 -41.52 -12.12
CA GLN B 417 -8.89 -41.44 -12.99
C GLN B 417 -7.75 -40.61 -12.39
N TYR B 418 -7.93 -40.10 -11.18
CA TYR B 418 -6.88 -39.29 -10.56
C TYR B 418 -6.71 -39.77 -9.14
N TYR B 419 -5.69 -40.59 -8.94
CA TYR B 419 -5.43 -41.20 -7.67
C TYR B 419 -4.26 -40.67 -6.86
N SER B 420 -4.40 -40.85 -5.55
CA SER B 420 -3.41 -40.48 -4.57
C SER B 420 -3.35 -41.66 -3.59
N VAL B 421 -2.23 -41.86 -2.90
CA VAL B 421 -2.15 -42.97 -1.99
C VAL B 421 -1.46 -42.67 -0.68
N SER B 422 -1.71 -43.54 0.30
CA SER B 422 -1.11 -43.42 1.62
C SER B 422 -0.89 -44.83 2.20
N PHE B 423 0.37 -45.26 2.27
CA PHE B 423 0.70 -46.58 2.78
C PHE B 423 0.86 -46.59 4.29
N SER B 424 0.72 -47.75 4.92
CA SER B 424 0.89 -47.85 6.36
C SER B 424 2.39 -47.85 6.61
N LYS B 425 2.82 -47.96 7.87
CA LYS B 425 4.24 -47.94 8.21
C LYS B 425 5.17 -48.86 7.42
N GLU B 426 4.82 -50.13 7.28
CA GLU B 426 5.65 -51.06 6.53
C GLU B 426 4.97 -51.38 5.19
N ALA B 427 4.12 -50.48 4.74
CA ALA B 427 3.42 -50.66 3.48
C ALA B 427 2.55 -51.90 3.45
N LYS B 428 2.07 -52.35 4.62
CA LYS B 428 1.21 -53.53 4.67
C LYS B 428 -0.21 -53.19 4.15
N TYR B 429 -0.63 -51.93 4.31
CA TYR B 429 -1.94 -51.49 3.86
C TYR B 429 -1.80 -50.13 3.16
N TYR B 430 -2.74 -49.82 2.29
CA TYR B 430 -2.72 -48.52 1.63
C TYR B 430 -4.13 -47.96 1.39
N GLN B 431 -4.29 -46.67 1.66
CA GLN B 431 -5.58 -46.02 1.43
C GLN B 431 -5.48 -45.37 0.06
N LEU B 432 -6.46 -45.63 -0.78
CA LEU B 432 -6.48 -45.01 -2.08
C LEU B 432 -7.42 -43.82 -2.02
N ARG B 433 -7.01 -42.74 -2.66
CA ARG B 433 -7.77 -41.51 -2.66
C ARG B 433 -7.99 -41.08 -4.10
N CYS B 434 -9.21 -41.28 -4.56
CA CYS B 434 -9.62 -40.95 -5.92
C CYS B 434 -10.21 -39.55 -5.84
N SER B 435 -9.73 -38.65 -6.69
CA SER B 435 -10.25 -37.28 -6.62
C SER B 435 -11.01 -36.81 -7.87
N GLY B 436 -11.24 -37.71 -8.83
CA GLY B 436 -11.96 -37.33 -10.03
C GLY B 436 -11.84 -38.34 -11.16
N PRO B 437 -12.58 -38.17 -12.27
CA PRO B 437 -13.53 -37.08 -12.57
C PRO B 437 -14.87 -37.11 -11.82
N GLY B 438 -15.12 -38.20 -11.10
CA GLY B 438 -16.35 -38.32 -10.35
C GLY B 438 -16.18 -37.78 -8.94
N LEU B 439 -17.15 -38.01 -8.06
CA LEU B 439 -17.00 -37.54 -6.69
C LEU B 439 -15.89 -38.31 -5.98
N PRO B 440 -15.09 -37.61 -5.16
CA PRO B 440 -14.00 -38.29 -4.46
C PRO B 440 -14.44 -39.57 -3.80
N LEU B 441 -13.57 -40.57 -3.84
CA LEU B 441 -13.83 -41.89 -3.28
C LEU B 441 -12.60 -42.39 -2.53
N TYR B 442 -12.77 -42.77 -1.27
CA TYR B 442 -11.65 -43.25 -0.47
C TYR B 442 -11.88 -44.71 -0.10
N THR B 443 -10.87 -45.53 -0.36
CA THR B 443 -10.93 -46.97 -0.11
C THR B 443 -9.66 -47.45 0.61
N LEU B 444 -9.76 -48.59 1.29
CA LEU B 444 -8.61 -49.15 2.00
C LEU B 444 -8.24 -50.48 1.34
N HIS B 445 -6.95 -50.76 1.24
CA HIS B 445 -6.52 -51.98 0.58
C HIS B 445 -5.40 -52.68 1.32
N SER B 446 -5.36 -54.00 1.14
CA SER B 446 -4.35 -54.84 1.75
C SER B 446 -3.24 -55.07 0.70
N SER B 447 -2.00 -54.82 1.08
CA SER B 447 -0.88 -55.00 0.15
C SER B 447 -0.53 -56.48 -0.13
N VAL B 448 -0.75 -57.33 0.86
CA VAL B 448 -0.42 -58.74 0.72
C VAL B 448 -1.11 -59.40 -0.47
N ASN B 449 -2.27 -58.90 -0.86
CA ASN B 449 -3.03 -59.47 -1.98
C ASN B 449 -3.73 -58.43 -2.85
N ASP B 450 -3.45 -57.15 -2.60
CA ASP B 450 -4.06 -56.04 -3.33
C ASP B 450 -5.58 -56.14 -3.40
N LYS B 451 -6.20 -56.65 -2.33
CA LYS B 451 -7.66 -56.77 -2.30
C LYS B 451 -8.27 -55.57 -1.60
N GLY B 452 -9.45 -55.15 -2.08
CA GLY B 452 -10.13 -54.01 -1.49
C GLY B 452 -10.72 -54.44 -0.18
N LEU B 453 -10.31 -53.80 0.91
CA LEU B 453 -10.82 -54.11 2.24
C LEU B 453 -12.20 -53.51 2.47
N ARG B 454 -12.40 -52.29 1.98
CA ARG B 454 -13.69 -51.61 2.11
C ARG B 454 -13.63 -50.15 1.68
N VAL B 455 -14.81 -49.56 1.60
CA VAL B 455 -14.97 -48.16 1.22
C VAL B 455 -14.95 -47.33 2.49
N LEU B 456 -14.15 -46.27 2.49
CA LEU B 456 -14.04 -45.40 3.66
C LEU B 456 -14.99 -44.21 3.58
N GLU B 457 -15.13 -43.64 2.40
CA GLU B 457 -16.01 -42.48 2.18
C GLU B 457 -16.30 -42.45 0.69
N ASP B 458 -17.58 -42.51 0.36
CA ASP B 458 -18.00 -42.52 -1.04
C ASP B 458 -18.70 -41.24 -1.47
N ASN B 459 -18.92 -40.34 -0.52
CA ASN B 459 -19.57 -39.07 -0.81
C ASN B 459 -21.01 -39.21 -1.32
N SER B 460 -21.71 -40.23 -0.86
CA SER B 460 -23.08 -40.47 -1.26
C SER B 460 -23.96 -39.31 -0.82
N ALA B 461 -23.71 -38.81 0.38
CA ALA B 461 -24.48 -37.68 0.91
C ALA B 461 -24.50 -36.52 -0.09
N LEU B 462 -23.33 -36.16 -0.63
CA LEU B 462 -23.22 -35.06 -1.60
C LEU B 462 -23.82 -35.45 -2.95
N ASP B 463 -23.56 -36.67 -3.40
CA ASP B 463 -24.10 -37.13 -4.68
C ASP B 463 -25.62 -36.91 -4.63
N LYS B 464 -26.21 -37.25 -3.49
CA LYS B 464 -27.64 -37.10 -3.32
C LYS B 464 -28.05 -35.65 -3.54
N MET B 465 -27.40 -34.74 -2.80
CA MET B 465 -27.70 -33.32 -2.92
C MET B 465 -27.55 -32.75 -4.33
N LEU B 466 -26.46 -33.10 -5.00
CA LEU B 466 -26.20 -32.60 -6.35
C LEU B 466 -27.22 -33.05 -7.41
N GLN B 467 -28.06 -34.02 -7.04
CA GLN B 467 -29.09 -34.52 -7.96
C GLN B 467 -30.14 -33.43 -8.22
N ASN B 468 -30.35 -32.59 -7.21
CA ASN B 468 -31.34 -31.52 -7.29
C ASN B 468 -30.75 -30.21 -7.82
N VAL B 469 -29.59 -30.29 -8.48
CA VAL B 469 -28.96 -29.10 -9.03
C VAL B 469 -28.39 -29.34 -10.42
N GLN B 470 -28.55 -28.33 -11.28
CA GLN B 470 -28.06 -28.39 -12.65
C GLN B 470 -26.56 -28.20 -12.70
N MET B 471 -25.82 -29.24 -12.36
CA MET B 471 -24.36 -29.14 -12.37
C MET B 471 -23.82 -29.07 -13.79
N PRO B 472 -22.67 -28.39 -13.96
CA PRO B 472 -22.02 -28.24 -15.27
C PRO B 472 -21.27 -29.53 -15.58
N SER B 473 -20.80 -29.70 -16.81
CA SER B 473 -20.05 -30.89 -17.16
C SER B 473 -18.64 -30.44 -17.50
N LYS B 474 -17.72 -31.39 -17.51
CA LYS B 474 -16.33 -31.10 -17.82
C LYS B 474 -15.82 -31.99 -18.94
N LYS B 475 -15.15 -31.37 -19.91
CA LYS B 475 -14.59 -32.09 -21.03
C LYS B 475 -13.08 -31.96 -21.01
N LEU B 476 -12.39 -33.09 -21.12
CA LEU B 476 -10.93 -33.12 -21.13
C LEU B 476 -10.57 -33.70 -22.50
N ASP B 477 -9.86 -32.92 -23.30
CA ASP B 477 -9.49 -33.37 -24.63
C ASP B 477 -8.19 -32.69 -25.07
N PHE B 478 -7.88 -32.77 -26.36
CA PHE B 478 -6.67 -32.15 -26.86
C PHE B 478 -6.78 -31.62 -28.28
N ILE B 479 -5.83 -30.76 -28.63
CA ILE B 479 -5.75 -30.21 -29.97
C ILE B 479 -4.30 -30.45 -30.39
N ILE B 480 -4.07 -30.53 -31.70
CA ILE B 480 -2.73 -30.77 -32.20
C ILE B 480 -2.16 -29.50 -32.78
N LEU B 481 -0.99 -29.11 -32.29
CA LEU B 481 -0.33 -27.91 -32.77
C LEU B 481 1.11 -28.29 -33.13
N ASN B 482 1.40 -28.34 -34.42
CA ASN B 482 2.74 -28.68 -34.89
C ASN B 482 3.13 -30.11 -34.57
N GLU B 483 2.26 -31.05 -34.95
CA GLU B 483 2.53 -32.47 -34.76
C GLU B 483 2.67 -32.90 -33.28
N THR B 484 2.17 -32.07 -32.37
CA THR B 484 2.24 -32.38 -30.95
C THR B 484 0.90 -32.04 -30.30
N LYS B 485 0.43 -32.91 -29.42
CA LYS B 485 -0.84 -32.66 -28.76
C LYS B 485 -0.74 -31.86 -27.47
N PHE B 486 -1.72 -30.97 -27.29
CA PHE B 486 -1.82 -30.10 -26.15
C PHE B 486 -3.20 -30.23 -25.55
N TRP B 487 -3.25 -30.58 -24.28
CA TRP B 487 -4.51 -30.80 -23.57
C TRP B 487 -5.23 -29.56 -23.01
N TYR B 488 -6.55 -29.64 -22.98
CA TYR B 488 -7.37 -28.55 -22.45
C TYR B 488 -8.60 -29.16 -21.83
N GLN B 489 -9.24 -28.41 -20.96
CA GLN B 489 -10.46 -28.88 -20.34
C GLN B 489 -11.43 -27.73 -20.45
N MET B 490 -12.71 -28.03 -20.43
CA MET B 490 -13.73 -27.01 -20.49
C MET B 490 -14.80 -27.36 -19.48
N ILE B 491 -15.23 -26.38 -18.71
CA ILE B 491 -16.30 -26.59 -17.75
C ILE B 491 -17.47 -26.05 -18.56
N LEU B 492 -18.29 -26.96 -19.09
CA LEU B 492 -19.42 -26.60 -19.93
C LEU B 492 -20.72 -26.39 -19.14
N PRO B 493 -21.53 -25.41 -19.52
CA PRO B 493 -22.79 -25.16 -18.81
C PRO B 493 -23.75 -26.34 -18.90
N PRO B 494 -24.75 -26.40 -18.01
CA PRO B 494 -25.70 -27.51 -18.07
C PRO B 494 -26.43 -27.46 -19.41
N HIS B 495 -26.88 -28.61 -19.90
CA HIS B 495 -27.61 -28.64 -21.16
C HIS B 495 -26.87 -27.91 -22.28
N PHE B 496 -25.55 -28.09 -22.31
CA PHE B 496 -24.72 -27.47 -23.31
C PHE B 496 -25.22 -27.79 -24.71
N ASP B 497 -25.30 -26.79 -25.57
CA ASP B 497 -25.74 -27.00 -26.95
C ASP B 497 -24.72 -26.41 -27.90
N LYS B 498 -24.00 -27.28 -28.62
CA LYS B 498 -22.96 -26.80 -29.54
C LYS B 498 -23.49 -25.96 -30.69
N SER B 499 -24.80 -25.82 -30.78
CA SER B 499 -25.40 -25.02 -31.85
C SER B 499 -25.49 -23.58 -31.41
N LYS B 500 -25.06 -23.30 -30.18
CA LYS B 500 -25.11 -21.95 -29.65
C LYS B 500 -23.74 -21.33 -29.42
N LYS B 501 -23.75 -20.01 -29.28
CA LYS B 501 -22.53 -19.27 -29.04
C LYS B 501 -22.53 -18.87 -27.56
N TYR B 502 -21.58 -19.44 -26.83
CA TYR B 502 -21.46 -19.16 -25.39
C TYR B 502 -20.29 -18.24 -25.12
N PRO B 503 -20.39 -17.40 -24.08
CA PRO B 503 -19.23 -16.54 -23.80
C PRO B 503 -18.17 -17.47 -23.20
N LEU B 504 -16.90 -17.16 -23.42
CA LEU B 504 -15.84 -18.03 -22.88
C LEU B 504 -14.84 -17.31 -21.97
N LEU B 505 -14.53 -17.92 -20.83
CA LEU B 505 -13.56 -17.38 -19.87
C LEU B 505 -12.38 -18.37 -19.81
N LEU B 506 -11.20 -17.88 -20.14
CA LEU B 506 -10.01 -18.68 -20.12
C LEU B 506 -9.38 -18.58 -18.73
N ASP B 507 -9.38 -19.69 -18.00
CA ASP B 507 -8.83 -19.79 -16.65
C ASP B 507 -7.37 -20.21 -16.90
N VAL B 508 -6.43 -19.35 -16.56
CA VAL B 508 -5.03 -19.66 -16.83
C VAL B 508 -4.05 -19.56 -15.67
N TYR B 509 -2.99 -20.35 -15.75
CA TYR B 509 -1.92 -20.33 -14.76
C TYR B 509 -0.70 -20.40 -15.67
N ALA B 510 -0.46 -21.56 -16.28
CA ALA B 510 0.62 -21.73 -17.25
C ALA B 510 2.06 -21.49 -16.85
N GLY B 511 2.38 -21.57 -15.55
CA GLY B 511 3.76 -21.38 -15.17
C GLY B 511 4.49 -22.67 -15.51
N PRO B 512 5.82 -22.69 -15.41
CA PRO B 512 6.59 -23.90 -15.71
C PRO B 512 6.21 -25.15 -14.90
N CYS B 513 5.90 -26.21 -15.63
CA CYS B 513 5.48 -27.49 -15.07
C CYS B 513 4.09 -27.42 -14.48
N SER B 514 3.25 -26.54 -15.01
CA SER B 514 1.89 -26.45 -14.54
C SER B 514 0.98 -27.42 -15.30
N GLN B 515 -0.20 -27.65 -14.76
CA GLN B 515 -1.19 -28.52 -15.38
C GLN B 515 -2.58 -28.02 -14.96
N LYS B 516 -3.27 -27.35 -15.88
CA LYS B 516 -4.62 -26.87 -15.59
C LYS B 516 -5.67 -27.76 -16.24
N ALA B 517 -5.22 -28.75 -16.99
CA ALA B 517 -6.13 -29.69 -17.66
C ALA B 517 -5.95 -31.06 -17.03
N ASP B 518 -6.92 -31.45 -16.21
CA ASP B 518 -6.82 -32.76 -15.58
C ASP B 518 -8.18 -33.39 -15.30
N THR B 519 -8.14 -34.56 -14.68
CA THR B 519 -9.35 -35.31 -14.39
C THR B 519 -9.86 -35.10 -12.96
N VAL B 520 -9.42 -34.05 -12.29
CA VAL B 520 -9.90 -33.82 -10.93
C VAL B 520 -11.28 -33.14 -10.90
N PHE B 521 -12.08 -33.51 -9.90
CA PHE B 521 -13.41 -32.94 -9.72
C PHE B 521 -13.34 -31.75 -8.75
N ARG B 522 -13.81 -30.59 -9.19
CA ARG B 522 -13.78 -29.43 -8.31
C ARG B 522 -15.12 -28.70 -8.25
N LEU B 523 -15.39 -28.12 -7.10
CA LEU B 523 -16.57 -27.31 -6.87
C LEU B 523 -15.94 -25.96 -6.57
N ASN B 524 -15.88 -25.11 -7.61
CA ASN B 524 -15.27 -23.81 -7.46
C ASN B 524 -16.02 -22.68 -8.19
N TRP B 525 -15.34 -21.55 -8.34
CA TRP B 525 -15.93 -20.40 -9.00
C TRP B 525 -16.36 -20.72 -10.41
N ALA B 526 -15.56 -21.51 -11.12
CA ALA B 526 -15.91 -21.88 -12.50
C ALA B 526 -17.19 -22.71 -12.54
N THR B 527 -17.47 -23.44 -11.47
CA THR B 527 -18.69 -24.24 -11.41
C THR B 527 -19.88 -23.29 -11.46
N TYR B 528 -19.83 -22.27 -10.60
CA TYR B 528 -20.88 -21.27 -10.55
C TYR B 528 -21.03 -20.55 -11.89
N LEU B 529 -19.91 -20.12 -12.48
CA LEU B 529 -19.98 -19.40 -13.75
C LEU B 529 -20.63 -20.23 -14.85
N ALA B 530 -20.25 -21.50 -14.98
CA ALA B 530 -20.84 -22.35 -16.02
C ALA B 530 -22.30 -22.70 -15.69
N SER B 531 -22.54 -23.17 -14.48
CA SER B 531 -23.87 -23.57 -14.05
C SER B 531 -24.93 -22.48 -13.95
N THR B 532 -24.57 -21.32 -13.44
CA THR B 532 -25.53 -20.24 -13.27
C THR B 532 -25.43 -19.18 -14.36
N GLU B 533 -24.21 -18.79 -14.69
CA GLU B 533 -24.01 -17.75 -15.70
C GLU B 533 -23.90 -18.28 -17.11
N ASN B 534 -24.01 -19.60 -17.27
CA ASN B 534 -23.89 -20.21 -18.60
C ASN B 534 -22.63 -19.78 -19.32
N ILE B 535 -21.53 -19.72 -18.57
CA ILE B 535 -20.25 -19.35 -19.15
C ILE B 535 -19.36 -20.60 -19.30
N ILE B 536 -18.68 -20.69 -20.43
CA ILE B 536 -17.78 -21.81 -20.62
C ILE B 536 -16.43 -21.38 -20.01
N VAL B 537 -15.91 -22.20 -19.10
CA VAL B 537 -14.63 -21.89 -18.47
C VAL B 537 -13.60 -22.91 -18.98
N ALA B 538 -12.60 -22.41 -19.70
CA ALA B 538 -11.57 -23.25 -20.29
C ALA B 538 -10.17 -23.03 -19.73
N SER B 539 -9.35 -24.08 -19.86
CA SER B 539 -7.96 -24.03 -19.41
C SER B 539 -7.14 -24.81 -20.43
N PHE B 540 -5.92 -24.36 -20.69
CA PHE B 540 -5.07 -25.00 -21.69
C PHE B 540 -3.64 -25.14 -21.19
N ASP B 541 -3.03 -26.31 -21.42
CA ASP B 541 -1.64 -26.55 -21.02
C ASP B 541 -0.78 -26.57 -22.27
N GLY B 542 -0.12 -25.46 -22.55
CA GLY B 542 0.73 -25.36 -23.72
C GLY B 542 2.20 -25.53 -23.40
N ARG B 543 3.07 -24.94 -24.22
CA ARG B 543 4.49 -25.08 -23.97
C ARG B 543 4.83 -24.66 -22.54
N GLY B 544 5.77 -25.37 -21.93
CA GLY B 544 6.15 -25.09 -20.56
C GLY B 544 5.38 -25.92 -19.55
N SER B 545 4.20 -26.44 -19.92
CA SER B 545 3.41 -27.22 -18.97
C SER B 545 4.13 -28.51 -18.58
N GLY B 546 3.69 -29.18 -17.52
CA GLY B 546 4.41 -30.36 -17.08
C GLY B 546 3.83 -31.74 -17.30
N TYR B 547 4.61 -32.73 -16.87
CA TYR B 547 4.19 -34.12 -16.93
C TYR B 547 4.03 -34.67 -18.33
N GLN B 548 4.69 -34.02 -19.30
CA GLN B 548 4.59 -34.44 -20.68
C GLN B 548 5.96 -34.46 -21.34
N GLY B 549 7.01 -34.56 -20.54
CA GLY B 549 8.35 -34.58 -21.09
C GLY B 549 9.00 -33.20 -21.15
N ASP B 550 10.33 -33.19 -21.13
CA ASP B 550 11.12 -31.96 -21.18
C ASP B 550 11.00 -31.16 -22.47
N LYS B 551 10.64 -31.84 -23.56
CA LYS B 551 10.50 -31.17 -24.83
C LYS B 551 9.48 -30.06 -24.67
N ILE B 552 8.38 -30.38 -24.00
CA ILE B 552 7.34 -29.42 -23.75
C ILE B 552 7.66 -28.52 -22.53
N MET B 553 8.17 -29.12 -21.46
CA MET B 553 8.45 -28.32 -20.27
C MET B 553 9.59 -27.33 -20.42
N HIS B 554 10.68 -27.71 -21.08
CA HIS B 554 11.79 -26.79 -21.24
C HIS B 554 11.66 -25.85 -22.43
N ALA B 555 10.51 -25.85 -23.09
CA ALA B 555 10.31 -24.97 -24.25
C ALA B 555 10.43 -23.50 -23.86
N ILE B 556 10.13 -23.17 -22.61
CA ILE B 556 10.23 -21.78 -22.18
C ILE B 556 11.51 -21.49 -21.38
N ASN B 557 12.42 -22.45 -21.35
CA ASN B 557 13.67 -22.23 -20.62
C ASN B 557 14.31 -20.90 -21.05
N ARG B 558 14.68 -20.09 -20.06
CA ARG B 558 15.31 -18.77 -20.25
C ARG B 558 14.43 -17.79 -21.02
N ARG B 559 13.20 -18.19 -21.29
CA ARG B 559 12.28 -17.37 -22.06
C ARG B 559 10.89 -17.27 -21.47
N LEU B 560 10.76 -16.92 -20.18
CA LEU B 560 9.42 -16.81 -19.59
C LEU B 560 8.70 -15.62 -20.21
N GLY B 561 7.37 -15.70 -20.30
CA GLY B 561 6.62 -14.62 -20.89
C GLY B 561 6.58 -14.66 -22.41
N THR B 562 6.82 -15.84 -23.00
CA THR B 562 6.77 -15.95 -24.46
C THR B 562 5.79 -17.03 -24.90
N PHE B 563 6.30 -18.22 -25.17
CA PHE B 563 5.48 -19.31 -25.66
C PHE B 563 4.26 -19.66 -24.81
N GLU B 564 4.43 -19.68 -23.49
CA GLU B 564 3.31 -20.05 -22.63
C GLU B 564 2.24 -18.97 -22.73
N VAL B 565 2.66 -17.77 -23.08
CA VAL B 565 1.71 -16.65 -23.23
C VAL B 565 1.03 -16.75 -24.60
N GLU B 566 1.84 -16.94 -25.63
CA GLU B 566 1.32 -17.05 -27.00
C GLU B 566 0.37 -18.26 -27.15
N ASP B 567 0.79 -19.42 -26.65
CA ASP B 567 -0.02 -20.64 -26.77
C ASP B 567 -1.40 -20.50 -26.17
N GLN B 568 -1.48 -19.70 -25.10
CA GLN B 568 -2.72 -19.43 -24.40
C GLN B 568 -3.64 -18.63 -25.33
N ILE B 569 -3.04 -17.72 -26.11
CA ILE B 569 -3.80 -16.90 -27.06
C ILE B 569 -4.27 -17.81 -28.21
N GLU B 570 -3.37 -18.64 -28.70
CA GLU B 570 -3.68 -19.56 -29.78
C GLU B 570 -4.78 -20.50 -29.29
N ALA B 571 -4.75 -20.89 -28.02
CA ALA B 571 -5.79 -21.76 -27.50
C ALA B 571 -7.14 -21.09 -27.68
N ALA B 572 -7.23 -19.81 -27.30
CA ALA B 572 -8.49 -19.07 -27.44
C ALA B 572 -8.98 -19.13 -28.90
N ARG B 573 -8.10 -18.84 -29.83
CA ARG B 573 -8.46 -18.90 -31.24
C ARG B 573 -9.04 -20.27 -31.53
N GLN B 574 -8.26 -21.31 -31.23
CA GLN B 574 -8.69 -22.69 -31.45
C GLN B 574 -10.07 -22.95 -30.89
N PHE B 575 -10.35 -22.42 -29.71
CA PHE B 575 -11.65 -22.64 -29.09
C PHE B 575 -12.73 -21.92 -29.86
N SER B 576 -12.47 -20.68 -30.26
CA SER B 576 -13.47 -19.94 -31.01
C SER B 576 -13.81 -20.66 -32.33
N LYS B 577 -12.80 -21.25 -32.96
CA LYS B 577 -13.05 -21.97 -34.21
C LYS B 577 -13.84 -23.25 -33.98
N MET B 578 -14.20 -23.55 -32.74
CA MET B 578 -14.99 -24.77 -32.48
C MET B 578 -16.48 -24.53 -32.70
N GLY B 579 -16.83 -23.26 -32.99
CA GLY B 579 -18.21 -22.92 -33.29
C GLY B 579 -19.24 -22.67 -32.21
N PHE B 580 -18.91 -22.96 -30.96
CA PHE B 580 -19.86 -22.72 -29.88
C PHE B 580 -19.37 -21.61 -28.94
N VAL B 581 -18.50 -20.76 -29.46
CA VAL B 581 -17.94 -19.65 -28.68
C VAL B 581 -18.24 -18.31 -29.32
N ASP B 582 -18.80 -17.40 -28.53
CA ASP B 582 -19.12 -16.05 -28.97
C ASP B 582 -17.81 -15.27 -29.03
N ASN B 583 -17.25 -15.11 -30.22
CA ASN B 583 -15.99 -14.38 -30.37
C ASN B 583 -15.98 -12.97 -29.76
N LYS B 584 -17.16 -12.42 -29.54
CA LYS B 584 -17.23 -11.07 -28.99
C LYS B 584 -17.17 -11.08 -27.47
N ARG B 585 -17.30 -12.25 -26.86
CA ARG B 585 -17.26 -12.33 -25.41
C ARG B 585 -16.27 -13.36 -24.87
N ILE B 586 -14.99 -13.13 -25.15
CA ILE B 586 -13.94 -14.00 -24.64
C ILE B 586 -13.10 -13.24 -23.61
N ALA B 587 -13.08 -13.75 -22.38
CA ALA B 587 -12.34 -13.13 -21.29
C ALA B 587 -11.25 -14.07 -20.82
N ILE B 588 -10.30 -13.53 -20.06
CA ILE B 588 -9.17 -14.31 -19.53
C ILE B 588 -8.89 -13.86 -18.09
N TRP B 589 -8.49 -14.80 -17.24
CA TRP B 589 -8.19 -14.45 -15.85
C TRP B 589 -7.25 -15.47 -15.24
N GLY B 590 -6.52 -15.05 -14.21
CA GLY B 590 -5.59 -15.95 -13.55
C GLY B 590 -5.03 -15.33 -12.29
N TRP B 591 -4.48 -16.19 -11.45
CA TRP B 591 -3.91 -15.75 -10.19
C TRP B 591 -2.42 -16.09 -10.21
N SER B 592 -1.62 -15.26 -9.57
CA SER B 592 -0.19 -15.53 -9.47
C SER B 592 0.45 -15.56 -10.85
N TYR B 593 1.08 -16.67 -11.22
CA TYR B 593 1.67 -16.75 -12.56
C TYR B 593 0.53 -16.51 -13.55
N GLY B 594 -0.67 -16.99 -13.20
CA GLY B 594 -1.83 -16.80 -14.06
C GLY B 594 -2.14 -15.32 -14.22
N GLY B 595 -1.83 -14.53 -13.19
CA GLY B 595 -2.07 -13.10 -13.26
C GLY B 595 -1.09 -12.48 -14.25
N TYR B 596 0.14 -12.97 -14.25
CA TYR B 596 1.17 -12.48 -15.15
C TYR B 596 0.77 -12.78 -16.60
N VAL B 597 0.51 -14.05 -16.88
CA VAL B 597 0.13 -14.48 -18.22
C VAL B 597 -1.09 -13.72 -18.70
N THR B 598 -2.09 -13.56 -17.85
CA THR B 598 -3.30 -12.82 -18.17
C THR B 598 -2.94 -11.39 -18.60
N SER B 599 -2.11 -10.74 -17.79
CA SER B 599 -1.69 -9.38 -18.09
C SER B 599 -0.91 -9.34 -19.41
N MET B 600 0.09 -10.20 -19.56
CA MET B 600 0.87 -10.24 -20.80
C MET B 600 -0.05 -10.45 -22.02
N VAL B 601 -1.04 -11.32 -21.84
CA VAL B 601 -1.99 -11.60 -22.92
C VAL B 601 -2.82 -10.38 -23.21
N LEU B 602 -3.39 -9.75 -22.18
CA LEU B 602 -4.20 -8.57 -22.38
C LEU B 602 -3.42 -7.42 -23.04
N GLY B 603 -2.10 -7.41 -22.86
CA GLY B 603 -1.31 -6.35 -23.45
C GLY B 603 -0.56 -6.76 -24.72
N SER B 604 -0.94 -7.87 -25.34
CA SER B 604 -0.25 -8.32 -26.55
C SER B 604 -0.78 -7.68 -27.83
N GLY B 605 -1.99 -7.13 -27.76
CA GLY B 605 -2.57 -6.51 -28.94
C GLY B 605 -3.23 -7.52 -29.87
N SER B 606 -3.49 -8.73 -29.38
CA SER B 606 -4.11 -9.78 -30.21
C SER B 606 -5.54 -9.48 -30.65
N GLY B 607 -6.28 -8.74 -29.84
CA GLY B 607 -7.66 -8.44 -30.19
C GLY B 607 -8.61 -9.59 -29.84
N VAL B 608 -8.06 -10.73 -29.44
CA VAL B 608 -8.91 -11.87 -29.11
C VAL B 608 -9.76 -11.72 -27.84
N PHE B 609 -9.20 -11.10 -26.82
CA PHE B 609 -9.89 -10.94 -25.55
C PHE B 609 -10.57 -9.60 -25.31
N LYS B 610 -11.75 -9.63 -24.70
CA LYS B 610 -12.47 -8.41 -24.43
C LYS B 610 -12.07 -7.78 -23.10
N CYS B 611 -11.90 -8.63 -22.08
CA CYS B 611 -11.53 -8.16 -20.76
C CYS B 611 -10.74 -9.25 -20.04
N GLY B 612 -10.20 -8.91 -18.87
CA GLY B 612 -9.45 -9.89 -18.11
C GLY B 612 -9.20 -9.46 -16.68
N ILE B 613 -8.93 -10.43 -15.81
CA ILE B 613 -8.68 -10.18 -14.41
C ILE B 613 -7.35 -10.77 -13.96
N ALA B 614 -6.49 -9.95 -13.38
CA ALA B 614 -5.21 -10.44 -12.87
C ALA B 614 -5.18 -10.30 -11.36
N VAL B 615 -4.97 -11.39 -10.65
CA VAL B 615 -4.91 -11.35 -9.19
C VAL B 615 -3.49 -11.68 -8.75
N ALA B 616 -2.92 -10.80 -7.91
CA ALA B 616 -1.54 -10.94 -7.40
C ALA B 616 -0.59 -11.37 -8.51
N PRO B 617 -0.51 -10.60 -9.59
CA PRO B 617 0.40 -11.00 -10.67
C PRO B 617 1.84 -10.57 -10.50
N VAL B 618 2.71 -11.28 -11.20
CA VAL B 618 4.12 -10.95 -11.27
C VAL B 618 4.07 -9.94 -12.43
N SER B 619 4.89 -8.89 -12.39
CA SER B 619 4.90 -7.91 -13.47
C SER B 619 6.28 -7.77 -14.13
N ARG B 620 7.34 -8.08 -13.38
CA ARG B 620 8.70 -8.07 -13.93
C ARG B 620 9.50 -9.05 -13.07
N TRP B 621 10.16 -9.97 -13.76
CA TRP B 621 10.90 -11.02 -13.09
C TRP B 621 11.99 -10.56 -12.12
N GLU B 622 12.50 -9.34 -12.27
CA GLU B 622 13.51 -8.87 -11.33
C GLU B 622 12.89 -8.61 -9.95
N TYR B 623 11.56 -8.60 -9.87
CA TYR B 623 10.86 -8.41 -8.58
C TYR B 623 10.59 -9.73 -7.85
N TYR B 624 10.66 -10.87 -8.55
CA TYR B 624 10.39 -12.13 -7.89
C TYR B 624 11.66 -12.72 -7.28
N ASP B 625 11.53 -13.72 -6.41
CA ASP B 625 12.71 -14.28 -5.77
C ASP B 625 13.68 -15.02 -6.69
N SER B 626 14.93 -15.10 -6.23
CA SER B 626 16.01 -15.72 -6.97
C SER B 626 15.88 -17.21 -7.29
N VAL B 627 15.60 -18.04 -6.29
CA VAL B 627 15.52 -19.48 -6.53
C VAL B 627 14.54 -19.86 -7.63
N TYR B 628 13.32 -19.38 -7.53
CA TYR B 628 12.33 -19.66 -8.55
C TYR B 628 12.67 -19.02 -9.88
N THR B 629 12.82 -17.70 -9.89
CA THR B 629 13.10 -16.97 -11.12
C THR B 629 14.34 -17.42 -11.89
N GLU B 630 15.48 -17.50 -11.20
CA GLU B 630 16.72 -17.87 -11.87
C GLU B 630 16.70 -19.29 -12.42
N ARG B 631 15.84 -20.11 -11.84
CA ARG B 631 15.73 -21.48 -12.28
C ARG B 631 15.37 -21.54 -13.76
N TYR B 632 14.47 -20.66 -14.18
CA TYR B 632 13.99 -20.64 -15.55
C TYR B 632 14.63 -19.54 -16.36
N MET B 633 15.04 -18.47 -15.70
CA MET B 633 15.58 -17.29 -16.37
C MET B 633 17.07 -17.04 -16.25
N GLY B 634 17.78 -17.85 -15.48
CA GLY B 634 19.19 -17.58 -15.29
C GLY B 634 19.37 -16.24 -14.56
N LEU B 635 20.53 -15.60 -14.70
CA LEU B 635 20.77 -14.33 -14.03
C LEU B 635 20.44 -13.08 -14.85
N PRO B 636 19.90 -12.05 -14.18
CA PRO B 636 19.54 -10.80 -14.86
C PRO B 636 20.76 -9.87 -15.08
N THR B 637 21.78 -10.39 -15.76
CA THR B 637 22.99 -9.61 -16.02
C THR B 637 23.20 -9.55 -17.53
N PRO B 638 23.90 -8.52 -18.02
CA PRO B 638 24.14 -8.42 -19.47
C PRO B 638 24.87 -9.63 -20.07
N GLU B 639 25.72 -10.27 -19.27
CA GLU B 639 26.46 -11.45 -19.73
C GLU B 639 25.63 -12.72 -19.71
N ASP B 640 24.43 -12.66 -19.15
CA ASP B 640 23.59 -13.84 -19.08
C ASP B 640 22.26 -13.61 -19.78
N ASN B 641 21.19 -13.35 -19.03
CA ASN B 641 19.89 -13.19 -19.66
C ASN B 641 19.14 -11.90 -19.34
N LEU B 642 19.87 -10.83 -19.02
CA LEU B 642 19.22 -9.57 -18.68
C LEU B 642 18.25 -9.03 -19.74
N ASP B 643 18.62 -9.10 -21.01
CA ASP B 643 17.76 -8.59 -22.07
C ASP B 643 16.37 -9.19 -22.04
N HIS B 644 16.27 -10.51 -21.85
CA HIS B 644 14.94 -11.09 -21.81
C HIS B 644 14.20 -10.71 -20.50
N TYR B 645 14.94 -10.46 -19.42
CA TYR B 645 14.35 -10.04 -18.15
C TYR B 645 13.62 -8.72 -18.37
N ARG B 646 14.29 -7.80 -19.04
CA ARG B 646 13.74 -6.47 -19.31
C ARG B 646 12.69 -6.48 -20.40
N ASN B 647 12.70 -7.55 -21.19
CA ASN B 647 11.78 -7.69 -22.32
C ASN B 647 10.46 -8.40 -22.04
N SER B 648 10.37 -9.07 -20.89
CA SER B 648 9.17 -9.81 -20.52
C SER B 648 8.36 -9.18 -19.40
N THR B 649 8.40 -7.86 -19.29
CA THR B 649 7.63 -7.21 -18.24
C THR B 649 6.25 -6.81 -18.75
N VAL B 650 5.31 -6.73 -17.82
CA VAL B 650 3.94 -6.33 -18.15
C VAL B 650 3.94 -4.86 -18.53
N MET B 651 4.63 -4.06 -17.71
CA MET B 651 4.70 -2.60 -17.88
C MET B 651 5.03 -2.14 -19.31
N SER B 652 5.87 -2.88 -20.03
CA SER B 652 6.25 -2.49 -21.38
C SER B 652 5.11 -2.61 -22.40
N ARG B 653 4.00 -3.20 -21.99
CA ARG B 653 2.86 -3.36 -22.89
C ARG B 653 1.66 -2.53 -22.46
N ALA B 654 1.88 -1.61 -21.52
CA ALA B 654 0.83 -0.75 -20.97
C ALA B 654 -0.08 -0.13 -22.03
N GLU B 655 0.53 0.40 -23.09
CA GLU B 655 -0.20 1.05 -24.17
C GLU B 655 -1.28 0.17 -24.80
N ASN B 656 -0.98 -1.11 -25.03
CA ASN B 656 -1.95 -2.03 -25.63
C ASN B 656 -3.18 -2.31 -24.77
N PHE B 657 -3.13 -1.94 -23.49
CA PHE B 657 -4.26 -2.15 -22.58
C PHE B 657 -5.44 -1.22 -22.87
N LYS B 658 -5.28 -0.32 -23.83
CA LYS B 658 -6.35 0.58 -24.21
C LYS B 658 -7.41 -0.18 -25.00
N GLN B 659 -7.05 -1.37 -25.47
CA GLN B 659 -7.95 -2.20 -26.27
C GLN B 659 -8.83 -3.15 -25.44
N VAL B 660 -8.60 -3.22 -24.13
CA VAL B 660 -9.35 -4.14 -23.27
C VAL B 660 -9.78 -3.58 -21.92
N GLU B 661 -10.67 -4.32 -21.25
CA GLU B 661 -11.13 -3.98 -19.91
C GLU B 661 -10.28 -4.85 -18.97
N TYR B 662 -9.61 -4.19 -18.02
CA TYR B 662 -8.71 -4.85 -17.09
C TYR B 662 -9.08 -4.59 -15.64
N LEU B 663 -8.97 -5.63 -14.81
CA LEU B 663 -9.23 -5.55 -13.38
C LEU B 663 -7.99 -6.10 -12.69
N LEU B 664 -7.30 -5.24 -11.95
CA LEU B 664 -6.07 -5.59 -11.22
C LEU B 664 -6.38 -5.67 -9.74
N ILE B 665 -6.01 -6.79 -9.13
CA ILE B 665 -6.28 -7.03 -7.73
C ILE B 665 -5.02 -7.52 -7.01
N HIS B 666 -4.79 -7.06 -5.79
CA HIS B 666 -3.60 -7.52 -5.07
C HIS B 666 -3.74 -7.33 -3.56
N GLY B 667 -3.16 -8.23 -2.77
CA GLY B 667 -3.22 -8.08 -1.33
C GLY B 667 -2.02 -7.24 -0.91
N THR B 668 -2.22 -6.30 0.01
CA THR B 668 -1.15 -5.41 0.45
C THR B 668 -0.06 -6.08 1.27
N ALA B 669 -0.39 -7.17 1.94
CA ALA B 669 0.58 -7.89 2.76
C ALA B 669 1.09 -9.16 2.08
N ASP B 670 1.06 -9.18 0.75
CA ASP B 670 1.54 -10.33 -0.03
C ASP B 670 3.06 -10.34 0.10
N ASP B 671 3.58 -11.34 0.82
CA ASP B 671 5.02 -11.48 1.05
C ASP B 671 5.69 -12.25 -0.07
N ASN B 672 4.87 -12.91 -0.89
CA ASN B 672 5.36 -13.75 -1.99
C ASN B 672 5.56 -12.92 -3.27
N VAL B 673 4.47 -12.57 -3.94
CA VAL B 673 4.50 -11.70 -5.12
C VAL B 673 4.16 -10.34 -4.49
N HIS B 674 5.17 -9.51 -4.29
CA HIS B 674 4.94 -8.22 -3.62
C HIS B 674 3.95 -7.26 -4.27
N PHE B 675 3.18 -6.56 -3.43
CA PHE B 675 2.20 -5.59 -3.92
C PHE B 675 2.94 -4.70 -4.93
N GLN B 676 4.24 -4.56 -4.70
CA GLN B 676 5.08 -3.75 -5.55
C GLN B 676 4.83 -4.09 -7.04
N GLN B 677 4.60 -5.37 -7.33
CA GLN B 677 4.40 -5.80 -8.70
C GLN B 677 3.19 -5.18 -9.36
N SER B 678 2.06 -5.05 -8.65
CA SER B 678 0.87 -4.40 -9.20
C SER B 678 1.01 -2.88 -9.11
N ALA B 679 1.70 -2.40 -8.08
CA ALA B 679 1.92 -0.97 -7.94
C ALA B 679 2.62 -0.47 -9.18
N GLN B 680 3.53 -1.27 -9.73
CA GLN B 680 4.22 -0.85 -10.93
C GLN B 680 3.35 -0.99 -12.19
N ILE B 681 2.43 -1.95 -12.21
CA ILE B 681 1.56 -2.09 -13.37
C ILE B 681 0.64 -0.88 -13.44
N SER B 682 -0.02 -0.59 -12.32
CA SER B 682 -0.93 0.52 -12.24
C SER B 682 -0.26 1.83 -12.63
N LYS B 683 0.95 2.06 -12.14
CA LYS B 683 1.65 3.30 -12.48
C LYS B 683 1.92 3.39 -13.98
N ALA B 684 2.32 2.27 -14.59
CA ALA B 684 2.58 2.25 -16.03
C ALA B 684 1.30 2.53 -16.81
N LEU B 685 0.17 2.01 -16.34
CA LEU B 685 -1.11 2.24 -17.00
C LEU B 685 -1.54 3.70 -16.84
N VAL B 686 -1.28 4.27 -15.66
CA VAL B 686 -1.61 5.66 -15.40
C VAL B 686 -0.75 6.56 -16.29
N ASP B 687 0.52 6.18 -16.46
CA ASP B 687 1.43 6.96 -17.27
C ASP B 687 1.10 7.06 -18.76
N VAL B 688 0.37 6.09 -19.29
CA VAL B 688 0.00 6.12 -20.69
C VAL B 688 -1.46 6.45 -20.90
N GLY B 689 -2.13 6.90 -19.84
CA GLY B 689 -3.53 7.28 -19.93
C GLY B 689 -4.53 6.17 -20.16
N VAL B 690 -4.36 5.05 -19.48
CA VAL B 690 -5.27 3.93 -19.62
C VAL B 690 -6.19 3.73 -18.42
N ASP B 691 -7.49 3.62 -18.65
CA ASP B 691 -8.39 3.39 -17.54
C ASP B 691 -8.56 1.90 -17.28
N PHE B 692 -8.74 1.54 -16.01
CA PHE B 692 -8.89 0.16 -15.62
C PHE B 692 -9.48 0.10 -14.23
N GLN B 693 -9.85 -1.10 -13.81
CA GLN B 693 -10.43 -1.33 -12.49
C GLN B 693 -9.38 -1.90 -11.57
N ALA B 694 -9.42 -1.50 -10.31
CA ALA B 694 -8.44 -2.01 -9.37
C ALA B 694 -9.09 -2.28 -8.03
N MET B 695 -8.43 -3.11 -7.24
CA MET B 695 -8.86 -3.44 -5.88
C MET B 695 -7.69 -3.99 -5.09
N TRP B 696 -7.43 -3.36 -3.94
CA TRP B 696 -6.37 -3.84 -3.06
C TRP B 696 -7.09 -4.52 -1.92
N TYR B 697 -6.45 -5.50 -1.29
CA TYR B 697 -7.05 -6.16 -0.12
C TYR B 697 -6.12 -5.95 1.05
N THR B 698 -6.53 -5.07 1.95
CA THR B 698 -5.73 -4.74 3.12
C THR B 698 -5.30 -5.93 3.96
N ASP B 699 -4.00 -6.03 4.19
CA ASP B 699 -3.43 -7.09 5.02
C ASP B 699 -3.62 -8.53 4.56
N GLU B 700 -3.98 -8.73 3.29
CA GLU B 700 -4.16 -10.07 2.76
C GLU B 700 -2.86 -10.47 2.05
N ASP B 701 -2.55 -11.76 2.04
CA ASP B 701 -1.33 -12.18 1.38
C ASP B 701 -1.61 -12.77 0.00
N HIS B 702 -0.68 -13.54 -0.52
CA HIS B 702 -0.83 -14.13 -1.85
C HIS B 702 -2.08 -14.98 -2.06
N GLY B 703 -2.59 -15.58 -0.99
CA GLY B 703 -3.77 -16.41 -1.13
C GLY B 703 -5.10 -15.68 -1.00
N ILE B 704 -5.10 -14.50 -0.39
CA ILE B 704 -6.33 -13.76 -0.16
C ILE B 704 -7.37 -14.80 0.27
N ALA B 705 -6.93 -15.68 1.17
CA ALA B 705 -7.75 -16.77 1.65
C ALA B 705 -8.55 -16.45 2.89
N SER B 706 -8.45 -15.22 3.37
CA SER B 706 -9.24 -14.83 4.54
C SER B 706 -10.72 -15.02 4.16
N SER B 707 -11.49 -15.58 5.08
CA SER B 707 -12.91 -15.82 4.83
C SER B 707 -13.69 -14.64 4.22
N THR B 708 -13.54 -13.46 4.81
CA THR B 708 -14.24 -12.28 4.32
C THR B 708 -13.68 -11.79 2.98
N ALA B 709 -12.36 -11.72 2.89
CA ALA B 709 -11.74 -11.25 1.66
C ALA B 709 -12.03 -12.20 0.51
N HIS B 710 -12.01 -13.50 0.81
CA HIS B 710 -12.29 -14.54 -0.20
C HIS B 710 -13.69 -14.33 -0.80
N GLN B 711 -14.67 -14.13 0.05
CA GLN B 711 -16.02 -13.89 -0.44
C GLN B 711 -16.08 -12.57 -1.19
N HIS B 712 -15.35 -11.58 -0.68
CA HIS B 712 -15.34 -10.27 -1.32
C HIS B 712 -14.69 -10.25 -2.70
N ILE B 713 -13.57 -10.94 -2.88
CA ILE B 713 -12.91 -10.90 -4.17
C ILE B 713 -13.67 -11.65 -5.27
N TYR B 714 -14.25 -12.79 -4.95
CA TYR B 714 -14.97 -13.52 -5.96
C TYR B 714 -16.27 -12.81 -6.32
N THR B 715 -16.87 -12.13 -5.36
CA THR B 715 -18.08 -11.37 -5.61
C THR B 715 -17.72 -10.20 -6.55
N HIS B 716 -16.63 -9.52 -6.24
CA HIS B 716 -16.19 -8.39 -7.05
C HIS B 716 -15.87 -8.85 -8.46
N MET B 717 -15.18 -9.97 -8.59
CA MET B 717 -14.82 -10.47 -9.91
C MET B 717 -16.04 -10.91 -10.72
N SER B 718 -17.04 -11.48 -10.04
CA SER B 718 -18.27 -11.90 -10.68
C SER B 718 -18.97 -10.72 -11.35
N HIS B 719 -19.13 -9.62 -10.62
CA HIS B 719 -19.76 -8.42 -11.18
C HIS B 719 -19.01 -7.95 -12.41
N PHE B 720 -17.69 -7.99 -12.34
CA PHE B 720 -16.88 -7.53 -13.46
C PHE B 720 -17.07 -8.43 -14.67
N ILE B 721 -17.06 -9.74 -14.48
CA ILE B 721 -17.23 -10.69 -15.60
C ILE B 721 -18.61 -10.58 -16.24
N LYS B 722 -19.64 -10.49 -15.39
CA LYS B 722 -21.00 -10.37 -15.87
C LYS B 722 -21.18 -9.08 -16.64
N GLN B 723 -20.55 -8.01 -16.15
CA GLN B 723 -20.62 -6.71 -16.81
C GLN B 723 -19.90 -6.78 -18.16
N CYS B 724 -18.70 -7.35 -18.18
CA CYS B 724 -17.95 -7.47 -19.42
C CYS B 724 -18.72 -8.29 -20.46
N PHE B 725 -19.43 -9.32 -20.00
CA PHE B 725 -20.21 -10.16 -20.86
C PHE B 725 -21.64 -9.63 -20.93
N SER B 726 -21.88 -8.53 -20.23
CA SER B 726 -23.18 -7.88 -20.20
C SER B 726 -24.31 -8.91 -20.14
N LEU B 727 -24.30 -9.76 -19.12
CA LEU B 727 -25.32 -10.79 -18.99
C LEU B 727 -26.79 -10.32 -18.97
N PRO B 728 -27.13 -9.34 -18.10
CA PRO B 728 -26.21 -8.71 -17.16
C PRO B 728 -26.10 -9.54 -15.89
C1 NAG C . 9.57 55.75 -15.51
C2 NAG C . 11.02 55.28 -15.21
C3 NAG C . 11.83 56.36 -14.48
C4 NAG C . 11.78 57.58 -15.38
C5 NAG C . 10.33 58.05 -15.47
C6 NAG C . 10.20 59.37 -16.25
C7 NAG C . 11.19 52.89 -15.00
C8 NAG C . 11.16 51.67 -14.10
N2 NAG C . 11.01 54.07 -14.41
O3 NAG C . 13.18 55.93 -14.27
O4 NAG C . 12.65 58.64 -14.96
O5 NAG C . 9.54 57.04 -16.15
O6 NAG C . 8.90 59.53 -16.82
O7 NAG C . 11.35 52.76 -16.21
C1 NAG C . 12.84 58.92 -13.61
C2 NAG C . 13.22 60.39 -13.48
C3 NAG C . 14.38 60.70 -14.43
C4 NAG C . 15.55 59.70 -14.21
C5 NAG C . 15.08 58.22 -14.08
C6 NAG C . 16.15 57.26 -13.55
C7 NAG C . 11.19 61.54 -12.86
C8 NAG C . 9.99 62.39 -13.28
N2 NAG C . 12.06 61.21 -13.80
O3 NAG C . 14.84 62.03 -14.21
O4 NAG C . 16.46 59.81 -15.31
O5 NAG C . 13.95 58.13 -13.17
O6 NAG C . 15.61 56.32 -12.62
O7 NAG C . 11.33 61.19 -11.68
C1 NAG D . 26.95 20.45 -5.23
C2 NAG D . 28.40 20.90 -4.89
C3 NAG D . 29.04 21.56 -6.11
C4 NAG D . 28.96 20.63 -7.31
C5 NAG D . 27.49 20.22 -7.56
C6 NAG D . 27.38 19.21 -8.70
C7 NAG D . 28.13 21.44 -2.53
C8 NAG D . 28.28 22.48 -1.44
N2 NAG D . 28.45 21.83 -3.76
O3 NAG D . 30.41 21.85 -5.81
O4 NAG D . 29.50 21.30 -8.47
O5 NAG D . 26.92 19.60 -6.39
O6 NAG D . 27.98 17.97 -8.34
O7 NAG D . 27.73 20.29 -2.25
C1 NAG D . 30.56 20.72 -9.17
C2 NAG D . 31.44 19.86 -8.23
C3 NAG D . 32.53 19.11 -9.03
C4 NAG D . 31.98 18.45 -10.31
C5 NAG D . 31.02 19.39 -11.09
C6 NAG D . 30.30 18.69 -12.21
C7 NAG D . 32.90 21.68 -7.57
C8 NAG D . 33.52 22.51 -6.44
N2 NAG D . 32.07 20.70 -7.22
O3 NAG D . 33.11 18.11 -8.19
O4 NAG D . 33.08 18.10 -11.14
O5 NAG D . 30.01 19.91 -10.21
O6 NAG D . 29.00 19.25 -12.38
O7 NAG D . 33.19 21.93 -8.74
C1 NAG E . 19.42 48.04 12.90
C2 NAG E . 20.54 48.98 12.44
C3 NAG E . 21.69 49.03 13.47
C4 NAG E . 21.18 49.17 14.91
C5 NAG E . 20.08 48.15 15.18
C6 NAG E . 19.48 48.25 16.57
C7 NAG E . 20.87 49.20 10.06
C8 NAG E . 21.45 48.61 8.77
N2 NAG E . 21.07 48.51 11.17
O3 NAG E . 22.55 50.12 13.17
O4 NAG E . 22.27 48.95 15.83
O5 NAG E . 19.01 48.34 14.24
O6 NAG E . 18.92 49.54 16.80
O7 NAG E . 20.26 50.28 10.03
C1 NAG E . 22.53 49.94 16.77
C2 NAG E . 23.47 49.38 17.84
C3 NAG E . 23.92 50.48 18.82
C4 NAG E . 24.52 51.66 18.05
C5 NAG E . 23.48 52.15 17.01
C6 NAG E . 24.02 53.28 16.16
C7 NAG E . 22.91 47.06 18.17
C8 NAG E . 22.13 46.01 18.96
N2 NAG E . 22.77 48.32 18.55
O3 NAG E . 24.89 49.96 19.74
O4 NAG E . 24.85 52.71 18.95
O5 NAG E . 23.12 51.07 16.10
O6 NAG E . 25.30 52.95 15.62
O7 NAG E . 23.63 46.71 17.22
C1 NAG F . 16.40 16.63 22.06
C2 NAG F . 17.61 17.22 22.85
C3 NAG F . 18.28 16.17 23.74
C4 NAG F . 17.26 15.42 24.57
C5 NAG F . 16.16 14.86 23.64
C6 NAG F . 15.09 14.07 24.36
C7 NAG F . 18.87 19.04 21.88
C8 NAG F . 19.96 19.48 20.92
N2 NAG F . 18.62 17.73 21.93
O3 NAG F . 19.20 16.82 24.61
O4 NAG F . 17.93 14.36 25.28
O5 NAG F . 15.52 15.95 22.95
O6 NAG F . 14.21 14.94 25.07
O7 NAG F . 18.25 19.87 22.56
C1 NAG F . 17.76 13.92 26.31
C2 NAG F . 18.51 14.26 27.59
C3 NAG F . 19.24 13.02 28.12
C4 NAG F . 18.27 11.84 28.20
C5 NAG F . 17.59 11.66 26.84
C6 NAG F . 16.64 10.46 26.89
C7 NAG F . 20.63 14.97 26.65
C8 NAG F . 21.65 16.02 26.28
N2 NAG F . 19.50 15.29 27.30
O3 NAG F . 19.75 13.30 29.43
O4 NAG F . 19.00 10.65 28.50
O5 NAG F . 16.85 12.85 26.54
O6 NAG F . 16.43 9.98 25.56
O7 NAG F . 20.81 13.79 26.35
C1 NAG G . -9.89 24.61 27.39
C2 NAG G . -10.64 25.25 28.55
C3 NAG G . -10.57 24.32 29.76
C4 NAG G . -10.96 22.86 29.42
C5 NAG G . -10.32 22.38 28.08
C6 NAG G . -10.84 21.05 27.55
C7 NAG G . -10.77 27.65 28.71
C8 NAG G . -10.09 28.97 29.02
N2 NAG G . -10.05 26.54 28.87
O3 NAG G . -11.43 24.82 30.78
O4 NAG G . -10.49 22.00 30.48
O5 NAG G . -10.51 23.37 27.05
O6 NAG G . -12.19 21.15 27.10
O7 NAG G . -11.96 27.64 28.32
C1 NAG G . -11.36 21.13 31.13
C2 NAG G . -12.62 21.86 31.63
C3 NAG G . -13.49 20.84 32.37
C4 NAG G . -13.78 19.62 31.48
C5 NAG G . -12.50 19.05 30.85
C6 NAG G . -12.78 18.03 29.77
C7 NAG G . -11.41 22.77 33.54
C8 NAG G . -11.11 24.00 34.40
N2 NAG G . -12.26 22.96 32.52
O3 NAG G . -14.70 21.45 32.78
O4 NAG G . -14.41 18.61 32.25
O5 NAG G . -11.72 20.10 30.22
O6 NAG G . -11.58 17.62 29.14
O7 NAG G . -10.88 21.69 33.80
C1 NAG H . -10.40 -54.94 16.93
C2 NAG H . -9.64 -54.43 18.15
C3 NAG H . -8.67 -55.52 18.64
C4 NAG H . -9.37 -56.90 18.81
C5 NAG H . -10.29 -57.21 17.61
C6 NAG H . -11.17 -58.45 17.82
C7 NAG H . -9.45 -52.01 18.03
C8 NAG H . -8.61 -50.81 17.65
N2 NAG H . -8.91 -53.22 17.82
O3 NAG H . -8.09 -55.10 19.87
O4 NAG H . -8.39 -57.95 18.85
O5 NAG H . -11.14 -56.09 17.29
O6 NAG H . -12.02 -58.32 18.95
O7 NAG H . -10.59 -51.84 18.48
C1 NAG H . -7.45 -58.03 20.05
C2 NAG H . -8.27 -58.78 21.12
C3 NAG H . -7.34 -59.20 22.25
C4 NAG H . -6.14 -59.99 21.69
C5 NAG H . -5.50 -59.26 20.52
C6 NAG H . -4.45 -60.16 19.82
C7 NAG H . -9.92 -58.13 22.79
C8 NAG H . -10.69 -57.03 23.50
N2 NAG H . -9.28 -57.86 21.64
O3 NAG H . -8.04 -60.04 23.16
O4 NAG H . -5.19 -60.15 22.77
O5 NAG H . -6.49 -58.92 19.52
O6 NAG H . -4.96 -61.48 19.69
O7 NAG H . -9.88 -59.24 23.27
C1 NAG I . 20.71 -46.66 16.08
C2 NAG I . 20.88 -47.73 17.17
C3 NAG I . 22.22 -47.50 17.91
C4 NAG I . 23.38 -47.30 16.93
C5 NAG I . 23.03 -46.25 15.87
C6 NAG I . 24.11 -46.08 14.82
C7 NAG I . 18.95 -48.60 18.36
C8 NAG I . 17.84 -48.33 19.35
N2 NAG I . 19.79 -47.60 18.12
O3 NAG I . 22.50 -48.60 18.77
O4 NAG I . 24.56 -46.89 17.65
O5 NAG I . 21.82 -46.65 15.19
O6 NAG I . 24.51 -47.34 14.32
O7 NAG I . 19.03 -49.72 17.81
C1 NAG I . 25.77 -47.73 17.36
C2 NAG I . 26.91 -47.04 18.12
C3 NAG I . 28.13 -47.95 18.10
C4 NAG I . 27.77 -49.36 18.62
C5 NAG I . 26.52 -49.88 17.95
C6 NAG I . 26.04 -51.18 18.63
C7 NAG I . 26.65 -44.65 17.77
C8 NAG I . 26.89 -43.41 16.95
N2 NAG I . 27.25 -45.79 17.43
O3 NAG I . 29.15 -47.41 18.95
O4 NAG I . 28.89 -50.22 18.34
O5 NAG I . 25.44 -48.94 18.05
O6 NAG I . 25.11 -51.82 17.74
O7 NAG I . 25.92 -44.58 18.75
C1 NAG J . 26.96 -15.11 8.54
C2 NAG J . 27.98 -15.47 9.62
C3 NAG J . 28.73 -14.21 10.04
C4 NAG J . 29.36 -13.51 8.82
C5 NAG J . 28.34 -13.35 7.68
C6 NAG J . 28.99 -12.91 6.40
C7 NAG J . 27.52 -17.28 11.10
C8 NAG J . 26.87 -17.82 12.37
N2 NAG J . 27.34 -16.00 10.81
O3 NAG J . 29.74 -14.52 10.98
O4 NAG J . 29.81 -12.21 9.23
O5 NAG J . 27.66 -14.60 7.40
O6 NAG J . 28.12 -12.08 5.65
O7 NAG J . 28.17 -18.03 10.37
C1 NAG J . 31.24 -12.05 9.10
C2 NAG J . 31.40 -10.51 9.20
C3 NAG J . 32.89 -10.18 9.26
C4 NAG J . 33.58 -10.98 10.38
C5 NAG J . 33.21 -12.46 10.30
C6 NAG J . 33.73 -13.21 11.55
C7 NAG J . 29.76 -9.10 8.09
C8 NAG J . 28.75 -9.07 6.98
N2 NAG J . 30.82 -9.90 8.00
O3 NAG J . 33.08 -8.79 9.51
O4 NAG J . 35.00 -10.79 10.21
O5 NAG J . 31.79 -12.63 10.27
O6 NAG J . 32.88 -12.94 12.66
O7 NAG J . 29.61 -8.37 9.06
C1 NAG K . 29.02 -25.26 22.55
C2 NAG K . 29.23 -23.88 23.17
C3 NAG K . 29.12 -22.81 22.08
C4 NAG K . 30.19 -23.12 21.02
C5 NAG K . 29.96 -24.52 20.46
C6 NAG K . 30.99 -24.94 19.43
C7 NAG K . 28.57 -23.85 25.48
C8 NAG K . 27.45 -23.64 26.50
N2 NAG K . 28.24 -23.68 24.21
O3 NAG K . 29.30 -21.51 22.61
O4 NAG K . 30.12 -22.15 19.95
O5 NAG K . 30.00 -25.49 21.52
O6 NAG K . 32.29 -24.45 19.75
O7 NAG K . 29.71 -24.13 25.86
C1 NAG K . 31.26 -21.32 19.90
C2 NAG K . 31.11 -20.55 18.58
C3 NAG K . 32.27 -19.57 18.47
C4 NAG K . 32.35 -18.68 19.71
C5 NAG K . 32.30 -19.51 20.97
C6 NAG K . 32.16 -18.60 22.22
C7 NAG K . 30.12 -21.77 16.71
C8 NAG K . 30.06 -23.03 15.90
N2 NAG K . 31.19 -21.52 17.48
O3 NAG K . 32.09 -18.73 17.31
O4 NAG K . 33.60 -17.94 19.63
O5 NAG K . 31.17 -20.39 20.97
O6 NAG K . 30.78 -18.45 22.55
O7 NAG K . 29.20 -20.97 16.67
C1 NAG L . 12.85 35.68 -24.00
C2 NAG L . 12.43 36.54 -25.21
C3 NAG L . 10.99 36.20 -25.69
C4 NAG L . 10.72 34.68 -25.74
C5 NAG L . 11.22 33.99 -24.46
C6 NAG L . 11.07 32.47 -24.50
C7 NAG L . 12.67 38.90 -25.78
C8 NAG L . 12.74 40.34 -25.29
N2 NAG L . 12.51 37.95 -24.85
O3 NAG L . 10.78 36.76 -26.99
O4 NAG L . 9.32 34.44 -25.90
O5 NAG L . 12.62 34.28 -24.26
O6 NAG L . 11.52 31.90 -23.28
O7 NAG L . 12.76 38.65 -26.99
C1 NAG M . 32.24 25.55 17.38
C2 NAG M . 33.72 25.11 17.43
C3 NAG M . 33.85 23.67 16.88
C4 NAG M . 32.93 22.74 17.68
C5 NAG M . 31.49 23.27 17.59
C6 NAG M . 30.45 22.44 18.34
C7 NAG M . 35.06 27.12 17.26
C8 NAG M . 35.90 28.05 16.40
N2 NAG M . 34.55 26.03 16.67
O3 NAG M . 35.22 23.22 16.97
O4 NAG M . 32.99 21.41 17.19
O5 NAG M . 31.42 24.62 18.13
O6 NAG M . 31.00 21.82 19.49
O7 NAG M . 34.87 27.40 18.45
C1 NAG N . -31.48 24.09 16.46
C2 NAG N . -31.80 22.88 17.35
C3 NAG N . -30.57 21.96 17.51
C4 NAG N . -30.03 21.58 16.12
C5 NAG N . -29.72 22.88 15.34
C6 NAG N . -29.19 22.64 13.93
C7 NAG N . -31.49 24.01 19.47
C8 NAG N . -32.07 24.42 20.81
N2 NAG N . -32.28 23.30 18.66
O3 NAG N . -30.93 20.80 18.24
O4 NAG N . -28.90 20.74 16.22
O5 NAG N . -30.91 23.68 15.21
O6 NAG N . -29.16 23.87 13.19
O7 NAG N . -30.33 24.32 19.17
C1 315 O . -4.48 21.56 6.20
C2 315 O . -4.59 20.17 6.95
C3 315 O . -4.96 18.97 5.99
N4 315 O . -5.91 18.10 6.42
O5 315 O . -4.37 18.84 4.91
N6 315 O . -3.58 19.97 7.49
C8 315 O . -3.72 22.65 7.01
C11 315 O . -6.95 18.34 7.43
C12 315 O . -7.90 17.18 7.33
C13 315 O . -7.12 16.08 6.66
C14 315 O . -5.96 16.73 5.90
F21 315 O . -8.96 17.53 6.51
C23 315 O . -2.76 23.56 6.15
C26 315 O . -3.44 24.89 5.98
C27 315 O . -3.06 24.02 4.80
C33 315 O . -5.95 22.16 5.87
N35 315 O . -6.41 22.49 4.70
C36 315 O . -7.65 22.93 5.04
N37 315 O . -7.85 22.84 6.38
O38 315 O . -6.74 22.33 6.93
C39 315 O . -8.73 23.42 4.12
C40 315 O . -8.77 22.82 2.82
C41 315 O . -9.77 23.19 1.90
C42 315 O . -10.76 24.15 2.24
C43 315 O . -10.73 24.77 3.52
C44 315 O . -9.73 24.41 4.44
F48 315 O . -9.80 25.03 5.63
S49 315 O . -12.04 24.57 1.10
O50 315 O . -13.25 24.73 1.85
O51 315 O . -12.06 23.53 0.07
C52 315 O . -11.51 26.13 0.39
C1 NAG P . -17.32 -36.01 21.34
C2 NAG P . -18.58 -36.74 21.82
C3 NAG P . -19.68 -36.55 20.77
C4 NAG P . -19.94 -35.04 20.57
C5 NAG P . -18.63 -34.33 20.20
C6 NAG P . -18.79 -32.81 20.17
C7 NAG P . -17.76 -38.58 23.18
C8 NAG P . -17.51 -40.09 23.32
N2 NAG P . -18.32 -38.16 22.03
O3 NAG P . -20.87 -37.20 21.17
O4 NAG P . -20.91 -34.84 19.56
O5 NAG P . -17.59 -34.60 21.19
O6 NAG P . -18.31 -32.20 21.36
O7 NAG P . -17.45 -37.82 24.11
C1 NAG Q . 3.64 -19.60 28.07
C2 NAG Q . 4.34 -19.93 29.42
C3 NAG Q . 3.35 -19.97 30.61
C4 NAG Q . 2.55 -18.67 30.63
C5 NAG Q . 1.83 -18.55 29.27
C6 NAG Q . 0.90 -17.35 29.19
C7 NAG Q . 6.37 -21.21 29.16
C8 NAG Q . 7.06 -22.57 29.07
N2 NAG Q . 5.05 -21.21 29.31
O3 NAG Q . 4.05 -20.13 31.84
O4 NAG Q . 1.62 -18.67 31.70
O5 NAG Q . 2.81 -18.42 28.21
O6 NAG Q . 1.37 -16.28 30.02
O7 NAG Q . 7.04 -20.17 29.06
C1 NAG R . 23.98 -24.49 -17.52
C2 NAG R . 24.92 -25.06 -18.57
C3 NAG R . 25.89 -23.98 -19.09
C4 NAG R . 25.09 -22.76 -19.57
C5 NAG R . 24.10 -22.29 -18.47
C6 NAG R . 23.18 -21.20 -19.02
C7 NAG R . 25.32 -27.42 -18.27
C8 NAG R . 26.11 -28.51 -17.57
N2 NAG R . 25.65 -26.17 -17.97
O3 NAG R . 26.67 -24.50 -20.19
O4 NAG R . 25.95 -21.71 -19.95
O5 NAG R . 23.25 -23.37 -18.05
O6 NAG R . 22.68 -21.56 -20.31
O7 NAG R . 24.44 -27.71 -19.10
C1 315 S . 5.36 -21.62 -5.86
C2 315 S . 6.08 -20.28 -6.24
C3 315 S . 5.02 -19.11 -6.37
N4 315 S . 5.12 -18.25 -7.44
O5 315 S . 4.16 -19.00 -5.48
N6 315 S . 6.88 -20.05 -5.42
C8 315 S . 6.34 -22.69 -5.28
C11 315 S . 5.83 -18.47 -8.69
C12 315 S . 5.25 -17.47 -9.66
C13 315 S . 4.83 -16.33 -8.79
C14 315 S . 4.46 -16.94 -7.43
F21 315 S . 4.10 -17.99 -10.24
C23 315 S . 5.76 -24.14 -5.25
C26 315 S . 5.00 -24.27 -3.95
C27 315 S . 6.21 -25.11 -4.30
C33 315 S . 4.58 -22.28 -7.13
N35 315 S . 3.33 -22.66 -7.16
C36 315 S . 3.26 -23.11 -8.43
N37 315 S . 4.46 -22.98 -9.07
O38 315 S . 5.33 -22.42 -8.23
C39 315 S . 2.06 -23.67 -9.11
C40 315 S . 0.80 -23.11 -8.75
C41 315 S . -0.39 -23.54 -9.35
C42 315 S . -0.36 -24.56 -10.36
C43 315 S . 0.86 -25.14 -10.74
C44 315 S . 2.06 -24.72 -10.12
F48 315 S . 3.16 -25.33 -10.57
S49 315 S . -1.86 -25.07 -11.15
O50 315 S . -1.55 -25.34 -12.52
O51 315 S . -2.85 -24.03 -10.89
C52 315 S . -2.31 -26.58 -10.27
#